data_3DI5
# 
_entry.id   3DI5 
# 
_audit_conform.dict_name       mmcif_pdbx.dic 
_audit_conform.dict_version    5.398 
_audit_conform.dict_location   http://mmcif.pdb.org/dictionaries/ascii/mmcif_pdbx.dic 
# 
loop_
_database_2.database_id 
_database_2.database_code 
_database_2.pdbx_database_accession 
_database_2.pdbx_DOI 
PDB   3DI5         pdb_00003di5 10.2210/pdb3di5/pdb 
RCSB  RCSB048066   ?            ?                   
WWPDB D_1000048066 ?            ?                   
# 
loop_
_pdbx_audit_revision_history.ordinal 
_pdbx_audit_revision_history.data_content_type 
_pdbx_audit_revision_history.major_revision 
_pdbx_audit_revision_history.minor_revision 
_pdbx_audit_revision_history.revision_date 
1 'Structure model' 1 0 2008-08-19 
2 'Structure model' 1 1 2011-07-13 
3 'Structure model' 1 2 2017-10-25 
4 'Structure model' 1 3 2019-07-24 
5 'Structure model' 1 4 2023-02-01 
6 'Structure model' 1 5 2024-11-13 
# 
_pdbx_audit_revision_details.ordinal             1 
_pdbx_audit_revision_details.revision_ordinal    1 
_pdbx_audit_revision_details.data_content_type   'Structure model' 
_pdbx_audit_revision_details.provider            repository 
_pdbx_audit_revision_details.type                'Initial release' 
_pdbx_audit_revision_details.description         ? 
_pdbx_audit_revision_details.details             ? 
# 
loop_
_pdbx_audit_revision_group.ordinal 
_pdbx_audit_revision_group.revision_ordinal 
_pdbx_audit_revision_group.data_content_type 
_pdbx_audit_revision_group.group 
1  2 'Structure model' Advisory                     
2  2 'Structure model' 'Version format compliance'  
3  3 'Structure model' 'Author supporting evidence' 
4  3 'Structure model' 'Refinement description'     
5  4 'Structure model' 'Data collection'            
6  4 'Structure model' 'Derived calculations'       
7  4 'Structure model' 'Refinement description'     
8  5 'Structure model' 'Database references'        
9  5 'Structure model' 'Derived calculations'       
10 6 'Structure model' 'Data collection'            
11 6 'Structure model' 'Structure summary'          
# 
loop_
_pdbx_audit_revision_category.ordinal 
_pdbx_audit_revision_category.revision_ordinal 
_pdbx_audit_revision_category.data_content_type 
_pdbx_audit_revision_category.category 
1  3 'Structure model' pdbx_struct_assembly_auth_evidence 
2  3 'Structure model' software                           
3  4 'Structure model' software                           
4  4 'Structure model' struct_conn                        
5  5 'Structure model' database_2                         
6  5 'Structure model' struct_ref_seq_dif                 
7  5 'Structure model' struct_site                        
8  6 'Structure model' chem_comp_atom                     
9  6 'Structure model' chem_comp_bond                     
10 6 'Structure model' pdbx_entry_details                 
11 6 'Structure model' pdbx_modification_feature          
# 
loop_
_pdbx_audit_revision_item.ordinal 
_pdbx_audit_revision_item.revision_ordinal 
_pdbx_audit_revision_item.data_content_type 
_pdbx_audit_revision_item.item 
1  3 'Structure model' '_software.classification'                     
2  3 'Structure model' '_software.name'                               
3  4 'Structure model' '_software.classification'                     
4  4 'Structure model' '_software.contact_author'                     
5  4 'Structure model' '_software.contact_author_email'               
6  4 'Structure model' '_software.language'                           
7  4 'Structure model' '_software.location'                           
8  4 'Structure model' '_software.name'                               
9  4 'Structure model' '_software.type'                               
10 4 'Structure model' '_software.version'                            
11 4 'Structure model' '_struct_conn.pdbx_leaving_atom_flag'          
12 5 'Structure model' '_database_2.pdbx_DOI'                         
13 5 'Structure model' '_database_2.pdbx_database_accession'          
14 5 'Structure model' '_struct_ref_seq_dif.details'                  
15 5 'Structure model' '_struct_site.pdbx_auth_asym_id'               
16 5 'Structure model' '_struct_site.pdbx_auth_comp_id'               
17 5 'Structure model' '_struct_site.pdbx_auth_seq_id'                
18 6 'Structure model' '_pdbx_entry_details.has_protein_modification' 
# 
_pdbx_database_status.SG_entry                        Y 
_pdbx_database_status.entry_id                        3DI5 
_pdbx_database_status.deposit_site                    RCSB 
_pdbx_database_status.process_site                    RCSB 
_pdbx_database_status.recvd_initial_deposition_date   2008-06-19 
_pdbx_database_status.status_code                     REL 
_pdbx_database_status.status_code_sf                  REL 
_pdbx_database_status.status_code_mr                  ? 
_pdbx_database_status.status_code_cs                  ? 
_pdbx_database_status.pdb_format_compatible           Y 
_pdbx_database_status.methods_development_category    ? 
_pdbx_database_status.status_code_nmr_data            ? 
# 
_pdbx_database_related.db_name        TargetDB 
_pdbx_database_related.db_id          374604 
_pdbx_database_related.details        . 
_pdbx_database_related.content_type   unspecified 
# 
_audit_author.name           'Joint Center for Structural Genomics (JCSG)' 
_audit_author.pdbx_ordinal   1 
# 
_citation.id                        primary 
_citation.title                     
'Crystal structure of a DinB-like Protein (NP_980948.1) from BACILLUS CEREUS ATCC 10987 at 2.01 A resolution' 
_citation.journal_abbrev            'To be published' 
_citation.journal_volume            ? 
_citation.page_first                ? 
_citation.page_last                 ? 
_citation.year                      ? 
_citation.journal_id_ASTM           ? 
_citation.country                   ? 
_citation.journal_id_ISSN           ? 
_citation.journal_id_CSD            0353 
_citation.book_publisher            ? 
_citation.pdbx_database_id_PubMed   ? 
_citation.pdbx_database_id_DOI      ? 
# 
_citation_author.citation_id        primary 
_citation_author.name               'Joint Center for Structural Genomics (JCSG)' 
_citation_author.ordinal            1 
_citation_author.identifier_ORCID   ? 
# 
loop_
_entity.id 
_entity.type 
_entity.src_method 
_entity.pdbx_description 
_entity.formula_weight 
_entity.pdbx_number_of_molecules 
_entity.pdbx_ec 
_entity.pdbx_mutation 
_entity.pdbx_fragment 
_entity.details 
1 polymer     man 'DinB-like Protein' 19157.441 1  ? ? ? ? 
2 non-polymer syn 'NICKEL (II) ION'   58.693    1  ? ? ? ? 
3 water       nat water               18.015    55 ? ? ? ? 
# 
_entity_poly.entity_id                      1 
_entity_poly.type                           'polypeptide(L)' 
_entity_poly.nstd_linkage                   no 
_entity_poly.nstd_monomer                   yes 
_entity_poly.pdbx_seq_one_letter_code       
;G(MSE)YQTIEGFLQSWTYETESTQK(MSE)LDVLTDESLSQEIAPGHWTLGRVAWHIVTAIPVILSGTGLKFEGETKDY
PVPTSAKTIADGYRKVNTAFVEALQSEWTDKDLTTINDFFGRP(MSE)PNSIFL(MSE)TLINHQNHHRGQ(MSE)TVL
(MSE)RQAGLTVPGVYGPAKEEWATAG(MSE)EAPK(MSE)
;
_entity_poly.pdbx_seq_one_letter_code_can   
;GMYQTIEGFLQSWTYETESTQKMLDVLTDESLSQEIAPGHWTLGRVAWHIVTAIPVILSGTGLKFEGETKDYPVPTSAKT
IADGYRKVNTAFVEALQSEWTDKDLTTINDFFGRPMPNSIFLMTLINHQNHHRGQMTVLMRQAGLTVPGVYGPAKEEWAT
AGMEAPKM
;
_entity_poly.pdbx_strand_id                 A 
_entity_poly.pdbx_target_identifier         374604 
# 
loop_
_pdbx_entity_nonpoly.entity_id 
_pdbx_entity_nonpoly.name 
_pdbx_entity_nonpoly.comp_id 
2 'NICKEL (II) ION' NI  
3 water             HOH 
# 
loop_
_entity_poly_seq.entity_id 
_entity_poly_seq.num 
_entity_poly_seq.mon_id 
_entity_poly_seq.hetero 
1 1   GLY n 
1 2   MSE n 
1 3   TYR n 
1 4   GLN n 
1 5   THR n 
1 6   ILE n 
1 7   GLU n 
1 8   GLY n 
1 9   PHE n 
1 10  LEU n 
1 11  GLN n 
1 12  SER n 
1 13  TRP n 
1 14  THR n 
1 15  TYR n 
1 16  GLU n 
1 17  THR n 
1 18  GLU n 
1 19  SER n 
1 20  THR n 
1 21  GLN n 
1 22  LYS n 
1 23  MSE n 
1 24  LEU n 
1 25  ASP n 
1 26  VAL n 
1 27  LEU n 
1 28  THR n 
1 29  ASP n 
1 30  GLU n 
1 31  SER n 
1 32  LEU n 
1 33  SER n 
1 34  GLN n 
1 35  GLU n 
1 36  ILE n 
1 37  ALA n 
1 38  PRO n 
1 39  GLY n 
1 40  HIS n 
1 41  TRP n 
1 42  THR n 
1 43  LEU n 
1 44  GLY n 
1 45  ARG n 
1 46  VAL n 
1 47  ALA n 
1 48  TRP n 
1 49  HIS n 
1 50  ILE n 
1 51  VAL n 
1 52  THR n 
1 53  ALA n 
1 54  ILE n 
1 55  PRO n 
1 56  VAL n 
1 57  ILE n 
1 58  LEU n 
1 59  SER n 
1 60  GLY n 
1 61  THR n 
1 62  GLY n 
1 63  LEU n 
1 64  LYS n 
1 65  PHE n 
1 66  GLU n 
1 67  GLY n 
1 68  GLU n 
1 69  THR n 
1 70  LYS n 
1 71  ASP n 
1 72  TYR n 
1 73  PRO n 
1 74  VAL n 
1 75  PRO n 
1 76  THR n 
1 77  SER n 
1 78  ALA n 
1 79  LYS n 
1 80  THR n 
1 81  ILE n 
1 82  ALA n 
1 83  ASP n 
1 84  GLY n 
1 85  TYR n 
1 86  ARG n 
1 87  LYS n 
1 88  VAL n 
1 89  ASN n 
1 90  THR n 
1 91  ALA n 
1 92  PHE n 
1 93  VAL n 
1 94  GLU n 
1 95  ALA n 
1 96  LEU n 
1 97  GLN n 
1 98  SER n 
1 99  GLU n 
1 100 TRP n 
1 101 THR n 
1 102 ASP n 
1 103 LYS n 
1 104 ASP n 
1 105 LEU n 
1 106 THR n 
1 107 THR n 
1 108 ILE n 
1 109 ASN n 
1 110 ASP n 
1 111 PHE n 
1 112 PHE n 
1 113 GLY n 
1 114 ARG n 
1 115 PRO n 
1 116 MSE n 
1 117 PRO n 
1 118 ASN n 
1 119 SER n 
1 120 ILE n 
1 121 PHE n 
1 122 LEU n 
1 123 MSE n 
1 124 THR n 
1 125 LEU n 
1 126 ILE n 
1 127 ASN n 
1 128 HIS n 
1 129 GLN n 
1 130 ASN n 
1 131 HIS n 
1 132 HIS n 
1 133 ARG n 
1 134 GLY n 
1 135 GLN n 
1 136 MSE n 
1 137 THR n 
1 138 VAL n 
1 139 LEU n 
1 140 MSE n 
1 141 ARG n 
1 142 GLN n 
1 143 ALA n 
1 144 GLY n 
1 145 LEU n 
1 146 THR n 
1 147 VAL n 
1 148 PRO n 
1 149 GLY n 
1 150 VAL n 
1 151 TYR n 
1 152 GLY n 
1 153 PRO n 
1 154 ALA n 
1 155 LYS n 
1 156 GLU n 
1 157 GLU n 
1 158 TRP n 
1 159 ALA n 
1 160 THR n 
1 161 ALA n 
1 162 GLY n 
1 163 MSE n 
1 164 GLU n 
1 165 ALA n 
1 166 PRO n 
1 167 LYS n 
1 168 MSE n 
# 
_entity_src_gen.entity_id                          1 
_entity_src_gen.pdbx_src_id                        1 
_entity_src_gen.pdbx_alt_source_flag               sample 
_entity_src_gen.pdbx_seq_type                      ? 
_entity_src_gen.pdbx_beg_seq_num                   ? 
_entity_src_gen.pdbx_end_seq_num                   ? 
_entity_src_gen.gene_src_common_name               ? 
_entity_src_gen.gene_src_genus                     ? 
_entity_src_gen.pdbx_gene_src_gene                 'NP_980948.1, BCE_4655' 
_entity_src_gen.gene_src_species                   ? 
_entity_src_gen.gene_src_strain                    ? 
_entity_src_gen.gene_src_tissue                    ? 
_entity_src_gen.gene_src_tissue_fraction           ? 
_entity_src_gen.gene_src_details                   ? 
_entity_src_gen.pdbx_gene_src_fragment             ? 
_entity_src_gen.pdbx_gene_src_scientific_name      'Bacillus cereus ATCC 10987' 
_entity_src_gen.pdbx_gene_src_ncbi_taxonomy_id     222523 
_entity_src_gen.pdbx_gene_src_variant              ? 
_entity_src_gen.pdbx_gene_src_cell_line            ? 
_entity_src_gen.pdbx_gene_src_atcc                 10987 
_entity_src_gen.pdbx_gene_src_organ                ? 
_entity_src_gen.pdbx_gene_src_organelle            ? 
_entity_src_gen.pdbx_gene_src_cell                 ? 
_entity_src_gen.pdbx_gene_src_cellular_location    ? 
_entity_src_gen.host_org_common_name               ? 
_entity_src_gen.pdbx_host_org_scientific_name      'Escherichia Coli' 
_entity_src_gen.pdbx_host_org_ncbi_taxonomy_id     ? 
_entity_src_gen.host_org_genus                     ? 
_entity_src_gen.pdbx_host_org_gene                 ? 
_entity_src_gen.pdbx_host_org_organ                ? 
_entity_src_gen.host_org_species                   ? 
_entity_src_gen.pdbx_host_org_tissue               ? 
_entity_src_gen.pdbx_host_org_tissue_fraction      ? 
_entity_src_gen.pdbx_host_org_strain               HK100 
_entity_src_gen.pdbx_host_org_variant              ? 
_entity_src_gen.pdbx_host_org_cell_line            ? 
_entity_src_gen.pdbx_host_org_atcc                 ? 
_entity_src_gen.pdbx_host_org_culture_collection   ? 
_entity_src_gen.pdbx_host_org_cell                 ? 
_entity_src_gen.pdbx_host_org_organelle            ? 
_entity_src_gen.pdbx_host_org_cellular_location    ? 
_entity_src_gen.pdbx_host_org_vector_type          Plasmid 
_entity_src_gen.pdbx_host_org_vector               ? 
_entity_src_gen.host_org_details                   ? 
_entity_src_gen.expression_system_id               ? 
_entity_src_gen.plasmid_name                       SpeedET 
_entity_src_gen.plasmid_details                    ? 
_entity_src_gen.pdbx_description                   ? 
# 
loop_
_chem_comp.id 
_chem_comp.type 
_chem_comp.mon_nstd_flag 
_chem_comp.name 
_chem_comp.pdbx_synonyms 
_chem_comp.formula 
_chem_comp.formula_weight 
ALA 'L-peptide linking' y ALANINE           ? 'C3 H7 N O2'     89.093  
ARG 'L-peptide linking' y ARGININE          ? 'C6 H15 N4 O2 1' 175.209 
ASN 'L-peptide linking' y ASPARAGINE        ? 'C4 H8 N2 O3'    132.118 
ASP 'L-peptide linking' y 'ASPARTIC ACID'   ? 'C4 H7 N O4'     133.103 
GLN 'L-peptide linking' y GLUTAMINE         ? 'C5 H10 N2 O3'   146.144 
GLU 'L-peptide linking' y 'GLUTAMIC ACID'   ? 'C5 H9 N O4'     147.129 
GLY 'peptide linking'   y GLYCINE           ? 'C2 H5 N O2'     75.067  
HIS 'L-peptide linking' y HISTIDINE         ? 'C6 H10 N3 O2 1' 156.162 
HOH non-polymer         . WATER             ? 'H2 O'           18.015  
ILE 'L-peptide linking' y ISOLEUCINE        ? 'C6 H13 N O2'    131.173 
LEU 'L-peptide linking' y LEUCINE           ? 'C6 H13 N O2'    131.173 
LYS 'L-peptide linking' y LYSINE            ? 'C6 H15 N2 O2 1' 147.195 
MSE 'L-peptide linking' n SELENOMETHIONINE  ? 'C5 H11 N O2 Se' 196.106 
NI  non-polymer         . 'NICKEL (II) ION' ? 'Ni 2'           58.693  
PHE 'L-peptide linking' y PHENYLALANINE     ? 'C9 H11 N O2'    165.189 
PRO 'L-peptide linking' y PROLINE           ? 'C5 H9 N O2'     115.130 
SER 'L-peptide linking' y SERINE            ? 'C3 H7 N O3'     105.093 
THR 'L-peptide linking' y THREONINE         ? 'C4 H9 N O3'     119.119 
TRP 'L-peptide linking' y TRYPTOPHAN        ? 'C11 H12 N2 O2'  204.225 
TYR 'L-peptide linking' y TYROSINE          ? 'C9 H11 N O3'    181.189 
VAL 'L-peptide linking' y VALINE            ? 'C5 H11 N O2'    117.146 
# 
loop_
_pdbx_poly_seq_scheme.asym_id 
_pdbx_poly_seq_scheme.entity_id 
_pdbx_poly_seq_scheme.seq_id 
_pdbx_poly_seq_scheme.mon_id 
_pdbx_poly_seq_scheme.ndb_seq_num 
_pdbx_poly_seq_scheme.pdb_seq_num 
_pdbx_poly_seq_scheme.auth_seq_num 
_pdbx_poly_seq_scheme.pdb_mon_id 
_pdbx_poly_seq_scheme.auth_mon_id 
_pdbx_poly_seq_scheme.pdb_strand_id 
_pdbx_poly_seq_scheme.pdb_ins_code 
_pdbx_poly_seq_scheme.hetero 
A 1 1   GLY 1   0   ?   ?   ?   A . n 
A 1 2   MSE 2   1   1   MSE MSE A . n 
A 1 3   TYR 3   2   2   TYR TYR A . n 
A 1 4   GLN 4   3   3   GLN GLN A . n 
A 1 5   THR 5   4   4   THR THR A . n 
A 1 6   ILE 6   5   5   ILE ILE A . n 
A 1 7   GLU 7   6   6   GLU GLU A . n 
A 1 8   GLY 8   7   7   GLY GLY A . n 
A 1 9   PHE 9   8   8   PHE PHE A . n 
A 1 10  LEU 10  9   9   LEU LEU A . n 
A 1 11  GLN 11  10  10  GLN GLN A . n 
A 1 12  SER 12  11  11  SER SER A . n 
A 1 13  TRP 13  12  12  TRP TRP A . n 
A 1 14  THR 14  13  13  THR THR A . n 
A 1 15  TYR 15  14  14  TYR TYR A . n 
A 1 16  GLU 16  15  15  GLU GLU A . n 
A 1 17  THR 17  16  16  THR THR A . n 
A 1 18  GLU 18  17  17  GLU GLU A . n 
A 1 19  SER 19  18  18  SER SER A . n 
A 1 20  THR 20  19  19  THR THR A . n 
A 1 21  GLN 21  20  20  GLN GLN A . n 
A 1 22  LYS 22  21  21  LYS LYS A . n 
A 1 23  MSE 23  22  22  MSE MSE A . n 
A 1 24  LEU 24  23  23  LEU LEU A . n 
A 1 25  ASP 25  24  24  ASP ASP A . n 
A 1 26  VAL 26  25  25  VAL VAL A . n 
A 1 27  LEU 27  26  26  LEU LEU A . n 
A 1 28  THR 28  27  27  THR THR A . n 
A 1 29  ASP 29  28  28  ASP ASP A . n 
A 1 30  GLU 30  29  29  GLU GLU A . n 
A 1 31  SER 31  30  30  SER SER A . n 
A 1 32  LEU 32  31  31  LEU LEU A . n 
A 1 33  SER 33  32  32  SER SER A . n 
A 1 34  GLN 34  33  33  GLN GLN A . n 
A 1 35  GLU 35  34  34  GLU GLU A . n 
A 1 36  ILE 36  35  35  ILE ILE A . n 
A 1 37  ALA 37  36  36  ALA ALA A . n 
A 1 38  PRO 38  37  37  PRO PRO A . n 
A 1 39  GLY 39  38  38  GLY GLY A . n 
A 1 40  HIS 40  39  39  HIS HIS A . n 
A 1 41  TRP 41  40  40  TRP TRP A . n 
A 1 42  THR 42  41  41  THR THR A . n 
A 1 43  LEU 43  42  42  LEU LEU A . n 
A 1 44  GLY 44  43  43  GLY GLY A . n 
A 1 45  ARG 45  44  44  ARG ARG A . n 
A 1 46  VAL 46  45  45  VAL VAL A . n 
A 1 47  ALA 47  46  46  ALA ALA A . n 
A 1 48  TRP 48  47  47  TRP TRP A . n 
A 1 49  HIS 49  48  48  HIS HIS A . n 
A 1 50  ILE 50  49  49  ILE ILE A . n 
A 1 51  VAL 51  50  50  VAL VAL A . n 
A 1 52  THR 52  51  51  THR THR A . n 
A 1 53  ALA 53  52  52  ALA ALA A . n 
A 1 54  ILE 54  53  53  ILE ILE A . n 
A 1 55  PRO 55  54  54  PRO PRO A . n 
A 1 56  VAL 56  55  55  VAL VAL A . n 
A 1 57  ILE 57  56  56  ILE ILE A . n 
A 1 58  LEU 58  57  57  LEU LEU A . n 
A 1 59  SER 59  58  58  SER SER A . n 
A 1 60  GLY 60  59  59  GLY GLY A . n 
A 1 61  THR 61  60  60  THR THR A . n 
A 1 62  GLY 62  61  61  GLY GLY A . n 
A 1 63  LEU 63  62  62  LEU LEU A . n 
A 1 64  LYS 64  63  63  LYS LYS A . n 
A 1 65  PHE 65  64  64  PHE PHE A . n 
A 1 66  GLU 66  65  65  GLU GLU A . n 
A 1 67  GLY 67  66  66  GLY GLY A . n 
A 1 68  GLU 68  67  67  GLU GLU A . n 
A 1 69  THR 69  68  68  THR THR A . n 
A 1 70  LYS 70  69  69  LYS LYS A . n 
A 1 71  ASP 71  70  70  ASP ASP A . n 
A 1 72  TYR 72  71  71  TYR TYR A . n 
A 1 73  PRO 73  72  72  PRO PRO A . n 
A 1 74  VAL 74  73  73  VAL VAL A . n 
A 1 75  PRO 75  74  74  PRO PRO A . n 
A 1 76  THR 76  75  75  THR THR A . n 
A 1 77  SER 77  76  76  SER SER A . n 
A 1 78  ALA 78  77  77  ALA ALA A . n 
A 1 79  LYS 79  78  78  LYS LYS A . n 
A 1 80  THR 80  79  79  THR THR A . n 
A 1 81  ILE 81  80  80  ILE ILE A . n 
A 1 82  ALA 82  81  81  ALA ALA A . n 
A 1 83  ASP 83  82  82  ASP ASP A . n 
A 1 84  GLY 84  83  83  GLY GLY A . n 
A 1 85  TYR 85  84  84  TYR TYR A . n 
A 1 86  ARG 86  85  85  ARG ARG A . n 
A 1 87  LYS 87  86  86  LYS LYS A . n 
A 1 88  VAL 88  87  87  VAL VAL A . n 
A 1 89  ASN 89  88  88  ASN ASN A . n 
A 1 90  THR 90  89  89  THR THR A . n 
A 1 91  ALA 91  90  90  ALA ALA A . n 
A 1 92  PHE 92  91  91  PHE PHE A . n 
A 1 93  VAL 93  92  92  VAL VAL A . n 
A 1 94  GLU 94  93  93  GLU GLU A . n 
A 1 95  ALA 95  94  94  ALA ALA A . n 
A 1 96  LEU 96  95  95  LEU LEU A . n 
A 1 97  GLN 97  96  96  GLN GLN A . n 
A 1 98  SER 98  97  97  SER SER A . n 
A 1 99  GLU 99  98  98  GLU GLU A . n 
A 1 100 TRP 100 99  99  TRP TRP A . n 
A 1 101 THR 101 100 100 THR THR A . n 
A 1 102 ASP 102 101 101 ASP ASP A . n 
A 1 103 LYS 103 102 102 LYS LYS A . n 
A 1 104 ASP 104 103 103 ASP ASP A . n 
A 1 105 LEU 105 104 104 LEU LEU A . n 
A 1 106 THR 106 105 105 THR THR A . n 
A 1 107 THR 107 106 106 THR THR A . n 
A 1 108 ILE 108 107 107 ILE ILE A . n 
A 1 109 ASN 109 108 108 ASN ASN A . n 
A 1 110 ASP 110 109 109 ASP ASP A . n 
A 1 111 PHE 111 110 110 PHE PHE A . n 
A 1 112 PHE 112 111 111 PHE PHE A . n 
A 1 113 GLY 113 112 112 GLY GLY A . n 
A 1 114 ARG 114 113 113 ARG ARG A . n 
A 1 115 PRO 115 114 114 PRO PRO A . n 
A 1 116 MSE 116 115 115 MSE MSE A . n 
A 1 117 PRO 117 116 116 PRO PRO A . n 
A 1 118 ASN 118 117 117 ASN ASN A . n 
A 1 119 SER 119 118 118 SER SER A . n 
A 1 120 ILE 120 119 119 ILE ILE A . n 
A 1 121 PHE 121 120 120 PHE PHE A . n 
A 1 122 LEU 122 121 121 LEU LEU A . n 
A 1 123 MSE 123 122 122 MSE MSE A . n 
A 1 124 THR 124 123 123 THR THR A . n 
A 1 125 LEU 125 124 124 LEU LEU A . n 
A 1 126 ILE 126 125 125 ILE ILE A . n 
A 1 127 ASN 127 126 126 ASN ASN A . n 
A 1 128 HIS 128 127 127 HIS HIS A . n 
A 1 129 GLN 129 128 128 GLN GLN A . n 
A 1 130 ASN 130 129 129 ASN ASN A . n 
A 1 131 HIS 131 130 130 HIS HIS A . n 
A 1 132 HIS 132 131 131 HIS HIS A . n 
A 1 133 ARG 133 132 132 ARG ARG A . n 
A 1 134 GLY 134 133 133 GLY GLY A . n 
A 1 135 GLN 135 134 134 GLN GLN A . n 
A 1 136 MSE 136 135 135 MSE MSE A . n 
A 1 137 THR 137 136 136 THR THR A . n 
A 1 138 VAL 138 137 137 VAL VAL A . n 
A 1 139 LEU 139 138 138 LEU LEU A . n 
A 1 140 MSE 140 139 139 MSE MSE A . n 
A 1 141 ARG 141 140 140 ARG ARG A . n 
A 1 142 GLN 142 141 141 GLN GLN A . n 
A 1 143 ALA 143 142 142 ALA ALA A . n 
A 1 144 GLY 144 143 143 GLY GLY A . n 
A 1 145 LEU 145 144 144 LEU LEU A . n 
A 1 146 THR 146 145 145 THR THR A . n 
A 1 147 VAL 147 146 146 VAL VAL A . n 
A 1 148 PRO 148 147 147 PRO PRO A . n 
A 1 149 GLY 149 148 148 GLY GLY A . n 
A 1 150 VAL 150 149 149 VAL VAL A . n 
A 1 151 TYR 151 150 150 TYR TYR A . n 
A 1 152 GLY 152 151 ?   ?   ?   A . n 
A 1 153 PRO 153 152 ?   ?   ?   A . n 
A 1 154 ALA 154 153 ?   ?   ?   A . n 
A 1 155 LYS 155 154 ?   ?   ?   A . n 
A 1 156 GLU 156 155 ?   ?   ?   A . n 
A 1 157 GLU 157 156 ?   ?   ?   A . n 
A 1 158 TRP 158 157 ?   ?   ?   A . n 
A 1 159 ALA 159 158 ?   ?   ?   A . n 
A 1 160 THR 160 159 ?   ?   ?   A . n 
A 1 161 ALA 161 160 ?   ?   ?   A . n 
A 1 162 GLY 162 161 ?   ?   ?   A . n 
A 1 163 MSE 163 162 ?   ?   ?   A . n 
A 1 164 GLU 164 163 ?   ?   ?   A . n 
A 1 165 ALA 165 164 ?   ?   ?   A . n 
A 1 166 PRO 166 165 ?   ?   ?   A . n 
A 1 167 LYS 167 166 ?   ?   ?   A . n 
A 1 168 MSE 168 167 ?   ?   ?   A . n 
# 
loop_
_pdbx_nonpoly_scheme.asym_id 
_pdbx_nonpoly_scheme.entity_id 
_pdbx_nonpoly_scheme.mon_id 
_pdbx_nonpoly_scheme.ndb_seq_num 
_pdbx_nonpoly_scheme.pdb_seq_num 
_pdbx_nonpoly_scheme.auth_seq_num 
_pdbx_nonpoly_scheme.pdb_mon_id 
_pdbx_nonpoly_scheme.auth_mon_id 
_pdbx_nonpoly_scheme.pdb_strand_id 
_pdbx_nonpoly_scheme.pdb_ins_code 
B 2 NI  1  168 1  NI  NI  A . 
C 3 HOH 1  169 2  HOH HOH A . 
C 3 HOH 2  170 3  HOH HOH A . 
C 3 HOH 3  171 4  HOH HOH A . 
C 3 HOH 4  172 5  HOH HOH A . 
C 3 HOH 5  173 6  HOH HOH A . 
C 3 HOH 6  174 7  HOH HOH A . 
C 3 HOH 7  175 8  HOH HOH A . 
C 3 HOH 8  176 9  HOH HOH A . 
C 3 HOH 9  177 10 HOH HOH A . 
C 3 HOH 10 178 11 HOH HOH A . 
C 3 HOH 11 179 12 HOH HOH A . 
C 3 HOH 12 180 13 HOH HOH A . 
C 3 HOH 13 181 14 HOH HOH A . 
C 3 HOH 14 182 15 HOH HOH A . 
C 3 HOH 15 183 16 HOH HOH A . 
C 3 HOH 16 184 17 HOH HOH A . 
C 3 HOH 17 185 18 HOH HOH A . 
C 3 HOH 18 186 19 HOH HOH A . 
C 3 HOH 19 187 20 HOH HOH A . 
C 3 HOH 20 188 21 HOH HOH A . 
C 3 HOH 21 189 22 HOH HOH A . 
C 3 HOH 22 190 23 HOH HOH A . 
C 3 HOH 23 191 24 HOH HOH A . 
C 3 HOH 24 192 25 HOH HOH A . 
C 3 HOH 25 193 26 HOH HOH A . 
C 3 HOH 26 194 27 HOH HOH A . 
C 3 HOH 27 195 28 HOH HOH A . 
C 3 HOH 28 196 29 HOH HOH A . 
C 3 HOH 29 197 30 HOH HOH A . 
C 3 HOH 30 198 31 HOH HOH A . 
C 3 HOH 31 199 32 HOH HOH A . 
C 3 HOH 32 200 33 HOH HOH A . 
C 3 HOH 33 201 34 HOH HOH A . 
C 3 HOH 34 202 35 HOH HOH A . 
C 3 HOH 35 203 36 HOH HOH A . 
C 3 HOH 36 204 37 HOH HOH A . 
C 3 HOH 37 205 38 HOH HOH A . 
C 3 HOH 38 206 39 HOH HOH A . 
C 3 HOH 39 207 40 HOH HOH A . 
C 3 HOH 40 208 41 HOH HOH A . 
C 3 HOH 41 209 42 HOH HOH A . 
C 3 HOH 42 210 43 HOH HOH A . 
C 3 HOH 43 211 44 HOH HOH A . 
C 3 HOH 44 212 45 HOH HOH A . 
C 3 HOH 45 213 46 HOH HOH A . 
C 3 HOH 46 214 47 HOH HOH A . 
C 3 HOH 47 215 48 HOH HOH A . 
C 3 HOH 48 216 49 HOH HOH A . 
C 3 HOH 49 217 50 HOH HOH A . 
C 3 HOH 50 218 51 HOH HOH A . 
C 3 HOH 51 219 52 HOH HOH A . 
C 3 HOH 52 220 53 HOH HOH A . 
C 3 HOH 53 221 54 HOH HOH A . 
C 3 HOH 54 222 55 HOH HOH A . 
C 3 HOH 55 223 56 HOH HOH A . 
# 
loop_
_pdbx_unobs_or_zero_occ_atoms.id 
_pdbx_unobs_or_zero_occ_atoms.PDB_model_num 
_pdbx_unobs_or_zero_occ_atoms.polymer_flag 
_pdbx_unobs_or_zero_occ_atoms.occupancy_flag 
_pdbx_unobs_or_zero_occ_atoms.auth_asym_id 
_pdbx_unobs_or_zero_occ_atoms.auth_comp_id 
_pdbx_unobs_or_zero_occ_atoms.auth_seq_id 
_pdbx_unobs_or_zero_occ_atoms.PDB_ins_code 
_pdbx_unobs_or_zero_occ_atoms.auth_atom_id 
_pdbx_unobs_or_zero_occ_atoms.label_alt_id 
_pdbx_unobs_or_zero_occ_atoms.label_asym_id 
_pdbx_unobs_or_zero_occ_atoms.label_comp_id 
_pdbx_unobs_or_zero_occ_atoms.label_seq_id 
_pdbx_unobs_or_zero_occ_atoms.label_atom_id 
1  1 Y 1 A MSE 1   ? CG  ? A MSE 2   CG  
2  1 Y 1 A MSE 1   ? SE  ? A MSE 2   SE  
3  1 Y 1 A MSE 1   ? CE  ? A MSE 2   CE  
4  1 Y 1 A GLN 3   ? CG  ? A GLN 4   CG  
5  1 Y 1 A GLN 3   ? CD  ? A GLN 4   CD  
6  1 Y 1 A GLN 3   ? OE1 ? A GLN 4   OE1 
7  1 Y 1 A GLN 3   ? NE2 ? A GLN 4   NE2 
8  1 Y 1 A GLN 10  ? CG  ? A GLN 11  CG  
9  1 Y 1 A GLN 10  ? CD  ? A GLN 11  CD  
10 1 Y 1 A GLN 10  ? OE1 ? A GLN 11  OE1 
11 1 Y 1 A GLN 10  ? NE2 ? A GLN 11  NE2 
12 1 Y 1 A SER 11  ? OG  ? A SER 12  OG  
13 1 Y 1 A GLU 17  ? OE1 ? A GLU 18  OE1 
14 1 Y 1 A GLU 17  ? OE2 ? A GLU 18  OE2 
15 1 Y 1 A GLU 29  ? CD  ? A GLU 30  CD  
16 1 Y 1 A GLU 29  ? OE1 ? A GLU 30  OE1 
17 1 Y 1 A GLU 29  ? OE2 ? A GLU 30  OE2 
18 1 Y 1 A GLU 34  ? CG  ? A GLU 35  CG  
19 1 Y 1 A GLU 34  ? CD  ? A GLU 35  CD  
20 1 Y 1 A GLU 34  ? OE1 ? A GLU 35  OE1 
21 1 Y 1 A GLU 34  ? OE2 ? A GLU 35  OE2 
22 1 Y 1 A LYS 63  ? CD  ? A LYS 64  CD  
23 1 Y 1 A LYS 63  ? CE  ? A LYS 64  CE  
24 1 Y 1 A LYS 63  ? NZ  ? A LYS 64  NZ  
25 1 Y 1 A GLU 65  ? CD  ? A GLU 66  CD  
26 1 Y 1 A GLU 65  ? OE1 ? A GLU 66  OE1 
27 1 Y 1 A GLU 65  ? OE2 ? A GLU 66  OE2 
28 1 Y 1 A LYS 69  ? CG  ? A LYS 70  CG  
29 1 Y 1 A LYS 69  ? CD  ? A LYS 70  CD  
30 1 Y 1 A LYS 69  ? CE  ? A LYS 70  CE  
31 1 Y 1 A LYS 69  ? NZ  ? A LYS 70  NZ  
32 1 Y 1 A LYS 86  ? CE  ? A LYS 87  CE  
33 1 Y 1 A LYS 86  ? NZ  ? A LYS 87  NZ  
34 1 Y 1 A GLU 98  ? OE1 ? A GLU 99  OE1 
35 1 Y 1 A GLU 98  ? OE2 ? A GLU 99  OE2 
36 1 Y 1 A ARG 113 ? NE  ? A ARG 114 NE  
37 1 Y 1 A ARG 113 ? CZ  ? A ARG 114 CZ  
38 1 Y 1 A ARG 113 ? NH1 ? A ARG 114 NH1 
39 1 Y 1 A ARG 113 ? NH2 ? A ARG 114 NH2 
40 1 Y 1 A ARG 140 ? NE  ? A ARG 141 NE  
41 1 Y 1 A ARG 140 ? CZ  ? A ARG 141 CZ  
42 1 Y 1 A ARG 140 ? NH1 ? A ARG 141 NH1 
43 1 Y 1 A ARG 140 ? NH2 ? A ARG 141 NH2 
44 1 Y 1 A THR 145 ? OG1 ? A THR 146 OG1 
45 1 Y 1 A THR 145 ? CG2 ? A THR 146 CG2 
# 
loop_
_software.name 
_software.version 
_software.date 
_software.type 
_software.contact_author 
_software.contact_author_email 
_software.classification 
_software.location 
_software.language 
_software.citation_id 
_software.pdbx_ordinal 
REFMAC      5.2.0019 ?                    program 'Murshudov, G.N.'            ccp4@dl.ac.uk                        refinement 
http://www.ccp4.ac.uk/main.html                                    Fortran_77 ? 1 
PHENIX      .        ?                    package 'P.D. Adams'                 PDAdams@lbl.gov                      refinement 
http://www.phenix-online.org/                                      C++        ? 2 
SHELX       .        ?                    package 'George Sheldrick'           gsheldr@shelx.uni-ac.gwdg.de         phasing 
http://shelx.uni-ac.gwdg.de/SHELX/                                 Fortran_77 ? 3 
MolProbity  3beta29  ?                    package 'D.C. & J.S. Richardson lab' molprobity@kinemage.biochem.duke.edu 
'model building'  http://kinemage.biochem.duke.edu/molprobity/                       ?          ? 4 
XSCALE      .        ?                    package 'Wolfgang Kabsch'            ?                                    'data scaling' 
http://www.mpimf-heidelberg.mpg.de/~kabsch/xds/xscale_program.html ?          ? 5 
PDB_EXTRACT 3.004    'September 10, 2007' package PDB                          sw-help@rcsb.rutgers.edu             
'data extraction' http://pdb.rutgers.edu/software/                                   C++        ? 6 
XDS         .        ?                    ?       ?                            ?                                    
'data reduction'  ?                                                                  ?          ? 7 
SHELXD      .        ?                    ?       ?                            ?                                    phasing ? ? ? 
8 
autoSHARP   .        ?                    ?       ?                            ?                                    phasing ? ? ? 
9 
# 
_cell.entry_id           3DI5 
_cell.length_a           78.120 
_cell.length_b           84.190 
_cell.length_c           50.320 
_cell.angle_alpha        90.000 
_cell.angle_beta         90.000 
_cell.angle_gamma        90.000 
_cell.pdbx_unique_axis   ? 
_cell.Z_PDB              8 
_cell.length_a_esd       ? 
_cell.length_b_esd       ? 
_cell.length_c_esd       ? 
_cell.angle_alpha_esd    ? 
_cell.angle_beta_esd     ? 
_cell.angle_gamma_esd    ? 
# 
_symmetry.entry_id                         3DI5 
_symmetry.Int_Tables_number                20 
_symmetry.space_group_name_H-M             'C 2 2 21' 
_symmetry.pdbx_full_space_group_name_H-M   ? 
_symmetry.cell_setting                     ? 
_symmetry.space_group_name_Hall            ? 
# 
_exptl.crystals_number   1 
_exptl.method            'X-RAY DIFFRACTION' 
_exptl.entry_id          3DI5 
# 
_exptl_crystal.id                    1 
_exptl_crystal.density_Matthews      2.16 
_exptl_crystal.density_meas          ? 
_exptl_crystal.density_percent_sol   43.04 
_exptl_crystal.description           ? 
_exptl_crystal.F_000                 ? 
_exptl_crystal.preparation           ? 
# 
_exptl_crystal_grow.crystal_id      1 
_exptl_crystal_grow.method          'VAPOR DIFFUSION, SITTING DROP' 
_exptl_crystal_grow.pH              8.57 
_exptl_crystal_grow.temp            293 
_exptl_crystal_grow.pdbx_details    
;0.2M magnesium chloride, 30.5% polyethylene glycol 4000, 0.1M TRIS pH 8.57, NANODROP, VAPOR DIFFUSION, SITTING DROP, temperature 293K
;
_exptl_crystal_grow.temp_details    ? 
_exptl_crystal_grow.pdbx_pH_range   . 
# 
_diffrn.id                     1 
_diffrn.ambient_temp           100 
_diffrn.ambient_temp_details   ? 
_diffrn.crystal_id             1 
# 
_diffrn_detector.diffrn_id              1 
_diffrn_detector.detector               CCD 
_diffrn_detector.type                   'MARMOSAIC 325 mm CCD' 
_diffrn_detector.details                'Flat mirror (vertical focusing)' 
_diffrn_detector.pdbx_collection_date   2008-04-10 
# 
_diffrn_radiation.diffrn_id                        1 
_diffrn_radiation.pdbx_monochromatic_or_laue_m_l   M 
_diffrn_radiation.monochromator                    'Single crystal Si(111) bent monochromator (horizontal focusing)' 
_diffrn_radiation.pdbx_diffrn_protocol             MAD 
_diffrn_radiation.wavelength_id                    1 
_diffrn_radiation.pdbx_scattering_type             x-ray 
# 
loop_
_diffrn_radiation_wavelength.id 
_diffrn_radiation_wavelength.wavelength 
_diffrn_radiation_wavelength.wt 
1 0.91837 1.0 
2 0.97916 1.0 
3 0.97860 1.0 
# 
_diffrn_source.diffrn_id                   1 
_diffrn_source.source                      SYNCHROTRON 
_diffrn_source.pdbx_synchrotron_beamline   BL11-1 
_diffrn_source.type                        'SSRL BEAMLINE BL11-1' 
_diffrn_source.pdbx_wavelength_list        0.91837,0.97916,0.97860 
_diffrn_source.pdbx_wavelength             ? 
_diffrn_source.pdbx_synchrotron_site       SSRL 
# 
_reflns.entry_id                     3DI5 
_reflns.d_resolution_high            2.009 
_reflns.d_resolution_low             28.630 
_reflns.number_obs                   11180 
_reflns.pdbx_Rmerge_I_obs            0.034 
_reflns.pdbx_netI_over_sigmaI        13.570 
_reflns.percent_possible_obs         95.600 
_reflns.B_iso_Wilson_estimate        35.693 
_reflns.observed_criterion_sigma_I   -3.00 
_reflns.observed_criterion_sigma_F   ? 
_reflns.number_all                   ? 
_reflns.pdbx_Rsym_value              ? 
_reflns.pdbx_redundancy              3.93 
_reflns.R_free_details               ? 
_reflns.limit_h_max                  ? 
_reflns.limit_h_min                  ? 
_reflns.limit_k_max                  ? 
_reflns.limit_k_min                  ? 
_reflns.limit_l_max                  ? 
_reflns.limit_l_min                  ? 
_reflns.observed_criterion_F_max     ? 
_reflns.observed_criterion_F_min     ? 
_reflns.pdbx_chi_squared             ? 
_reflns.pdbx_scaling_rejects         ? 
_reflns.pdbx_ordinal                 1 
_reflns.pdbx_diffrn_id               1 
# 
loop_
_reflns_shell.d_res_high 
_reflns_shell.d_res_low 
_reflns_shell.number_measured_obs 
_reflns_shell.number_measured_all 
_reflns_shell.number_unique_obs 
_reflns_shell.Rmerge_I_obs 
_reflns_shell.meanI_over_sigI_obs 
_reflns_shell.pdbx_Rsym_value 
_reflns_shell.pdbx_chi_squared 
_reflns_shell.pdbx_redundancy 
_reflns_shell.percent_possible_obs 
_reflns_shell.number_unique_all 
_reflns_shell.percent_possible_all 
_reflns_shell.pdbx_ordinal 
_reflns_shell.pdbx_diffrn_id 
2.00 2.07  3354 ? 1627 0.413 2.63 ? ? ? ? ? 77.60 1  1 
2.07 2.15  4326 ? 2043 0.265 3.9  ? ? ? ? ? 97.30 2  1 
2.15 2.25  4593 ? 2166 0.197 4.8  ? ? ? ? ? 98.30 3  1 
2.25 2.37  4564 ? 2147 0.135 6.7  ? ? ? ? ? 96.70 4  1 
2.37 2.52  4557 ? 2134 0.100 8.8  ? ? ? ? ? 98.00 5  1 
2.52 2.71  4459 ? 2091 0.074 11.0 ? ? ? ? ? 98.50 6  1 
2.71 2.99  4672 ? 2174 0.048 14.9 ? ? ? ? ? 98.00 7  1 
2.99 3.42  4539 ? 2118 0.031 20.6 ? ? ? ? ? 98.80 8  1 
3.42 4.30  4465 ? 2089 0.022 28.0 ? ? ? ? ? 97.00 9  1 
4.30 28.63 4455 ? 2093 0.021 32.1 ? ? ? ? ? 95.70 10 1 
# 
_refine.entry_id                                 3DI5 
_refine.ls_d_res_high                            2.009 
_refine.ls_d_res_low                             28.630 
_refine.pdbx_ls_sigma_F                          0.00 
_refine.ls_percent_reflns_obs                    97.980 
_refine.ls_number_reflns_obs                     11168 
_refine.pdbx_ls_cross_valid_method               THROUGHOUT 
_refine.pdbx_R_Free_selection_details            RANDOM 
_refine.details                                  
;1.HYDROGENS HAVE BEEN ADDED IN THE RIDING POSITIONS.  
 2.ATOM RECORD CONTAINS RESIDUAL B FACTORS ONLY.  
 3.A MET-INHIBITION PROTOCOL WAS USED FOR SELENOMETHIONINE  
 INCORPORATION DURING PROTEIN EXPRESSION. THE OCCUPANCY  
 OF THE SE ATOMS IN THE MSE RESIDUES WAS REDUCED TO 0.75  
 TO ACCOUNT FOR THE REDUCED SCATTERING POWER DUE TO PARTIAL  
 S-MET INCORPORATION.  
 3.X-RAY FLUORESCENCE EXCITATION AND WAVELENGTH SCANS, ANOMALOUS  
 DIFFERENCE FOURIERS AND COORDINATION GEOMETRY SUPPORT THE  
 MODELING OF NI ION IN THE PUTATIVE ACTIVE SITE  
 4.THE DATA IS ANISOTROPIC ALONG THE B-DIRECTION.
;
_refine.ls_R_factor_obs                          0.231 
_refine.ls_R_factor_R_work                       0.229 
_refine.ls_R_factor_R_free                       0.266 
_refine.ls_percent_reflns_R_free                 4.800 
_refine.ls_number_reflns_R_free                  534 
_refine.B_iso_mean                               33.148 
_refine.aniso_B[1][1]                            -4.400 
_refine.aniso_B[2][2]                            5.290 
_refine.aniso_B[3][3]                            -0.880 
_refine.aniso_B[1][2]                            0.000 
_refine.aniso_B[1][3]                            0.000 
_refine.aniso_B[2][3]                            0.000 
_refine.correlation_coeff_Fo_to_Fc               0.948 
_refine.correlation_coeff_Fo_to_Fc_free          0.935 
_refine.pdbx_overall_ESU_R                       0.215 
_refine.pdbx_overall_ESU_R_Free                  0.185 
_refine.overall_SU_ML                            0.173 
_refine.overall_SU_B                             12.715 
_refine.solvent_model_details                    MASK 
_refine.pdbx_solvent_vdw_probe_radii             1.200 
_refine.pdbx_solvent_ion_probe_radii             0.800 
_refine.pdbx_solvent_shrinkage_radii             0.800 
_refine.pdbx_method_to_determine_struct          MAD 
_refine.pdbx_stereochemistry_target_values       'MAXIMUM LIKELIHOOD WITH PHASES' 
_refine.pdbx_ls_sigma_I                          ? 
_refine.ls_number_reflns_all                     ? 
_refine.ls_R_factor_all                          ? 
_refine.ls_redundancy_reflns_obs                 ? 
_refine.pdbx_data_cutoff_high_absF               ? 
_refine.pdbx_data_cutoff_low_absF                ? 
_refine.ls_number_parameters                     ? 
_refine.ls_number_restraints                     ? 
_refine.ls_R_factor_R_free_error                 ? 
_refine.ls_R_factor_R_free_error_details         ? 
_refine.pdbx_starting_model                      ? 
_refine.pdbx_stereochem_target_val_spec_case     ? 
_refine.solvent_model_param_bsol                 ? 
_refine.solvent_model_param_ksol                 ? 
_refine.occupancy_max                            ? 
_refine.occupancy_min                            ? 
_refine.pdbx_isotropic_thermal_model             ? 
_refine.B_iso_min                                ? 
_refine.B_iso_max                                ? 
_refine.overall_SU_R_Cruickshank_DPI             ? 
_refine.overall_SU_R_free                        ? 
_refine.pdbx_data_cutoff_high_rms_absF           ? 
_refine.ls_wR_factor_R_free                      ? 
_refine.ls_wR_factor_R_work                      ? 
_refine.overall_FOM_free_R_set                   ? 
_refine.overall_FOM_work_R_set                   ? 
_refine.pdbx_overall_phase_error                 ? 
_refine.pdbx_refine_id                           'X-RAY DIFFRACTION' 
_refine.pdbx_TLS_residual_ADP_flag               'LIKELY RESIDUAL' 
_refine.pdbx_diffrn_id                           1 
_refine.pdbx_overall_SU_R_free_Cruickshank_DPI   ? 
_refine.pdbx_overall_SU_R_Blow_DPI               ? 
_refine.pdbx_overall_SU_R_free_Blow_DPI          ? 
# 
_refine_hist.pdbx_refine_id                   'X-RAY DIFFRACTION' 
_refine_hist.cycle_id                         LAST 
_refine_hist.pdbx_number_atoms_protein        1146 
_refine_hist.pdbx_number_atoms_nucleic_acid   0 
_refine_hist.pdbx_number_atoms_ligand         1 
_refine_hist.number_atoms_solvent             55 
_refine_hist.number_atoms_total               1202 
_refine_hist.d_res_high                       2.009 
_refine_hist.d_res_low                        28.630 
# 
loop_
_refine_ls_restr.type 
_refine_ls_restr.number 
_refine_ls_restr.dev_ideal 
_refine_ls_restr.dev_ideal_target 
_refine_ls_restr.weight 
_refine_ls_restr.pdbx_refine_id 
_refine_ls_restr.pdbx_restraint_function 
r_bond_refined_d         1189 0.014  0.022  ? 'X-RAY DIFFRACTION' ? 
r_bond_other_d           753  0.001  0.020  ? 'X-RAY DIFFRACTION' ? 
r_angle_refined_deg      1627 1.273  1.936  ? 'X-RAY DIFFRACTION' ? 
r_angle_other_deg        1850 0.924  3.000  ? 'X-RAY DIFFRACTION' ? 
r_dihedral_angle_1_deg   151  5.035  5.000  ? 'X-RAY DIFFRACTION' ? 
r_dihedral_angle_2_deg   46   36.434 24.348 ? 'X-RAY DIFFRACTION' ? 
r_dihedral_angle_3_deg   184  13.892 15.000 ? 'X-RAY DIFFRACTION' ? 
r_dihedral_angle_4_deg   3    23.366 15.000 ? 'X-RAY DIFFRACTION' ? 
r_chiral_restr           189  0.076  0.200  ? 'X-RAY DIFFRACTION' ? 
r_gen_planes_refined     1324 0.004  0.020  ? 'X-RAY DIFFRACTION' ? 
r_gen_planes_other       235  0.001  0.020  ? 'X-RAY DIFFRACTION' ? 
r_nbd_refined            280  0.221  0.200  ? 'X-RAY DIFFRACTION' ? 
r_nbd_other              718  0.170  0.200  ? 'X-RAY DIFFRACTION' ? 
r_nbtor_refined          608  0.181  0.200  ? 'X-RAY DIFFRACTION' ? 
r_nbtor_other            554  0.088  0.200  ? 'X-RAY DIFFRACTION' ? 
r_xyhbond_nbd_refined    42   0.150  0.200  ? 'X-RAY DIFFRACTION' ? 
r_symmetry_vdw_refined   7    0.147  0.200  ? 'X-RAY DIFFRACTION' ? 
r_symmetry_vdw_other     17   0.121  0.200  ? 'X-RAY DIFFRACTION' ? 
r_symmetry_hbond_refined 6    0.076  0.200  ? 'X-RAY DIFFRACTION' ? 
r_mcbond_it              778  0.764  1.500  ? 'X-RAY DIFFRACTION' ? 
r_mcbond_other           305  0.154  1.500  ? 'X-RAY DIFFRACTION' ? 
r_mcangle_it             1219 1.147  2.000  ? 'X-RAY DIFFRACTION' ? 
r_scbond_it              489  1.641  3.000  ? 'X-RAY DIFFRACTION' ? 
r_scangle_it             408  2.259  4.500  ? 'X-RAY DIFFRACTION' ? 
# 
_refine_ls_shell.d_res_high                       2.009 
_refine_ls_shell.d_res_low                        2.061 
_refine_ls_shell.pdbx_total_number_of_bins_used   20 
_refine_ls_shell.percent_reflns_obs               87.560 
_refine_ls_shell.number_reflns_R_work             699 
_refine_ls_shell.R_factor_all                     ? 
_refine_ls_shell.R_factor_R_work                  0.316 
_refine_ls_shell.R_factor_R_free                  0.356 
_refine_ls_shell.percent_reflns_R_free            ? 
_refine_ls_shell.number_reflns_R_free             33 
_refine_ls_shell.R_factor_R_free_error            ? 
_refine_ls_shell.number_reflns_all                732 
_refine_ls_shell.number_reflns_obs                ? 
_refine_ls_shell.redundancy_reflns_obs            ? 
_refine_ls_shell.pdbx_refine_id                   'X-RAY DIFFRACTION' 
# 
_struct.entry_id                  3DI5 
_struct.title                     
'Crystal structure of a dinb-like protein (bce_4655) from bacillus cereus atcc 10987 at 2.01 A resolution' 
_struct.pdbx_model_details        ? 
_struct.pdbx_CASP_flag            Y 
_struct.pdbx_model_type_details   ? 
# 
_struct_keywords.text            
'Structural genomics, Joint Center for Structural Genomics, JCSG, Protein Structure Initiative, PSI-2, metal binding protein' 
_struct_keywords.pdbx_keywords   'METAL BINDING PROTEIN' 
_struct_keywords.entry_id        3DI5 
# 
loop_
_struct_asym.id 
_struct_asym.pdbx_blank_PDB_chainid_flag 
_struct_asym.pdbx_modified 
_struct_asym.entity_id 
_struct_asym.details 
A N N 1 ? 
B N N 2 ? 
C N N 3 ? 
# 
_struct_ref.id                         1 
_struct_ref.db_name                    UNP 
_struct_ref.db_code                    Q72ZL3_BACC1 
_struct_ref.pdbx_db_accession          Q72ZL3 
_struct_ref.entity_id                  1 
_struct_ref.pdbx_seq_one_letter_code   
;MYQTIEGFLQSWTYETESTQKMLDVLTDESLSQEIAPGHWTLGRVAWHIVTAIPVILSGTGLKFEGETKDYPVPTSAKTI
ADGYRKVNTAFVEALQSEWTDKDLTTINDFFGRPMPNSIFLMTLINHQNHHRGQMTVLMRQAGLTVPGVYGPAKEEWATA
GMEAPKM
;
_struct_ref.pdbx_align_begin           1 
_struct_ref.pdbx_db_isoform            ? 
# 
_struct_ref_seq.align_id                      1 
_struct_ref_seq.ref_id                        1 
_struct_ref_seq.pdbx_PDB_id_code              3DI5 
_struct_ref_seq.pdbx_strand_id                A 
_struct_ref_seq.seq_align_beg                 2 
_struct_ref_seq.pdbx_seq_align_beg_ins_code   ? 
_struct_ref_seq.seq_align_end                 168 
_struct_ref_seq.pdbx_seq_align_end_ins_code   ? 
_struct_ref_seq.pdbx_db_accession             Q72ZL3 
_struct_ref_seq.db_align_beg                  1 
_struct_ref_seq.pdbx_db_align_beg_ins_code    ? 
_struct_ref_seq.db_align_end                  167 
_struct_ref_seq.pdbx_db_align_end_ins_code    ? 
_struct_ref_seq.pdbx_auth_seq_align_beg       1 
_struct_ref_seq.pdbx_auth_seq_align_end       167 
# 
_struct_ref_seq_dif.align_id                     1 
_struct_ref_seq_dif.pdbx_pdb_id_code             3DI5 
_struct_ref_seq_dif.mon_id                       GLY 
_struct_ref_seq_dif.pdbx_pdb_strand_id           A 
_struct_ref_seq_dif.seq_num                      1 
_struct_ref_seq_dif.pdbx_pdb_ins_code            ? 
_struct_ref_seq_dif.pdbx_seq_db_name             UNP 
_struct_ref_seq_dif.pdbx_seq_db_accession_code   Q72ZL3 
_struct_ref_seq_dif.db_mon_id                    ? 
_struct_ref_seq_dif.pdbx_seq_db_seq_num          ? 
_struct_ref_seq_dif.details                      'expression tag' 
_struct_ref_seq_dif.pdbx_auth_seq_num            0 
_struct_ref_seq_dif.pdbx_ordinal                 1 
# 
_pdbx_struct_assembly.id                   1 
_pdbx_struct_assembly.details              author_and_software_defined_assembly 
_pdbx_struct_assembly.method_details       PISA 
_pdbx_struct_assembly.oligomeric_details   monomeric 
_pdbx_struct_assembly.oligomeric_count     1 
# 
_pdbx_struct_assembly_gen.assembly_id       1 
_pdbx_struct_assembly_gen.oper_expression   1 
_pdbx_struct_assembly_gen.asym_id_list      A,B,C 
# 
_pdbx_struct_assembly_auth_evidence.id                     1 
_pdbx_struct_assembly_auth_evidence.assembly_id            1 
_pdbx_struct_assembly_auth_evidence.experimental_support   'gel filtration' 
_pdbx_struct_assembly_auth_evidence.details                ? 
# 
_pdbx_struct_oper_list.id                   1 
_pdbx_struct_oper_list.type                 'identity operation' 
_pdbx_struct_oper_list.name                 1_555 
_pdbx_struct_oper_list.symmetry_operation   x,y,z 
_pdbx_struct_oper_list.matrix[1][1]         1.0000000000 
_pdbx_struct_oper_list.matrix[1][2]         0.0000000000 
_pdbx_struct_oper_list.matrix[1][3]         0.0000000000 
_pdbx_struct_oper_list.vector[1]            0.0000000000 
_pdbx_struct_oper_list.matrix[2][1]         0.0000000000 
_pdbx_struct_oper_list.matrix[2][2]         1.0000000000 
_pdbx_struct_oper_list.matrix[2][3]         0.0000000000 
_pdbx_struct_oper_list.vector[2]            0.0000000000 
_pdbx_struct_oper_list.matrix[3][1]         0.0000000000 
_pdbx_struct_oper_list.matrix[3][2]         0.0000000000 
_pdbx_struct_oper_list.matrix[3][3]         1.0000000000 
_pdbx_struct_oper_list.vector[3]            0.0000000000 
# 
_struct_biol.id        1 
_struct_biol.details   
;AUTHORS STATE THAT THE RESULTS FROM SIZE EXCLUSION CHROMATOGRAPHY SUPPORTS THE ASSIGNMENT OF A MONOMER AS A SIGNIFICANT OLIGOMERIZATION   
STATE.
;
# 
loop_
_struct_conf.conf_type_id 
_struct_conf.id 
_struct_conf.pdbx_PDB_helix_id 
_struct_conf.beg_label_comp_id 
_struct_conf.beg_label_asym_id 
_struct_conf.beg_label_seq_id 
_struct_conf.pdbx_beg_PDB_ins_code 
_struct_conf.end_label_comp_id 
_struct_conf.end_label_asym_id 
_struct_conf.end_label_seq_id 
_struct_conf.pdbx_end_PDB_ins_code 
_struct_conf.beg_auth_comp_id 
_struct_conf.beg_auth_asym_id 
_struct_conf.beg_auth_seq_id 
_struct_conf.end_auth_comp_id 
_struct_conf.end_auth_asym_id 
_struct_conf.end_auth_seq_id 
_struct_conf.pdbx_PDB_helix_class 
_struct_conf.details 
_struct_conf.pdbx_PDB_helix_length 
HELX_P HELX_P1 1 THR A 5   ? LEU A 27  ? THR A 4   LEU A 26  1 ? 23 
HELX_P HELX_P2 2 GLU A 30  ? GLN A 34  ? GLU A 29  GLN A 33  5 ? 5  
HELX_P HELX_P3 3 THR A 42  ? SER A 59  ? THR A 41  SER A 58  1 ? 18 
HELX_P HELX_P4 4 GLY A 60  ? GLY A 62  ? GLY A 59  GLY A 61  5 ? 3  
HELX_P HELX_P5 5 SER A 77  ? TRP A 100 ? SER A 76  TRP A 99  1 ? 24 
HELX_P HELX_P6 6 THR A 101 ? THR A 106 ? THR A 100 THR A 105 5 ? 6  
HELX_P HELX_P7 7 ASN A 118 ? ALA A 143 ? ASN A 117 ALA A 142 1 ? 26 
# 
_struct_conf_type.id          HELX_P 
_struct_conf_type.criteria    ? 
_struct_conf_type.reference   ? 
# 
loop_
_struct_conn.id 
_struct_conn.conn_type_id 
_struct_conn.pdbx_leaving_atom_flag 
_struct_conn.pdbx_PDB_id 
_struct_conn.ptnr1_label_asym_id 
_struct_conn.ptnr1_label_comp_id 
_struct_conn.ptnr1_label_seq_id 
_struct_conn.ptnr1_label_atom_id 
_struct_conn.pdbx_ptnr1_label_alt_id 
_struct_conn.pdbx_ptnr1_PDB_ins_code 
_struct_conn.pdbx_ptnr1_standard_comp_id 
_struct_conn.ptnr1_symmetry 
_struct_conn.ptnr2_label_asym_id 
_struct_conn.ptnr2_label_comp_id 
_struct_conn.ptnr2_label_seq_id 
_struct_conn.ptnr2_label_atom_id 
_struct_conn.pdbx_ptnr2_label_alt_id 
_struct_conn.pdbx_ptnr2_PDB_ins_code 
_struct_conn.ptnr1_auth_asym_id 
_struct_conn.ptnr1_auth_comp_id 
_struct_conn.ptnr1_auth_seq_id 
_struct_conn.ptnr2_auth_asym_id 
_struct_conn.ptnr2_auth_comp_id 
_struct_conn.ptnr2_auth_seq_id 
_struct_conn.ptnr2_symmetry 
_struct_conn.pdbx_ptnr3_label_atom_id 
_struct_conn.pdbx_ptnr3_label_seq_id 
_struct_conn.pdbx_ptnr3_label_comp_id 
_struct_conn.pdbx_ptnr3_label_asym_id 
_struct_conn.pdbx_ptnr3_label_alt_id 
_struct_conn.pdbx_ptnr3_PDB_ins_code 
_struct_conn.details 
_struct_conn.pdbx_dist_value 
_struct_conn.pdbx_value_order 
_struct_conn.pdbx_role 
covale1  covale both ? A MSE 2   C   ? ? ? 1_555 A TYR 3   N  ? ? A MSE 1   A TYR 2   1_555 ? ? ? ? ? ? ? 1.338 ? ? 
covale2  covale both ? A LYS 22  C   ? ? ? 1_555 A MSE 23  N  ? ? A LYS 21  A MSE 22  1_555 ? ? ? ? ? ? ? 1.333 ? ? 
covale3  covale both ? A MSE 23  C   ? ? ? 1_555 A LEU 24  N  ? ? A MSE 22  A LEU 23  1_555 ? ? ? ? ? ? ? 1.320 ? ? 
covale4  covale both ? A PRO 115 C   ? ? ? 1_555 A MSE 116 N  A ? A PRO 114 A MSE 115 1_555 ? ? ? ? ? ? ? 1.328 ? ? 
covale5  covale both ? A PRO 115 C   ? ? ? 1_555 A MSE 116 N  B ? A PRO 114 A MSE 115 1_555 ? ? ? ? ? ? ? 1.329 ? ? 
covale6  covale both ? A MSE 116 C   A ? ? 1_555 A PRO 117 N  ? ? A MSE 115 A PRO 116 1_555 ? ? ? ? ? ? ? 1.344 ? ? 
covale7  covale both ? A MSE 116 C   B ? ? 1_555 A PRO 117 N  ? ? A MSE 115 A PRO 116 1_555 ? ? ? ? ? ? ? 1.344 ? ? 
covale8  covale both ? A LEU 122 C   ? ? ? 1_555 A MSE 123 N  ? ? A LEU 121 A MSE 122 1_555 ? ? ? ? ? ? ? 1.325 ? ? 
covale9  covale both ? A MSE 123 C   ? ? ? 1_555 A THR 124 N  ? ? A MSE 122 A THR 123 1_555 ? ? ? ? ? ? ? 1.329 ? ? 
covale10 covale both ? A GLN 135 C   ? ? ? 1_555 A MSE 136 N  ? ? A GLN 134 A MSE 135 1_555 ? ? ? ? ? ? ? 1.323 ? ? 
covale11 covale both ? A MSE 136 C   ? ? ? 1_555 A THR 137 N  ? ? A MSE 135 A THR 136 1_555 ? ? ? ? ? ? ? 1.341 ? ? 
covale12 covale both ? A LEU 139 C   ? ? ? 1_555 A MSE 140 N  ? ? A LEU 138 A MSE 139 1_555 ? ? ? ? ? ? ? 1.328 ? ? 
covale13 covale both ? A MSE 140 C   ? ? ? 1_555 A ARG 141 N  ? ? A MSE 139 A ARG 140 1_555 ? ? ? ? ? ? ? 1.326 ? ? 
metalc1  metalc ?    ? A HIS 49  NE2 ? ? ? 1_555 B NI  .   NI ? ? A HIS 48  A NI  168 1_555 ? ? ? ? ? ? ? 2.299 ? ? 
metalc2  metalc ?    ? A HIS 128 NE2 ? ? ? 1_555 B NI  .   NI ? ? A HIS 127 A NI  168 1_555 ? ? ? ? ? ? ? 2.366 ? ? 
metalc3  metalc ?    ? A HIS 132 NE2 ? ? ? 1_555 B NI  .   NI ? ? A HIS 131 A NI  168 1_555 ? ? ? ? ? ? ? 2.376 ? ? 
metalc4  metalc ?    ? B NI  .   NI  ? ? ? 1_555 C HOH .   O  ? ? A NI  168 A HOH 171 1_555 ? ? ? ? ? ? ? 2.362 ? ? 
metalc5  metalc ?    ? B NI  .   NI  ? ? ? 1_555 C HOH .   O  ? ? A NI  168 A HOH 175 1_555 ? ? ? ? ? ? ? 2.403 ? ? 
metalc6  metalc ?    ? B NI  .   NI  ? ? ? 1_555 C HOH .   O  ? ? A NI  168 A HOH 185 1_555 ? ? ? ? ? ? ? 2.275 ? ? 
# 
loop_
_struct_conn_type.id 
_struct_conn_type.criteria 
_struct_conn_type.reference 
covale ? ? 
metalc ? ? 
# 
loop_
_pdbx_struct_conn_angle.id 
_pdbx_struct_conn_angle.ptnr1_label_atom_id 
_pdbx_struct_conn_angle.ptnr1_label_alt_id 
_pdbx_struct_conn_angle.ptnr1_label_asym_id 
_pdbx_struct_conn_angle.ptnr1_label_comp_id 
_pdbx_struct_conn_angle.ptnr1_label_seq_id 
_pdbx_struct_conn_angle.ptnr1_auth_atom_id 
_pdbx_struct_conn_angle.ptnr1_auth_asym_id 
_pdbx_struct_conn_angle.ptnr1_auth_comp_id 
_pdbx_struct_conn_angle.ptnr1_auth_seq_id 
_pdbx_struct_conn_angle.ptnr1_PDB_ins_code 
_pdbx_struct_conn_angle.ptnr1_symmetry 
_pdbx_struct_conn_angle.ptnr2_label_atom_id 
_pdbx_struct_conn_angle.ptnr2_label_alt_id 
_pdbx_struct_conn_angle.ptnr2_label_asym_id 
_pdbx_struct_conn_angle.ptnr2_label_comp_id 
_pdbx_struct_conn_angle.ptnr2_label_seq_id 
_pdbx_struct_conn_angle.ptnr2_auth_atom_id 
_pdbx_struct_conn_angle.ptnr2_auth_asym_id 
_pdbx_struct_conn_angle.ptnr2_auth_comp_id 
_pdbx_struct_conn_angle.ptnr2_auth_seq_id 
_pdbx_struct_conn_angle.ptnr2_PDB_ins_code 
_pdbx_struct_conn_angle.ptnr2_symmetry 
_pdbx_struct_conn_angle.ptnr3_label_atom_id 
_pdbx_struct_conn_angle.ptnr3_label_alt_id 
_pdbx_struct_conn_angle.ptnr3_label_asym_id 
_pdbx_struct_conn_angle.ptnr3_label_comp_id 
_pdbx_struct_conn_angle.ptnr3_label_seq_id 
_pdbx_struct_conn_angle.ptnr3_auth_atom_id 
_pdbx_struct_conn_angle.ptnr3_auth_asym_id 
_pdbx_struct_conn_angle.ptnr3_auth_comp_id 
_pdbx_struct_conn_angle.ptnr3_auth_seq_id 
_pdbx_struct_conn_angle.ptnr3_PDB_ins_code 
_pdbx_struct_conn_angle.ptnr3_symmetry 
_pdbx_struct_conn_angle.value 
_pdbx_struct_conn_angle.value_esd 
1  NE2 ? A HIS 49  ? A HIS 48  ? 1_555 NI ? B NI . ? A NI 168 ? 1_555 NE2 ? A HIS 128 ? A HIS 127 ? 1_555 83.7  ? 
2  NE2 ? A HIS 49  ? A HIS 48  ? 1_555 NI ? B NI . ? A NI 168 ? 1_555 NE2 ? A HIS 132 ? A HIS 131 ? 1_555 86.5  ? 
3  NE2 ? A HIS 128 ? A HIS 127 ? 1_555 NI ? B NI . ? A NI 168 ? 1_555 NE2 ? A HIS 132 ? A HIS 131 ? 1_555 88.7  ? 
4  NE2 ? A HIS 49  ? A HIS 48  ? 1_555 NI ? B NI . ? A NI 168 ? 1_555 O   ? C HOH .   ? A HOH 171 ? 1_555 87.7  ? 
5  NE2 ? A HIS 128 ? A HIS 127 ? 1_555 NI ? B NI . ? A NI 168 ? 1_555 O   ? C HOH .   ? A HOH 171 ? 1_555 87.5  ? 
6  NE2 ? A HIS 132 ? A HIS 131 ? 1_555 NI ? B NI . ? A NI 168 ? 1_555 O   ? C HOH .   ? A HOH 171 ? 1_555 173.4 ? 
7  NE2 ? A HIS 49  ? A HIS 48  ? 1_555 NI ? B NI . ? A NI 168 ? 1_555 O   ? C HOH .   ? A HOH 175 ? 1_555 85.9  ? 
8  NE2 ? A HIS 128 ? A HIS 127 ? 1_555 NI ? B NI . ? A NI 168 ? 1_555 O   ? C HOH .   ? A HOH 175 ? 1_555 168.6 ? 
9  NE2 ? A HIS 132 ? A HIS 131 ? 1_555 NI ? B NI . ? A NI 168 ? 1_555 O   ? C HOH .   ? A HOH 175 ? 1_555 95.5  ? 
10 O   ? C HOH .   ? A HOH 171 ? 1_555 NI ? B NI . ? A NI 168 ? 1_555 O   ? C HOH .   ? A HOH 175 ? 1_555 87.3  ? 
11 NE2 ? A HIS 49  ? A HIS 48  ? 1_555 NI ? B NI . ? A NI 168 ? 1_555 O   ? C HOH .   ? A HOH 185 ? 1_555 173.2 ? 
12 NE2 ? A HIS 128 ? A HIS 127 ? 1_555 NI ? B NI . ? A NI 168 ? 1_555 O   ? C HOH .   ? A HOH 185 ? 1_555 99.5  ? 
13 NE2 ? A HIS 132 ? A HIS 131 ? 1_555 NI ? B NI . ? A NI 168 ? 1_555 O   ? C HOH .   ? A HOH 185 ? 1_555 99.4  ? 
14 O   ? C HOH .   ? A HOH 171 ? 1_555 NI ? B NI . ? A NI 168 ? 1_555 O   ? C HOH .   ? A HOH 185 ? 1_555 86.5  ? 
15 O   ? C HOH .   ? A HOH 175 ? 1_555 NI ? B NI . ? A NI 168 ? 1_555 O   ? C HOH .   ? A HOH 185 ? 1_555 90.3  ? 
# 
loop_
_pdbx_modification_feature.ordinal 
_pdbx_modification_feature.label_comp_id 
_pdbx_modification_feature.label_asym_id 
_pdbx_modification_feature.label_seq_id 
_pdbx_modification_feature.label_alt_id 
_pdbx_modification_feature.modified_residue_label_comp_id 
_pdbx_modification_feature.modified_residue_label_asym_id 
_pdbx_modification_feature.modified_residue_label_seq_id 
_pdbx_modification_feature.modified_residue_label_alt_id 
_pdbx_modification_feature.auth_comp_id 
_pdbx_modification_feature.auth_asym_id 
_pdbx_modification_feature.auth_seq_id 
_pdbx_modification_feature.PDB_ins_code 
_pdbx_modification_feature.symmetry 
_pdbx_modification_feature.modified_residue_auth_comp_id 
_pdbx_modification_feature.modified_residue_auth_asym_id 
_pdbx_modification_feature.modified_residue_auth_seq_id 
_pdbx_modification_feature.modified_residue_PDB_ins_code 
_pdbx_modification_feature.modified_residue_symmetry 
_pdbx_modification_feature.comp_id_linking_atom 
_pdbx_modification_feature.modified_residue_id_linking_atom 
_pdbx_modification_feature.modified_residue_id 
_pdbx_modification_feature.ref_pcm_id 
_pdbx_modification_feature.ref_comp_id 
_pdbx_modification_feature.type 
_pdbx_modification_feature.category 
1 MSE A 2   ? . . . . MSE A 1   ? 1_555 . . . . . . . MET 1 MSE Selenomethionine 'Named protein modification' 
2 MSE A 23  ? . . . . MSE A 22  ? 1_555 . . . . . . . MET 1 MSE Selenomethionine 'Named protein modification' 
3 MSE A 116 A . . . . MSE A 115 ? 1_555 . . . . . . . MET 1 MSE Selenomethionine 'Named protein modification' 
4 MSE A 116 B . . . . MSE A 115 ? 1_555 . . . . . . . MET 1 MSE Selenomethionine 'Named protein modification' 
5 MSE A 123 ? . . . . MSE A 122 ? 1_555 . . . . . . . MET 1 MSE Selenomethionine 'Named protein modification' 
6 MSE A 136 ? . . . . MSE A 135 ? 1_555 . . . . . . . MET 1 MSE Selenomethionine 'Named protein modification' 
7 MSE A 140 ? . . . . MSE A 139 ? 1_555 . . . . . . . MET 1 MSE Selenomethionine 'Named protein modification' 
# 
_struct_mon_prot_cis.pdbx_id                1 
_struct_mon_prot_cis.label_comp_id          TYR 
_struct_mon_prot_cis.label_seq_id           72 
_struct_mon_prot_cis.label_asym_id          A 
_struct_mon_prot_cis.label_alt_id           . 
_struct_mon_prot_cis.pdbx_PDB_ins_code      ? 
_struct_mon_prot_cis.auth_comp_id           TYR 
_struct_mon_prot_cis.auth_seq_id            71 
_struct_mon_prot_cis.auth_asym_id           A 
_struct_mon_prot_cis.pdbx_label_comp_id_2   PRO 
_struct_mon_prot_cis.pdbx_label_seq_id_2    73 
_struct_mon_prot_cis.pdbx_label_asym_id_2   A 
_struct_mon_prot_cis.pdbx_PDB_ins_code_2    ? 
_struct_mon_prot_cis.pdbx_auth_comp_id_2    PRO 
_struct_mon_prot_cis.pdbx_auth_seq_id_2     72 
_struct_mon_prot_cis.pdbx_auth_asym_id_2    A 
_struct_mon_prot_cis.pdbx_PDB_model_num     1 
_struct_mon_prot_cis.pdbx_omega_angle       1.35 
# 
_struct_sheet.id               A 
_struct_sheet.type             ? 
_struct_sheet.number_strands   2 
_struct_sheet.details          ? 
# 
_struct_sheet_order.sheet_id     A 
_struct_sheet_order.range_id_1   1 
_struct_sheet_order.range_id_2   2 
_struct_sheet_order.offset       ? 
_struct_sheet_order.sense        anti-parallel 
# 
loop_
_struct_sheet_range.sheet_id 
_struct_sheet_range.id 
_struct_sheet_range.beg_label_comp_id 
_struct_sheet_range.beg_label_asym_id 
_struct_sheet_range.beg_label_seq_id 
_struct_sheet_range.pdbx_beg_PDB_ins_code 
_struct_sheet_range.end_label_comp_id 
_struct_sheet_range.end_label_asym_id 
_struct_sheet_range.end_label_seq_id 
_struct_sheet_range.pdbx_end_PDB_ins_code 
_struct_sheet_range.beg_auth_comp_id 
_struct_sheet_range.beg_auth_asym_id 
_struct_sheet_range.beg_auth_seq_id 
_struct_sheet_range.end_auth_comp_id 
_struct_sheet_range.end_auth_asym_id 
_struct_sheet_range.end_auth_seq_id 
A 1 ILE A 108 ? PHE A 111 ? ILE A 107 PHE A 110 
A 2 ARG A 114 ? PRO A 117 ? ARG A 113 PRO A 116 
# 
_pdbx_struct_sheet_hbond.sheet_id                A 
_pdbx_struct_sheet_hbond.range_id_1              1 
_pdbx_struct_sheet_hbond.range_id_2              2 
_pdbx_struct_sheet_hbond.range_1_label_atom_id   N 
_pdbx_struct_sheet_hbond.range_1_label_comp_id   PHE 
_pdbx_struct_sheet_hbond.range_1_label_asym_id   A 
_pdbx_struct_sheet_hbond.range_1_label_seq_id    111 
_pdbx_struct_sheet_hbond.range_1_PDB_ins_code    ? 
_pdbx_struct_sheet_hbond.range_1_auth_atom_id    N 
_pdbx_struct_sheet_hbond.range_1_auth_comp_id    PHE 
_pdbx_struct_sheet_hbond.range_1_auth_asym_id    A 
_pdbx_struct_sheet_hbond.range_1_auth_seq_id     110 
_pdbx_struct_sheet_hbond.range_2_label_atom_id   O 
_pdbx_struct_sheet_hbond.range_2_label_comp_id   ARG 
_pdbx_struct_sheet_hbond.range_2_label_asym_id   A 
_pdbx_struct_sheet_hbond.range_2_label_seq_id    114 
_pdbx_struct_sheet_hbond.range_2_PDB_ins_code    ? 
_pdbx_struct_sheet_hbond.range_2_auth_atom_id    O 
_pdbx_struct_sheet_hbond.range_2_auth_comp_id    ARG 
_pdbx_struct_sheet_hbond.range_2_auth_asym_id    A 
_pdbx_struct_sheet_hbond.range_2_auth_seq_id     113 
# 
_struct_site.id                   AC1 
_struct_site.pdbx_evidence_code   Software 
_struct_site.pdbx_auth_asym_id    A 
_struct_site.pdbx_auth_comp_id    NI 
_struct_site.pdbx_auth_seq_id     168 
_struct_site.pdbx_auth_ins_code   ? 
_struct_site.pdbx_num_residues    6 
_struct_site.details              'BINDING SITE FOR RESIDUE NI A 168' 
# 
loop_
_struct_site_gen.id 
_struct_site_gen.site_id 
_struct_site_gen.pdbx_num_res 
_struct_site_gen.label_comp_id 
_struct_site_gen.label_asym_id 
_struct_site_gen.label_seq_id 
_struct_site_gen.pdbx_auth_ins_code 
_struct_site_gen.auth_comp_id 
_struct_site_gen.auth_asym_id 
_struct_site_gen.auth_seq_id 
_struct_site_gen.label_atom_id 
_struct_site_gen.label_alt_id 
_struct_site_gen.symmetry 
_struct_site_gen.details 
1 AC1 6 HIS A 49  ? HIS A 48  . ? 1_555 ? 
2 AC1 6 HIS A 128 ? HIS A 127 . ? 1_555 ? 
3 AC1 6 HIS A 132 ? HIS A 131 . ? 1_555 ? 
4 AC1 6 HOH C .   ? HOH A 171 . ? 1_555 ? 
5 AC1 6 HOH C .   ? HOH A 175 . ? 1_555 ? 
6 AC1 6 HOH C .   ? HOH A 185 . ? 1_555 ? 
# 
_pdbx_entry_details.entry_id                   3DI5 
_pdbx_entry_details.compound_details           ? 
_pdbx_entry_details.source_details             ? 
_pdbx_entry_details.nonpolymer_details         ? 
_pdbx_entry_details.sequence_details           
;THE CONSTRUCT WAS EXPRESSED WITH A PURIFICATION TAG MGSDKIHHHHHHENLYFQG. THE TAG WAS REMOVED WITH TEV PROTEASE LEAVING ONLY A GLYCINE (0) FOLLOWED BY THE TARGET SEQUENCE.
;
_pdbx_entry_details.has_ligand_of_interest     ? 
_pdbx_entry_details.has_protein_modification   Y 
# 
_pdbx_validate_torsion.id              1 
_pdbx_validate_torsion.PDB_model_num   1 
_pdbx_validate_torsion.auth_comp_id    PHE 
_pdbx_validate_torsion.auth_asym_id    A 
_pdbx_validate_torsion.auth_seq_id     111 
_pdbx_validate_torsion.PDB_ins_code    ? 
_pdbx_validate_torsion.label_alt_id    ? 
_pdbx_validate_torsion.phi             35.95 
_pdbx_validate_torsion.psi             55.51 
# 
_pdbx_SG_project.project_name          'PSI, Protein Structure Initiative' 
_pdbx_SG_project.full_name_of_center   'Joint Center for Structural Genomics' 
_pdbx_SG_project.id                    1 
_pdbx_SG_project.initial_of_center     JCSG 
# 
loop_
_pdbx_struct_mod_residue.id 
_pdbx_struct_mod_residue.label_asym_id 
_pdbx_struct_mod_residue.label_comp_id 
_pdbx_struct_mod_residue.label_seq_id 
_pdbx_struct_mod_residue.auth_asym_id 
_pdbx_struct_mod_residue.auth_comp_id 
_pdbx_struct_mod_residue.auth_seq_id 
_pdbx_struct_mod_residue.PDB_ins_code 
_pdbx_struct_mod_residue.parent_comp_id 
_pdbx_struct_mod_residue.details 
1 A MSE 2   A MSE 1   ? MET SELENOMETHIONINE 
2 A MSE 23  A MSE 22  ? MET SELENOMETHIONINE 
3 A MSE 116 A MSE 115 ? MET SELENOMETHIONINE 
4 A MSE 123 A MSE 122 ? MET SELENOMETHIONINE 
5 A MSE 136 A MSE 135 ? MET SELENOMETHIONINE 
6 A MSE 140 A MSE 139 ? MET SELENOMETHIONINE 
# 
_pdbx_struct_special_symmetry.id              1 
_pdbx_struct_special_symmetry.PDB_model_num   1 
_pdbx_struct_special_symmetry.auth_asym_id    A 
_pdbx_struct_special_symmetry.auth_comp_id    HOH 
_pdbx_struct_special_symmetry.auth_seq_id     169 
_pdbx_struct_special_symmetry.PDB_ins_code    ? 
_pdbx_struct_special_symmetry.label_asym_id   C 
_pdbx_struct_special_symmetry.label_comp_id   HOH 
_pdbx_struct_special_symmetry.label_seq_id    . 
# 
_pdbx_refine_tls.id               1 
_pdbx_refine_tls.details          ? 
_pdbx_refine_tls.method           refined 
_pdbx_refine_tls.origin_x         0.3501 
_pdbx_refine_tls.origin_y         -0.2112 
_pdbx_refine_tls.origin_z         -0.4733 
_pdbx_refine_tls.T[1][1]          -0.1340 
_pdbx_refine_tls.T[2][2]          -0.1484 
_pdbx_refine_tls.T[3][3]          -0.0422 
_pdbx_refine_tls.T[1][2]          -0.0911 
_pdbx_refine_tls.T[1][3]          0.0032 
_pdbx_refine_tls.T[2][3]          0.0027 
_pdbx_refine_tls.L[1][1]          0.9292 
_pdbx_refine_tls.L[2][2]          1.9096 
_pdbx_refine_tls.L[3][3]          6.7477 
_pdbx_refine_tls.L[1][2]          -0.1194 
_pdbx_refine_tls.L[1][3]          0.6317 
_pdbx_refine_tls.L[2][3]          1.1175 
_pdbx_refine_tls.S[1][1]          0.0742 
_pdbx_refine_tls.S[2][2]          -0.2296 
_pdbx_refine_tls.S[3][3]          0.1554 
_pdbx_refine_tls.S[1][2]          0.1070 
_pdbx_refine_tls.S[1][3]          -0.0358 
_pdbx_refine_tls.S[2][3]          0.1142 
_pdbx_refine_tls.S[2][1]          0.1779 
_pdbx_refine_tls.S[3][1]          0.2429 
_pdbx_refine_tls.S[3][2]          -0.4333 
_pdbx_refine_tls.pdbx_refine_id   'X-RAY DIFFRACTION' 
# 
_pdbx_refine_tls_group.id                  1 
_pdbx_refine_tls_group.refine_tls_id       1 
_pdbx_refine_tls_group.beg_label_asym_id   A 
_pdbx_refine_tls_group.beg_label_seq_id    8 
_pdbx_refine_tls_group.end_label_asym_id   A 
_pdbx_refine_tls_group.end_label_seq_id    151 
_pdbx_refine_tls_group.selection           ? 
_pdbx_refine_tls_group.beg_auth_asym_id    A 
_pdbx_refine_tls_group.beg_auth_seq_id     7 
_pdbx_refine_tls_group.end_auth_asym_id    A 
_pdbx_refine_tls_group.end_auth_seq_id     150 
_pdbx_refine_tls_group.pdbx_refine_id      'X-RAY DIFFRACTION' 
_pdbx_refine_tls_group.selection_details   ? 
# 
_phasing.method   MAD 
# 
loop_
_pdbx_unobs_or_zero_occ_residues.id 
_pdbx_unobs_or_zero_occ_residues.PDB_model_num 
_pdbx_unobs_or_zero_occ_residues.polymer_flag 
_pdbx_unobs_or_zero_occ_residues.occupancy_flag 
_pdbx_unobs_or_zero_occ_residues.auth_asym_id 
_pdbx_unobs_or_zero_occ_residues.auth_comp_id 
_pdbx_unobs_or_zero_occ_residues.auth_seq_id 
_pdbx_unobs_or_zero_occ_residues.PDB_ins_code 
_pdbx_unobs_or_zero_occ_residues.label_asym_id 
_pdbx_unobs_or_zero_occ_residues.label_comp_id 
_pdbx_unobs_or_zero_occ_residues.label_seq_id 
1  1 Y 1 A GLY 0   ? A GLY 1   
2  1 Y 1 A GLY 151 ? A GLY 152 
3  1 Y 1 A PRO 152 ? A PRO 153 
4  1 Y 1 A ALA 153 ? A ALA 154 
5  1 Y 1 A LYS 154 ? A LYS 155 
6  1 Y 1 A GLU 155 ? A GLU 156 
7  1 Y 1 A GLU 156 ? A GLU 157 
8  1 Y 1 A TRP 157 ? A TRP 158 
9  1 Y 1 A ALA 158 ? A ALA 159 
10 1 Y 1 A THR 159 ? A THR 160 
11 1 Y 1 A ALA 160 ? A ALA 161 
12 1 Y 1 A GLY 161 ? A GLY 162 
13 1 Y 1 A MSE 162 ? A MSE 163 
14 1 Y 1 A GLU 163 ? A GLU 164 
15 1 Y 1 A ALA 164 ? A ALA 165 
16 1 Y 1 A PRO 165 ? A PRO 166 
17 1 Y 1 A LYS 166 ? A LYS 167 
18 1 Y 1 A MSE 167 ? A MSE 168 
# 
loop_
_chem_comp_atom.comp_id 
_chem_comp_atom.atom_id 
_chem_comp_atom.type_symbol 
_chem_comp_atom.pdbx_aromatic_flag 
_chem_comp_atom.pdbx_stereo_config 
_chem_comp_atom.pdbx_ordinal 
ALA N    N  N N 1   
ALA CA   C  N S 2   
ALA C    C  N N 3   
ALA O    O  N N 4   
ALA CB   C  N N 5   
ALA OXT  O  N N 6   
ALA H    H  N N 7   
ALA H2   H  N N 8   
ALA HA   H  N N 9   
ALA HB1  H  N N 10  
ALA HB2  H  N N 11  
ALA HB3  H  N N 12  
ALA HXT  H  N N 13  
ARG N    N  N N 14  
ARG CA   C  N S 15  
ARG C    C  N N 16  
ARG O    O  N N 17  
ARG CB   C  N N 18  
ARG CG   C  N N 19  
ARG CD   C  N N 20  
ARG NE   N  N N 21  
ARG CZ   C  N N 22  
ARG NH1  N  N N 23  
ARG NH2  N  N N 24  
ARG OXT  O  N N 25  
ARG H    H  N N 26  
ARG H2   H  N N 27  
ARG HA   H  N N 28  
ARG HB2  H  N N 29  
ARG HB3  H  N N 30  
ARG HG2  H  N N 31  
ARG HG3  H  N N 32  
ARG HD2  H  N N 33  
ARG HD3  H  N N 34  
ARG HE   H  N N 35  
ARG HH11 H  N N 36  
ARG HH12 H  N N 37  
ARG HH21 H  N N 38  
ARG HH22 H  N N 39  
ARG HXT  H  N N 40  
ASN N    N  N N 41  
ASN CA   C  N S 42  
ASN C    C  N N 43  
ASN O    O  N N 44  
ASN CB   C  N N 45  
ASN CG   C  N N 46  
ASN OD1  O  N N 47  
ASN ND2  N  N N 48  
ASN OXT  O  N N 49  
ASN H    H  N N 50  
ASN H2   H  N N 51  
ASN HA   H  N N 52  
ASN HB2  H  N N 53  
ASN HB3  H  N N 54  
ASN HD21 H  N N 55  
ASN HD22 H  N N 56  
ASN HXT  H  N N 57  
ASP N    N  N N 58  
ASP CA   C  N S 59  
ASP C    C  N N 60  
ASP O    O  N N 61  
ASP CB   C  N N 62  
ASP CG   C  N N 63  
ASP OD1  O  N N 64  
ASP OD2  O  N N 65  
ASP OXT  O  N N 66  
ASP H    H  N N 67  
ASP H2   H  N N 68  
ASP HA   H  N N 69  
ASP HB2  H  N N 70  
ASP HB3  H  N N 71  
ASP HD2  H  N N 72  
ASP HXT  H  N N 73  
GLN N    N  N N 74  
GLN CA   C  N S 75  
GLN C    C  N N 76  
GLN O    O  N N 77  
GLN CB   C  N N 78  
GLN CG   C  N N 79  
GLN CD   C  N N 80  
GLN OE1  O  N N 81  
GLN NE2  N  N N 82  
GLN OXT  O  N N 83  
GLN H    H  N N 84  
GLN H2   H  N N 85  
GLN HA   H  N N 86  
GLN HB2  H  N N 87  
GLN HB3  H  N N 88  
GLN HG2  H  N N 89  
GLN HG3  H  N N 90  
GLN HE21 H  N N 91  
GLN HE22 H  N N 92  
GLN HXT  H  N N 93  
GLU N    N  N N 94  
GLU CA   C  N S 95  
GLU C    C  N N 96  
GLU O    O  N N 97  
GLU CB   C  N N 98  
GLU CG   C  N N 99  
GLU CD   C  N N 100 
GLU OE1  O  N N 101 
GLU OE2  O  N N 102 
GLU OXT  O  N N 103 
GLU H    H  N N 104 
GLU H2   H  N N 105 
GLU HA   H  N N 106 
GLU HB2  H  N N 107 
GLU HB3  H  N N 108 
GLU HG2  H  N N 109 
GLU HG3  H  N N 110 
GLU HE2  H  N N 111 
GLU HXT  H  N N 112 
GLY N    N  N N 113 
GLY CA   C  N N 114 
GLY C    C  N N 115 
GLY O    O  N N 116 
GLY OXT  O  N N 117 
GLY H    H  N N 118 
GLY H2   H  N N 119 
GLY HA2  H  N N 120 
GLY HA3  H  N N 121 
GLY HXT  H  N N 122 
HIS N    N  N N 123 
HIS CA   C  N S 124 
HIS C    C  N N 125 
HIS O    O  N N 126 
HIS CB   C  N N 127 
HIS CG   C  Y N 128 
HIS ND1  N  Y N 129 
HIS CD2  C  Y N 130 
HIS CE1  C  Y N 131 
HIS NE2  N  Y N 132 
HIS OXT  O  N N 133 
HIS H    H  N N 134 
HIS H2   H  N N 135 
HIS HA   H  N N 136 
HIS HB2  H  N N 137 
HIS HB3  H  N N 138 
HIS HD1  H  N N 139 
HIS HD2  H  N N 140 
HIS HE1  H  N N 141 
HIS HE2  H  N N 142 
HIS HXT  H  N N 143 
HOH O    O  N N 144 
HOH H1   H  N N 145 
HOH H2   H  N N 146 
ILE N    N  N N 147 
ILE CA   C  N S 148 
ILE C    C  N N 149 
ILE O    O  N N 150 
ILE CB   C  N S 151 
ILE CG1  C  N N 152 
ILE CG2  C  N N 153 
ILE CD1  C  N N 154 
ILE OXT  O  N N 155 
ILE H    H  N N 156 
ILE H2   H  N N 157 
ILE HA   H  N N 158 
ILE HB   H  N N 159 
ILE HG12 H  N N 160 
ILE HG13 H  N N 161 
ILE HG21 H  N N 162 
ILE HG22 H  N N 163 
ILE HG23 H  N N 164 
ILE HD11 H  N N 165 
ILE HD12 H  N N 166 
ILE HD13 H  N N 167 
ILE HXT  H  N N 168 
LEU N    N  N N 169 
LEU CA   C  N S 170 
LEU C    C  N N 171 
LEU O    O  N N 172 
LEU CB   C  N N 173 
LEU CG   C  N N 174 
LEU CD1  C  N N 175 
LEU CD2  C  N N 176 
LEU OXT  O  N N 177 
LEU H    H  N N 178 
LEU H2   H  N N 179 
LEU HA   H  N N 180 
LEU HB2  H  N N 181 
LEU HB3  H  N N 182 
LEU HG   H  N N 183 
LEU HD11 H  N N 184 
LEU HD12 H  N N 185 
LEU HD13 H  N N 186 
LEU HD21 H  N N 187 
LEU HD22 H  N N 188 
LEU HD23 H  N N 189 
LEU HXT  H  N N 190 
LYS N    N  N N 191 
LYS CA   C  N S 192 
LYS C    C  N N 193 
LYS O    O  N N 194 
LYS CB   C  N N 195 
LYS CG   C  N N 196 
LYS CD   C  N N 197 
LYS CE   C  N N 198 
LYS NZ   N  N N 199 
LYS OXT  O  N N 200 
LYS H    H  N N 201 
LYS H2   H  N N 202 
LYS HA   H  N N 203 
LYS HB2  H  N N 204 
LYS HB3  H  N N 205 
LYS HG2  H  N N 206 
LYS HG3  H  N N 207 
LYS HD2  H  N N 208 
LYS HD3  H  N N 209 
LYS HE2  H  N N 210 
LYS HE3  H  N N 211 
LYS HZ1  H  N N 212 
LYS HZ2  H  N N 213 
LYS HZ3  H  N N 214 
LYS HXT  H  N N 215 
MSE N    N  N N 216 
MSE CA   C  N S 217 
MSE C    C  N N 218 
MSE O    O  N N 219 
MSE OXT  O  N N 220 
MSE CB   C  N N 221 
MSE CG   C  N N 222 
MSE SE   SE N N 223 
MSE CE   C  N N 224 
MSE H    H  N N 225 
MSE H2   H  N N 226 
MSE HA   H  N N 227 
MSE HXT  H  N N 228 
MSE HB2  H  N N 229 
MSE HB3  H  N N 230 
MSE HG2  H  N N 231 
MSE HG3  H  N N 232 
MSE HE1  H  N N 233 
MSE HE2  H  N N 234 
MSE HE3  H  N N 235 
NI  NI   NI N N 236 
PHE N    N  N N 237 
PHE CA   C  N S 238 
PHE C    C  N N 239 
PHE O    O  N N 240 
PHE CB   C  N N 241 
PHE CG   C  Y N 242 
PHE CD1  C  Y N 243 
PHE CD2  C  Y N 244 
PHE CE1  C  Y N 245 
PHE CE2  C  Y N 246 
PHE CZ   C  Y N 247 
PHE OXT  O  N N 248 
PHE H    H  N N 249 
PHE H2   H  N N 250 
PHE HA   H  N N 251 
PHE HB2  H  N N 252 
PHE HB3  H  N N 253 
PHE HD1  H  N N 254 
PHE HD2  H  N N 255 
PHE HE1  H  N N 256 
PHE HE2  H  N N 257 
PHE HZ   H  N N 258 
PHE HXT  H  N N 259 
PRO N    N  N N 260 
PRO CA   C  N S 261 
PRO C    C  N N 262 
PRO O    O  N N 263 
PRO CB   C  N N 264 
PRO CG   C  N N 265 
PRO CD   C  N N 266 
PRO OXT  O  N N 267 
PRO H    H  N N 268 
PRO HA   H  N N 269 
PRO HB2  H  N N 270 
PRO HB3  H  N N 271 
PRO HG2  H  N N 272 
PRO HG3  H  N N 273 
PRO HD2  H  N N 274 
PRO HD3  H  N N 275 
PRO HXT  H  N N 276 
SER N    N  N N 277 
SER CA   C  N S 278 
SER C    C  N N 279 
SER O    O  N N 280 
SER CB   C  N N 281 
SER OG   O  N N 282 
SER OXT  O  N N 283 
SER H    H  N N 284 
SER H2   H  N N 285 
SER HA   H  N N 286 
SER HB2  H  N N 287 
SER HB3  H  N N 288 
SER HG   H  N N 289 
SER HXT  H  N N 290 
THR N    N  N N 291 
THR CA   C  N S 292 
THR C    C  N N 293 
THR O    O  N N 294 
THR CB   C  N R 295 
THR OG1  O  N N 296 
THR CG2  C  N N 297 
THR OXT  O  N N 298 
THR H    H  N N 299 
THR H2   H  N N 300 
THR HA   H  N N 301 
THR HB   H  N N 302 
THR HG1  H  N N 303 
THR HG21 H  N N 304 
THR HG22 H  N N 305 
THR HG23 H  N N 306 
THR HXT  H  N N 307 
TRP N    N  N N 308 
TRP CA   C  N S 309 
TRP C    C  N N 310 
TRP O    O  N N 311 
TRP CB   C  N N 312 
TRP CG   C  Y N 313 
TRP CD1  C  Y N 314 
TRP CD2  C  Y N 315 
TRP NE1  N  Y N 316 
TRP CE2  C  Y N 317 
TRP CE3  C  Y N 318 
TRP CZ2  C  Y N 319 
TRP CZ3  C  Y N 320 
TRP CH2  C  Y N 321 
TRP OXT  O  N N 322 
TRP H    H  N N 323 
TRP H2   H  N N 324 
TRP HA   H  N N 325 
TRP HB2  H  N N 326 
TRP HB3  H  N N 327 
TRP HD1  H  N N 328 
TRP HE1  H  N N 329 
TRP HE3  H  N N 330 
TRP HZ2  H  N N 331 
TRP HZ3  H  N N 332 
TRP HH2  H  N N 333 
TRP HXT  H  N N 334 
TYR N    N  N N 335 
TYR CA   C  N S 336 
TYR C    C  N N 337 
TYR O    O  N N 338 
TYR CB   C  N N 339 
TYR CG   C  Y N 340 
TYR CD1  C  Y N 341 
TYR CD2  C  Y N 342 
TYR CE1  C  Y N 343 
TYR CE2  C  Y N 344 
TYR CZ   C  Y N 345 
TYR OH   O  N N 346 
TYR OXT  O  N N 347 
TYR H    H  N N 348 
TYR H2   H  N N 349 
TYR HA   H  N N 350 
TYR HB2  H  N N 351 
TYR HB3  H  N N 352 
TYR HD1  H  N N 353 
TYR HD2  H  N N 354 
TYR HE1  H  N N 355 
TYR HE2  H  N N 356 
TYR HH   H  N N 357 
TYR HXT  H  N N 358 
VAL N    N  N N 359 
VAL CA   C  N S 360 
VAL C    C  N N 361 
VAL O    O  N N 362 
VAL CB   C  N N 363 
VAL CG1  C  N N 364 
VAL CG2  C  N N 365 
VAL OXT  O  N N 366 
VAL H    H  N N 367 
VAL H2   H  N N 368 
VAL HA   H  N N 369 
VAL HB   H  N N 370 
VAL HG11 H  N N 371 
VAL HG12 H  N N 372 
VAL HG13 H  N N 373 
VAL HG21 H  N N 374 
VAL HG22 H  N N 375 
VAL HG23 H  N N 376 
VAL HXT  H  N N 377 
# 
loop_
_chem_comp_bond.comp_id 
_chem_comp_bond.atom_id_1 
_chem_comp_bond.atom_id_2 
_chem_comp_bond.value_order 
_chem_comp_bond.pdbx_aromatic_flag 
_chem_comp_bond.pdbx_stereo_config 
_chem_comp_bond.pdbx_ordinal 
ALA N   CA   sing N N 1   
ALA N   H    sing N N 2   
ALA N   H2   sing N N 3   
ALA CA  C    sing N N 4   
ALA CA  CB   sing N N 5   
ALA CA  HA   sing N N 6   
ALA C   O    doub N N 7   
ALA C   OXT  sing N N 8   
ALA CB  HB1  sing N N 9   
ALA CB  HB2  sing N N 10  
ALA CB  HB3  sing N N 11  
ALA OXT HXT  sing N N 12  
ARG N   CA   sing N N 13  
ARG N   H    sing N N 14  
ARG N   H2   sing N N 15  
ARG CA  C    sing N N 16  
ARG CA  CB   sing N N 17  
ARG CA  HA   sing N N 18  
ARG C   O    doub N N 19  
ARG C   OXT  sing N N 20  
ARG CB  CG   sing N N 21  
ARG CB  HB2  sing N N 22  
ARG CB  HB3  sing N N 23  
ARG CG  CD   sing N N 24  
ARG CG  HG2  sing N N 25  
ARG CG  HG3  sing N N 26  
ARG CD  NE   sing N N 27  
ARG CD  HD2  sing N N 28  
ARG CD  HD3  sing N N 29  
ARG NE  CZ   sing N N 30  
ARG NE  HE   sing N N 31  
ARG CZ  NH1  sing N N 32  
ARG CZ  NH2  doub N N 33  
ARG NH1 HH11 sing N N 34  
ARG NH1 HH12 sing N N 35  
ARG NH2 HH21 sing N N 36  
ARG NH2 HH22 sing N N 37  
ARG OXT HXT  sing N N 38  
ASN N   CA   sing N N 39  
ASN N   H    sing N N 40  
ASN N   H2   sing N N 41  
ASN CA  C    sing N N 42  
ASN CA  CB   sing N N 43  
ASN CA  HA   sing N N 44  
ASN C   O    doub N N 45  
ASN C   OXT  sing N N 46  
ASN CB  CG   sing N N 47  
ASN CB  HB2  sing N N 48  
ASN CB  HB3  sing N N 49  
ASN CG  OD1  doub N N 50  
ASN CG  ND2  sing N N 51  
ASN ND2 HD21 sing N N 52  
ASN ND2 HD22 sing N N 53  
ASN OXT HXT  sing N N 54  
ASP N   CA   sing N N 55  
ASP N   H    sing N N 56  
ASP N   H2   sing N N 57  
ASP CA  C    sing N N 58  
ASP CA  CB   sing N N 59  
ASP CA  HA   sing N N 60  
ASP C   O    doub N N 61  
ASP C   OXT  sing N N 62  
ASP CB  CG   sing N N 63  
ASP CB  HB2  sing N N 64  
ASP CB  HB3  sing N N 65  
ASP CG  OD1  doub N N 66  
ASP CG  OD2  sing N N 67  
ASP OD2 HD2  sing N N 68  
ASP OXT HXT  sing N N 69  
GLN N   CA   sing N N 70  
GLN N   H    sing N N 71  
GLN N   H2   sing N N 72  
GLN CA  C    sing N N 73  
GLN CA  CB   sing N N 74  
GLN CA  HA   sing N N 75  
GLN C   O    doub N N 76  
GLN C   OXT  sing N N 77  
GLN CB  CG   sing N N 78  
GLN CB  HB2  sing N N 79  
GLN CB  HB3  sing N N 80  
GLN CG  CD   sing N N 81  
GLN CG  HG2  sing N N 82  
GLN CG  HG3  sing N N 83  
GLN CD  OE1  doub N N 84  
GLN CD  NE2  sing N N 85  
GLN NE2 HE21 sing N N 86  
GLN NE2 HE22 sing N N 87  
GLN OXT HXT  sing N N 88  
GLU N   CA   sing N N 89  
GLU N   H    sing N N 90  
GLU N   H2   sing N N 91  
GLU CA  C    sing N N 92  
GLU CA  CB   sing N N 93  
GLU CA  HA   sing N N 94  
GLU C   O    doub N N 95  
GLU C   OXT  sing N N 96  
GLU CB  CG   sing N N 97  
GLU CB  HB2  sing N N 98  
GLU CB  HB3  sing N N 99  
GLU CG  CD   sing N N 100 
GLU CG  HG2  sing N N 101 
GLU CG  HG3  sing N N 102 
GLU CD  OE1  doub N N 103 
GLU CD  OE2  sing N N 104 
GLU OE2 HE2  sing N N 105 
GLU OXT HXT  sing N N 106 
GLY N   CA   sing N N 107 
GLY N   H    sing N N 108 
GLY N   H2   sing N N 109 
GLY CA  C    sing N N 110 
GLY CA  HA2  sing N N 111 
GLY CA  HA3  sing N N 112 
GLY C   O    doub N N 113 
GLY C   OXT  sing N N 114 
GLY OXT HXT  sing N N 115 
HIS N   CA   sing N N 116 
HIS N   H    sing N N 117 
HIS N   H2   sing N N 118 
HIS CA  C    sing N N 119 
HIS CA  CB   sing N N 120 
HIS CA  HA   sing N N 121 
HIS C   O    doub N N 122 
HIS C   OXT  sing N N 123 
HIS CB  CG   sing N N 124 
HIS CB  HB2  sing N N 125 
HIS CB  HB3  sing N N 126 
HIS CG  ND1  sing Y N 127 
HIS CG  CD2  doub Y N 128 
HIS ND1 CE1  doub Y N 129 
HIS ND1 HD1  sing N N 130 
HIS CD2 NE2  sing Y N 131 
HIS CD2 HD2  sing N N 132 
HIS CE1 NE2  sing Y N 133 
HIS CE1 HE1  sing N N 134 
HIS NE2 HE2  sing N N 135 
HIS OXT HXT  sing N N 136 
HOH O   H1   sing N N 137 
HOH O   H2   sing N N 138 
ILE N   CA   sing N N 139 
ILE N   H    sing N N 140 
ILE N   H2   sing N N 141 
ILE CA  C    sing N N 142 
ILE CA  CB   sing N N 143 
ILE CA  HA   sing N N 144 
ILE C   O    doub N N 145 
ILE C   OXT  sing N N 146 
ILE CB  CG1  sing N N 147 
ILE CB  CG2  sing N N 148 
ILE CB  HB   sing N N 149 
ILE CG1 CD1  sing N N 150 
ILE CG1 HG12 sing N N 151 
ILE CG1 HG13 sing N N 152 
ILE CG2 HG21 sing N N 153 
ILE CG2 HG22 sing N N 154 
ILE CG2 HG23 sing N N 155 
ILE CD1 HD11 sing N N 156 
ILE CD1 HD12 sing N N 157 
ILE CD1 HD13 sing N N 158 
ILE OXT HXT  sing N N 159 
LEU N   CA   sing N N 160 
LEU N   H    sing N N 161 
LEU N   H2   sing N N 162 
LEU CA  C    sing N N 163 
LEU CA  CB   sing N N 164 
LEU CA  HA   sing N N 165 
LEU C   O    doub N N 166 
LEU C   OXT  sing N N 167 
LEU CB  CG   sing N N 168 
LEU CB  HB2  sing N N 169 
LEU CB  HB3  sing N N 170 
LEU CG  CD1  sing N N 171 
LEU CG  CD2  sing N N 172 
LEU CG  HG   sing N N 173 
LEU CD1 HD11 sing N N 174 
LEU CD1 HD12 sing N N 175 
LEU CD1 HD13 sing N N 176 
LEU CD2 HD21 sing N N 177 
LEU CD2 HD22 sing N N 178 
LEU CD2 HD23 sing N N 179 
LEU OXT HXT  sing N N 180 
LYS N   CA   sing N N 181 
LYS N   H    sing N N 182 
LYS N   H2   sing N N 183 
LYS CA  C    sing N N 184 
LYS CA  CB   sing N N 185 
LYS CA  HA   sing N N 186 
LYS C   O    doub N N 187 
LYS C   OXT  sing N N 188 
LYS CB  CG   sing N N 189 
LYS CB  HB2  sing N N 190 
LYS CB  HB3  sing N N 191 
LYS CG  CD   sing N N 192 
LYS CG  HG2  sing N N 193 
LYS CG  HG3  sing N N 194 
LYS CD  CE   sing N N 195 
LYS CD  HD2  sing N N 196 
LYS CD  HD3  sing N N 197 
LYS CE  NZ   sing N N 198 
LYS CE  HE2  sing N N 199 
LYS CE  HE3  sing N N 200 
LYS NZ  HZ1  sing N N 201 
LYS NZ  HZ2  sing N N 202 
LYS NZ  HZ3  sing N N 203 
LYS OXT HXT  sing N N 204 
MSE N   CA   sing N N 205 
MSE N   H    sing N N 206 
MSE N   H2   sing N N 207 
MSE CA  C    sing N N 208 
MSE CA  CB   sing N N 209 
MSE CA  HA   sing N N 210 
MSE C   O    doub N N 211 
MSE C   OXT  sing N N 212 
MSE OXT HXT  sing N N 213 
MSE CB  CG   sing N N 214 
MSE CB  HB2  sing N N 215 
MSE CB  HB3  sing N N 216 
MSE CG  SE   sing N N 217 
MSE CG  HG2  sing N N 218 
MSE CG  HG3  sing N N 219 
MSE SE  CE   sing N N 220 
MSE CE  HE1  sing N N 221 
MSE CE  HE2  sing N N 222 
MSE CE  HE3  sing N N 223 
PHE N   CA   sing N N 224 
PHE N   H    sing N N 225 
PHE N   H2   sing N N 226 
PHE CA  C    sing N N 227 
PHE CA  CB   sing N N 228 
PHE CA  HA   sing N N 229 
PHE C   O    doub N N 230 
PHE C   OXT  sing N N 231 
PHE CB  CG   sing N N 232 
PHE CB  HB2  sing N N 233 
PHE CB  HB3  sing N N 234 
PHE CG  CD1  doub Y N 235 
PHE CG  CD2  sing Y N 236 
PHE CD1 CE1  sing Y N 237 
PHE CD1 HD1  sing N N 238 
PHE CD2 CE2  doub Y N 239 
PHE CD2 HD2  sing N N 240 
PHE CE1 CZ   doub Y N 241 
PHE CE1 HE1  sing N N 242 
PHE CE2 CZ   sing Y N 243 
PHE CE2 HE2  sing N N 244 
PHE CZ  HZ   sing N N 245 
PHE OXT HXT  sing N N 246 
PRO N   CA   sing N N 247 
PRO N   CD   sing N N 248 
PRO N   H    sing N N 249 
PRO CA  C    sing N N 250 
PRO CA  CB   sing N N 251 
PRO CA  HA   sing N N 252 
PRO C   O    doub N N 253 
PRO C   OXT  sing N N 254 
PRO CB  CG   sing N N 255 
PRO CB  HB2  sing N N 256 
PRO CB  HB3  sing N N 257 
PRO CG  CD   sing N N 258 
PRO CG  HG2  sing N N 259 
PRO CG  HG3  sing N N 260 
PRO CD  HD2  sing N N 261 
PRO CD  HD3  sing N N 262 
PRO OXT HXT  sing N N 263 
SER N   CA   sing N N 264 
SER N   H    sing N N 265 
SER N   H2   sing N N 266 
SER CA  C    sing N N 267 
SER CA  CB   sing N N 268 
SER CA  HA   sing N N 269 
SER C   O    doub N N 270 
SER C   OXT  sing N N 271 
SER CB  OG   sing N N 272 
SER CB  HB2  sing N N 273 
SER CB  HB3  sing N N 274 
SER OG  HG   sing N N 275 
SER OXT HXT  sing N N 276 
THR N   CA   sing N N 277 
THR N   H    sing N N 278 
THR N   H2   sing N N 279 
THR CA  C    sing N N 280 
THR CA  CB   sing N N 281 
THR CA  HA   sing N N 282 
THR C   O    doub N N 283 
THR C   OXT  sing N N 284 
THR CB  OG1  sing N N 285 
THR CB  CG2  sing N N 286 
THR CB  HB   sing N N 287 
THR OG1 HG1  sing N N 288 
THR CG2 HG21 sing N N 289 
THR CG2 HG22 sing N N 290 
THR CG2 HG23 sing N N 291 
THR OXT HXT  sing N N 292 
TRP N   CA   sing N N 293 
TRP N   H    sing N N 294 
TRP N   H2   sing N N 295 
TRP CA  C    sing N N 296 
TRP CA  CB   sing N N 297 
TRP CA  HA   sing N N 298 
TRP C   O    doub N N 299 
TRP C   OXT  sing N N 300 
TRP CB  CG   sing N N 301 
TRP CB  HB2  sing N N 302 
TRP CB  HB3  sing N N 303 
TRP CG  CD1  doub Y N 304 
TRP CG  CD2  sing Y N 305 
TRP CD1 NE1  sing Y N 306 
TRP CD1 HD1  sing N N 307 
TRP CD2 CE2  doub Y N 308 
TRP CD2 CE3  sing Y N 309 
TRP NE1 CE2  sing Y N 310 
TRP NE1 HE1  sing N N 311 
TRP CE2 CZ2  sing Y N 312 
TRP CE3 CZ3  doub Y N 313 
TRP CE3 HE3  sing N N 314 
TRP CZ2 CH2  doub Y N 315 
TRP CZ2 HZ2  sing N N 316 
TRP CZ3 CH2  sing Y N 317 
TRP CZ3 HZ3  sing N N 318 
TRP CH2 HH2  sing N N 319 
TRP OXT HXT  sing N N 320 
TYR N   CA   sing N N 321 
TYR N   H    sing N N 322 
TYR N   H2   sing N N 323 
TYR CA  C    sing N N 324 
TYR CA  CB   sing N N 325 
TYR CA  HA   sing N N 326 
TYR C   O    doub N N 327 
TYR C   OXT  sing N N 328 
TYR CB  CG   sing N N 329 
TYR CB  HB2  sing N N 330 
TYR CB  HB3  sing N N 331 
TYR CG  CD1  doub Y N 332 
TYR CG  CD2  sing Y N 333 
TYR CD1 CE1  sing Y N 334 
TYR CD1 HD1  sing N N 335 
TYR CD2 CE2  doub Y N 336 
TYR CD2 HD2  sing N N 337 
TYR CE1 CZ   doub Y N 338 
TYR CE1 HE1  sing N N 339 
TYR CE2 CZ   sing Y N 340 
TYR CE2 HE2  sing N N 341 
TYR CZ  OH   sing N N 342 
TYR OH  HH   sing N N 343 
TYR OXT HXT  sing N N 344 
VAL N   CA   sing N N 345 
VAL N   H    sing N N 346 
VAL N   H2   sing N N 347 
VAL CA  C    sing N N 348 
VAL CA  CB   sing N N 349 
VAL CA  HA   sing N N 350 
VAL C   O    doub N N 351 
VAL C   OXT  sing N N 352 
VAL CB  CG1  sing N N 353 
VAL CB  CG2  sing N N 354 
VAL CB  HB   sing N N 355 
VAL CG1 HG11 sing N N 356 
VAL CG1 HG12 sing N N 357 
VAL CG1 HG13 sing N N 358 
VAL CG2 HG21 sing N N 359 
VAL CG2 HG22 sing N N 360 
VAL CG2 HG23 sing N N 361 
VAL OXT HXT  sing N N 362 
# 
_atom_sites.entry_id                    3DI5 
_atom_sites.fract_transf_matrix[1][1]   0.00299553 
_atom_sites.fract_transf_matrix[1][2]   -0.00249975 
_atom_sites.fract_transf_matrix[1][3]   -0.01219195 
_atom_sites.fract_transf_matrix[2][1]   -0.00282012 
_atom_sites.fract_transf_matrix[2][2]   -0.01141998 
_atom_sites.fract_transf_matrix[2][3]   0.00164858 
_atom_sites.fract_transf_matrix[3][1]   -0.01873625 
_atom_sites.fract_transf_matrix[3][2]   0.00384839 
_atom_sites.fract_transf_matrix[3][3]   -0.00539249 
_atom_sites.fract_transf_vector[1]      0.285280 
_atom_sites.fract_transf_vector[2]      0.123500 
_atom_sites.fract_transf_vector[3]      0.414770 
# 
loop_
_atom_type.symbol 
C  
N  
NI 
O  
SE 
# 
loop_
_atom_site.group_PDB 
_atom_site.id 
_atom_site.type_symbol 
_atom_site.label_atom_id 
_atom_site.label_alt_id 
_atom_site.label_comp_id 
_atom_site.label_asym_id 
_atom_site.label_entity_id 
_atom_site.label_seq_id 
_atom_site.pdbx_PDB_ins_code 
_atom_site.Cartn_x 
_atom_site.Cartn_y 
_atom_site.Cartn_z 
_atom_site.occupancy 
_atom_site.B_iso_or_equiv 
_atom_site.pdbx_formal_charge 
_atom_site.auth_seq_id 
_atom_site.auth_comp_id 
_atom_site.auth_asym_id 
_atom_site.auth_atom_id 
_atom_site.pdbx_PDB_model_num 
HETATM 1    N  N   . MSE A 1 2   ? -1.696  14.210  12.407  1.00 67.48 ? 1   MSE A N   1 
HETATM 2    C  CA  . MSE A 1 2   ? -2.017  13.157  13.417  1.00 67.38 ? 1   MSE A CA  1 
HETATM 3    C  C   . MSE A 1 2   ? -3.335  12.448  13.072  1.00 67.17 ? 1   MSE A C   1 
HETATM 4    O  O   . MSE A 1 2   ? -4.046  12.859  12.145  1.00 67.51 ? 1   MSE A O   1 
HETATM 5    C  CB  . MSE A 1 2   ? -2.097  13.771  14.820  1.00 67.14 ? 1   MSE A CB  1 
ATOM   6    N  N   . TYR A 1 3   ? -3.610  11.355  13.793  1.00 66.54 ? 2   TYR A N   1 
ATOM   7    C  CA  . TYR A 1 3   ? -4.921  10.690  13.817  1.00 65.82 ? 2   TYR A CA  1 
ATOM   8    C  C   . TYR A 1 3   ? -5.273  10.482  15.277  1.00 64.83 ? 2   TYR A C   1 
ATOM   9    O  O   . TYR A 1 3   ? -4.559  9.769   15.982  1.00 65.23 ? 2   TYR A O   1 
ATOM   10   C  CB  . TYR A 1 3   ? -4.892  9.316   13.132  1.00 66.09 ? 2   TYR A CB  1 
ATOM   11   C  CG  . TYR A 1 3   ? -4.739  9.354   11.632  1.00 66.72 ? 2   TYR A CG  1 
ATOM   12   C  CD1 . TYR A 1 3   ? -3.472  9.397   11.050  1.00 67.06 ? 2   TYR A CD1 1 
ATOM   13   C  CD2 . TYR A 1 3   ? -5.855  9.335   10.787  1.00 66.81 ? 2   TYR A CD2 1 
ATOM   14   C  CE1 . TYR A 1 3   ? -3.314  9.428   9.669   1.00 67.20 ? 2   TYR A CE1 1 
ATOM   15   C  CE2 . TYR A 1 3   ? -5.704  9.367   9.388   1.00 66.68 ? 2   TYR A CE2 1 
ATOM   16   C  CZ  . TYR A 1 3   ? -4.424  9.411   8.847   1.00 66.65 ? 2   TYR A CZ  1 
ATOM   17   O  OH  . TYR A 1 3   ? -4.221  9.452   7.490   1.00 67.31 ? 2   TYR A OH  1 
ATOM   18   N  N   . GLN A 1 4   ? -6.362  11.092  15.737  1.00 63.41 ? 3   GLN A N   1 
ATOM   19   C  CA  . GLN A 1 4   ? -6.759  10.980  17.139  1.00 62.14 ? 3   GLN A CA  1 
ATOM   20   C  C   . GLN A 1 4   ? -7.137  9.544   17.506  1.00 60.68 ? 3   GLN A C   1 
ATOM   21   O  O   . GLN A 1 4   ? -6.843  9.095   18.606  1.00 60.60 ? 3   GLN A O   1 
ATOM   22   C  CB  . GLN A 1 4   ? -7.922  11.931  17.455  1.00 62.10 ? 3   GLN A CB  1 
ATOM   23   N  N   . THR A 1 5   ? -7.759  8.817   16.580  1.00 59.24 ? 4   THR A N   1 
ATOM   24   C  CA  . THR A 1 5   ? -8.326  7.505   16.901  1.00 57.91 ? 4   THR A CA  1 
ATOM   25   C  C   . THR A 1 5   ? -8.036  6.407   15.871  1.00 56.62 ? 4   THR A C   1 
ATOM   26   O  O   . THR A 1 5   ? -7.820  6.681   14.691  1.00 56.20 ? 4   THR A O   1 
ATOM   27   C  CB  . THR A 1 5   ? -9.867  7.617   17.087  1.00 58.17 ? 4   THR A CB  1 
ATOM   28   O  OG1 . THR A 1 5   ? -10.439 6.307   17.255  1.00 59.26 ? 4   THR A OG1 1 
ATOM   29   C  CG2 . THR A 1 5   ? -10.524 8.313   15.887  1.00 57.72 ? 4   THR A CG2 1 
ATOM   30   N  N   . ILE A 1 6   ? -8.072  5.164   16.342  1.00 55.05 ? 5   ILE A N   1 
ATOM   31   C  CA  . ILE A 1 6   ? -7.961  3.986   15.485  1.00 54.14 ? 5   ILE A CA  1 
ATOM   32   C  C   . ILE A 1 6   ? -9.100  3.906   14.469  1.00 53.68 ? 5   ILE A C   1 
ATOM   33   O  O   . ILE A 1 6   ? -8.859  3.673   13.293  1.00 53.74 ? 5   ILE A O   1 
ATOM   34   C  CB  . ILE A 1 6   ? -7.959  2.675   16.304  1.00 53.85 ? 5   ILE A CB  1 
ATOM   35   C  CG1 . ILE A 1 6   ? -6.741  2.602   17.220  1.00 53.39 ? 5   ILE A CG1 1 
ATOM   36   C  CG2 . ILE A 1 6   ? -7.990  1.451   15.376  1.00 54.49 ? 5   ILE A CG2 1 
ATOM   37   C  CD1 . ILE A 1 6   ? -5.416  2.711   16.512  1.00 53.23 ? 5   ILE A CD1 1 
ATOM   38   N  N   . GLU A 1 7   ? -10.342 4.086   14.914  1.00 52.98 ? 6   GLU A N   1 
ATOM   39   C  CA  . GLU A 1 7   ? -11.479 4.029   13.995  1.00 52.29 ? 6   GLU A CA  1 
ATOM   40   C  C   . GLU A 1 7   ? -11.428 5.175   12.997  1.00 50.67 ? 6   GLU A C   1 
ATOM   41   O  O   . GLU A 1 7   ? -11.810 5.005   11.854  1.00 51.06 ? 6   GLU A O   1 
ATOM   42   C  CB  . GLU A 1 7   ? -12.822 4.041   14.745  1.00 52.96 ? 6   GLU A CB  1 
ATOM   43   C  CG  . GLU A 1 7   ? -13.080 2.794   15.606  1.00 55.77 ? 6   GLU A CG  1 
ATOM   44   C  CD  . GLU A 1 7   ? -12.861 1.474   14.863  1.00 59.09 ? 6   GLU A CD  1 
ATOM   45   O  OE1 . GLU A 1 7   ? -13.363 1.332   13.713  1.00 61.36 ? 6   GLU A OE1 1 
ATOM   46   O  OE2 . GLU A 1 7   ? -12.195 0.576   15.448  1.00 60.81 ? 6   GLU A OE2 1 
ATOM   47   N  N   . GLY A 1 8   ? -10.938 6.329   13.422  1.00 48.43 ? 7   GLY A N   1 
ATOM   48   C  CA  . GLY A 1 8   ? -10.772 7.457   12.523  1.00 47.15 ? 7   GLY A CA  1 
ATOM   49   C  C   . GLY A 1 8   ? -9.821  7.137   11.383  1.00 46.15 ? 7   GLY A C   1 
ATOM   50   O  O   . GLY A 1 8   ? -10.065 7.528   10.238  1.00 45.59 ? 7   GLY A O   1 
ATOM   51   N  N   . PHE A 1 9   ? -8.736  6.428   11.697  1.00 44.90 ? 8   PHE A N   1 
ATOM   52   C  CA  . PHE A 1 9   ? -7.770  6.009   10.684  1.00 43.84 ? 8   PHE A CA  1 
ATOM   53   C  C   . PHE A 1 9   ? -8.386  4.991   9.743   1.00 43.34 ? 8   PHE A C   1 
ATOM   54   O  O   . PHE A 1 9   ? -8.149  5.047   8.544   1.00 43.35 ? 8   PHE A O   1 
ATOM   55   C  CB  . PHE A 1 9   ? -6.486  5.430   11.297  1.00 43.21 ? 8   PHE A CB  1 
ATOM   56   C  CG  . PHE A 1 9   ? -5.600  4.736   10.284  1.00 43.07 ? 8   PHE A CG  1 
ATOM   57   C  CD1 . PHE A 1 9   ? -4.881  5.468   9.356   1.00 42.55 ? 8   PHE A CD1 1 
ATOM   58   C  CD2 . PHE A 1 9   ? -5.516  3.354   10.240  1.00 41.66 ? 8   PHE A CD2 1 
ATOM   59   C  CE1 . PHE A 1 9   ? -4.093  4.835   8.408   1.00 42.21 ? 8   PHE A CE1 1 
ATOM   60   C  CE2 . PHE A 1 9   ? -4.736  2.722   9.290   1.00 41.83 ? 8   PHE A CE2 1 
ATOM   61   C  CZ  . PHE A 1 9   ? -4.022  3.473   8.375   1.00 41.14 ? 8   PHE A CZ  1 
ATOM   62   N  N   . LEU A 1 10  ? -9.170  4.061   10.285  1.00 43.00 ? 9   LEU A N   1 
ATOM   63   C  CA  . LEU A 1 10  ? -9.736  2.977   9.484   1.00 42.69 ? 9   LEU A CA  1 
ATOM   64   C  C   . LEU A 1 10  ? -10.812 3.466   8.506   1.00 42.59 ? 9   LEU A C   1 
ATOM   65   O  O   . LEU A 1 10  ? -10.995 2.874   7.447   1.00 42.28 ? 9   LEU A O   1 
ATOM   66   C  CB  . LEU A 1 10  ? -10.254 1.845   10.384  1.00 42.45 ? 9   LEU A CB  1 
ATOM   67   C  CG  . LEU A 1 10  ? -9.126  1.130   11.140  1.00 41.60 ? 9   LEU A CG  1 
ATOM   68   C  CD1 . LEU A 1 10  ? -9.647  0.158   12.185  1.00 40.52 ? 9   LEU A CD1 1 
ATOM   69   C  CD2 . LEU A 1 10  ? -8.201  0.430   10.171  1.00 42.49 ? 9   LEU A CD2 1 
ATOM   70   N  N   . GLN A 1 11  ? -11.494 4.561   8.844   1.00 42.38 ? 10  GLN A N   1 
ATOM   71   C  CA  . GLN A 1 11  ? -12.437 5.203   7.913   1.00 41.96 ? 10  GLN A CA  1 
ATOM   72   C  C   . GLN A 1 11  ? -11.687 5.791   6.709   1.00 41.70 ? 10  GLN A C   1 
ATOM   73   O  O   . GLN A 1 11  ? -12.134 5.661   5.569   1.00 41.65 ? 10  GLN A O   1 
ATOM   74   C  CB  . GLN A 1 11  ? -13.276 6.284   8.615   1.00 41.95 ? 10  GLN A CB  1 
ATOM   75   N  N   . SER A 1 12  ? -10.550 6.436   6.966   1.00 41.31 ? 11  SER A N   1 
ATOM   76   C  CA  . SER A 1 12  ? -9.664  6.889   5.897   1.00 41.21 ? 11  SER A CA  1 
ATOM   77   C  C   . SER A 1 12  ? -9.048  5.686   5.158   1.00 40.77 ? 11  SER A C   1 
ATOM   78   O  O   . SER A 1 12  ? -9.111  5.607   3.935   1.00 40.67 ? 11  SER A O   1 
ATOM   79   C  CB  . SER A 1 12  ? -8.560  7.793   6.467   1.00 41.13 ? 11  SER A CB  1 
ATOM   80   N  N   . TRP A 1 13  ? -8.480  4.746   5.905   1.00 40.55 ? 12  TRP A N   1 
ATOM   81   C  CA  . TRP A 1 13  ? -7.807  3.579   5.327   1.00 40.77 ? 12  TRP A CA  1 
ATOM   82   C  C   . TRP A 1 13  ? -8.723  2.694   4.478   1.00 41.18 ? 12  TRP A C   1 
ATOM   83   O  O   . TRP A 1 13  ? -8.300  2.157   3.455   1.00 41.09 ? 12  TRP A O   1 
ATOM   84   C  CB  . TRP A 1 13  ? -7.162  2.735   6.440   1.00 40.37 ? 12  TRP A CB  1 
ATOM   85   C  CG  . TRP A 1 13  ? -6.329  1.594   5.936   1.00 39.72 ? 12  TRP A CG  1 
ATOM   86   C  CD1 . TRP A 1 13  ? -6.547  0.270   6.151   1.00 38.90 ? 12  TRP A CD1 1 
ATOM   87   C  CD2 . TRP A 1 13  ? -5.150  1.687   5.126   1.00 37.40 ? 12  TRP A CD2 1 
ATOM   88   N  NE1 . TRP A 1 13  ? -5.573  -0.473  5.515   1.00 39.94 ? 12  TRP A NE1 1 
ATOM   89   C  CE2 . TRP A 1 13  ? -4.704  0.375   4.887   1.00 36.37 ? 12  TRP A CE2 1 
ATOM   90   C  CE3 . TRP A 1 13  ? -4.435  2.757   4.573   1.00 38.39 ? 12  TRP A CE3 1 
ATOM   91   C  CZ2 . TRP A 1 13  ? -3.586  0.096   4.111   1.00 39.00 ? 12  TRP A CZ2 1 
ATOM   92   C  CZ3 . TRP A 1 13  ? -3.316  2.483   3.798   1.00 39.08 ? 12  TRP A CZ3 1 
ATOM   93   C  CH2 . TRP A 1 13  ? -2.898  1.157   3.584   1.00 39.11 ? 12  TRP A CH2 1 
ATOM   94   N  N   . THR A 1 14  ? -9.975  2.538   4.901   1.00 41.85 ? 13  THR A N   1 
ATOM   95   C  CA  . THR A 1 14  ? -10.952 1.721   4.170   1.00 41.85 ? 13  THR A CA  1 
ATOM   96   C  C   . THR A 1 14  ? -11.220 2.286   2.773   1.00 42.11 ? 13  THR A C   1 
ATOM   97   O  O   . THR A 1 14  ? -11.274 1.532   1.819   1.00 41.71 ? 13  THR A O   1 
ATOM   98   C  CB  . THR A 1 14  ? -12.279 1.575   4.970   1.00 42.21 ? 13  THR A CB  1 
ATOM   99   O  OG1 . THR A 1 14  ? -12.004 0.941   6.224   1.00 42.84 ? 13  THR A OG1 1 
ATOM   100  C  CG2 . THR A 1 14  ? -13.326 0.733   4.213   1.00 41.66 ? 13  THR A CG2 1 
ATOM   101  N  N   . TYR A 1 15  ? -11.366 3.608   2.649   1.00 42.84 ? 14  TYR A N   1 
ATOM   102  C  CA  . TYR A 1 15  ? -11.538 4.244   1.332   1.00 43.23 ? 14  TYR A CA  1 
ATOM   103  C  C   . TYR A 1 15  ? -10.286 4.043   0.461   1.00 42.43 ? 14  TYR A C   1 
ATOM   104  O  O   . TYR A 1 15  ? -10.389 3.805   -0.739  1.00 42.22 ? 14  TYR A O   1 
ATOM   105  C  CB  . TYR A 1 15  ? -11.847 5.751   1.461   1.00 44.38 ? 14  TYR A CB  1 
ATOM   106  C  CG  . TYR A 1 15  ? -11.998 6.456   0.116   1.00 45.95 ? 14  TYR A CG  1 
ATOM   107  C  CD1 . TYR A 1 15  ? -10.874 6.918   -0.588  1.00 47.52 ? 14  TYR A CD1 1 
ATOM   108  C  CD2 . TYR A 1 15  ? -13.259 6.646   -0.467  1.00 47.51 ? 14  TYR A CD2 1 
ATOM   109  C  CE1 . TYR A 1 15  ? -10.999 7.551   -1.837  1.00 47.80 ? 14  TYR A CE1 1 
ATOM   110  C  CE2 . TYR A 1 15  ? -13.394 7.281   -1.719  1.00 47.55 ? 14  TYR A CE2 1 
ATOM   111  C  CZ  . TYR A 1 15  ? -12.258 7.727   -2.395  1.00 47.61 ? 14  TYR A CZ  1 
ATOM   112  O  OH  . TYR A 1 15  ? -12.373 8.351   -3.623  1.00 47.57 ? 14  TYR A OH  1 
ATOM   113  N  N   . GLU A 1 16  ? -9.108  4.166   1.064   1.00 41.66 ? 15  GLU A N   1 
ATOM   114  C  CA  . GLU A 1 16  ? -7.846  4.016   0.332   1.00 41.25 ? 15  GLU A CA  1 
ATOM   115  C  C   . GLU A 1 16  ? -7.647  2.589   -0.164  1.00 40.71 ? 15  GLU A C   1 
ATOM   116  O  O   . GLU A 1 16  ? -7.272  2.376   -1.318  1.00 41.46 ? 15  GLU A O   1 
ATOM   117  C  CB  . GLU A 1 16  ? -6.664  4.430   1.206   1.00 41.21 ? 15  GLU A CB  1 
ATOM   118  C  CG  . GLU A 1 16  ? -6.642  5.915   1.584   1.00 40.06 ? 15  GLU A CG  1 
ATOM   119  C  CD  . GLU A 1 16  ? -6.691  6.838   0.388   1.00 40.80 ? 15  GLU A CD  1 
ATOM   120  O  OE1 . GLU A 1 16  ? -6.017  6.559   -0.615  1.00 43.05 ? 15  GLU A OE1 1 
ATOM   121  O  OE2 . GLU A 1 16  ? -7.392  7.861   0.436   1.00 40.70 ? 15  GLU A OE2 1 
ATOM   122  N  N   . THR A 1 17  ? -7.894  1.613   0.697   1.00 40.48 ? 16  THR A N   1 
ATOM   123  C  CA  . THR A 1 17  ? -7.702  0.212   0.320   1.00 40.67 ? 16  THR A CA  1 
ATOM   124  C  C   . THR A 1 17  ? -8.733  -0.267  -0.695  1.00 40.57 ? 16  THR A C   1 
ATOM   125  O  O   . THR A 1 17  ? -8.369  -0.969  -1.648  1.00 40.78 ? 16  THR A O   1 
ATOM   126  C  CB  . THR A 1 17  ? -7.716  -0.743  1.532   1.00 40.47 ? 16  THR A CB  1 
ATOM   127  O  OG1 . THR A 1 17  ? -8.979  -0.678  2.191   1.00 43.09 ? 16  THR A OG1 1 
ATOM   128  C  CG2 . THR A 1 17  ? -6.619  -0.394  2.519   1.00 40.12 ? 16  THR A CG2 1 
ATOM   129  N  N   . GLU A 1 18  ? -10.007 0.099   -0.499  1.00 39.86 ? 17  GLU A N   1 
ATOM   130  C  CA  . GLU A 1 18  ? -11.056 -0.263  -1.456  1.00 39.51 ? 17  GLU A CA  1 
ATOM   131  C  C   . GLU A 1 18  ? -10.691 0.250   -2.847  1.00 39.87 ? 17  GLU A C   1 
ATOM   132  O  O   . GLU A 1 18  ? -10.747 -0.493  -3.832  1.00 39.64 ? 17  GLU A O   1 
ATOM   133  C  CB  . GLU A 1 18  ? -12.447 0.281   -1.021  1.00 39.19 ? 17  GLU A CB  1 
ATOM   134  C  CG  . GLU A 1 18  ? -13.112 -0.509  0.142   1.00 40.37 ? 17  GLU A CG  1 
ATOM   135  C  CD  . GLU A 1 18  ? -14.537 -0.023  0.514   1.00 38.16 ? 17  GLU A CD  1 
ATOM   136  N  N   . SER A 1 19  ? -10.311 1.524   -2.909  1.00 40.25 ? 18  SER A N   1 
ATOM   137  C  CA  . SER A 1 19  ? -9.892  2.169   -4.153  1.00 40.99 ? 18  SER A CA  1 
ATOM   138  C  C   . SER A 1 19  ? -8.672  1.489   -4.801  1.00 40.55 ? 18  SER A C   1 
ATOM   139  O  O   . SER A 1 19  ? -8.639  1.289   -5.998  1.00 41.38 ? 18  SER A O   1 
ATOM   140  C  CB  . SER A 1 19  ? -9.606  3.658   -3.889  1.00 41.43 ? 18  SER A CB  1 
ATOM   141  O  OG  . SER A 1 19  ? -8.787  4.221   -4.914  1.00 44.83 ? 18  SER A OG  1 
ATOM   142  N  N   . THR A 1 20  ? -7.676  1.127   -4.004  1.00 40.09 ? 19  THR A N   1 
ATOM   143  C  CA  . THR A 1 20  ? -6.469  0.503   -4.522  1.00 39.40 ? 19  THR A CA  1 
ATOM   144  C  C   . THR A 1 20  ? -6.765  -0.898  -5.029  1.00 40.16 ? 19  THR A C   1 
ATOM   145  O  O   . THR A 1 20  ? -6.305  -1.278  -6.097  1.00 39.94 ? 19  THR A O   1 
ATOM   146  C  CB  . THR A 1 20  ? -5.344  0.490   -3.451  1.00 39.05 ? 19  THR A CB  1 
ATOM   147  O  OG1 . THR A 1 20  ? -5.121  1.835   -3.023  1.00 38.12 ? 19  THR A OG1 1 
ATOM   148  C  CG2 . THR A 1 20  ? -4.043  -0.073  -4.004  1.00 38.05 ? 19  THR A CG2 1 
ATOM   149  N  N   . GLN A 1 21  ? -7.561  -1.642  -4.266  1.00 40.47 ? 20  GLN A N   1 
ATOM   150  C  CA  . GLN A 1 21  ? -7.912  -3.016  -4.601  1.00 40.77 ? 20  GLN A CA  1 
ATOM   151  C  C   . GLN A 1 21  ? -8.710  -3.099  -5.899  1.00 41.36 ? 20  GLN A C   1 
ATOM   152  O  O   . GLN A 1 21  ? -8.521  -4.043  -6.669  1.00 41.53 ? 20  GLN A O   1 
ATOM   153  C  CB  . GLN A 1 21  ? -8.708  -3.644  -3.454  1.00 40.66 ? 20  GLN A CB  1 
ATOM   154  C  CG  . GLN A 1 21  ? -9.038  -5.124  -3.635  1.00 40.31 ? 20  GLN A CG  1 
ATOM   155  C  CD  . GLN A 1 21  ? -7.830  -6.014  -3.452  1.00 40.59 ? 20  GLN A CD  1 
ATOM   156  O  OE1 . GLN A 1 21  ? -7.287  -6.113  -2.357  1.00 39.78 ? 20  GLN A OE1 1 
ATOM   157  N  NE2 . GLN A 1 21  ? -7.424  -6.698  -4.517  1.00 40.39 ? 20  GLN A NE2 1 
ATOM   158  N  N   . LYS A 1 22  ? -9.597  -2.128  -6.130  1.00 41.97 ? 21  LYS A N   1 
ATOM   159  C  CA  . LYS A 1 22  ? -10.389 -2.063  -7.368  1.00 42.84 ? 21  LYS A CA  1 
ATOM   160  C  C   . LYS A 1 22  ? -9.490  -1.915  -8.594  1.00 42.30 ? 21  LYS A C   1 
ATOM   161  O  O   . LYS A 1 22  ? -9.720  -2.544  -9.624  1.00 41.33 ? 21  LYS A O   1 
ATOM   162  C  CB  . LYS A 1 22  ? -11.368 -0.884  -7.351  1.00 42.87 ? 21  LYS A CB  1 
ATOM   163  C  CG  . LYS A 1 22  ? -12.582 -1.048  -6.452  1.00 44.80 ? 21  LYS A CG  1 
ATOM   164  C  CD  . LYS A 1 22  ? -13.606 0.109   -6.627  1.00 45.52 ? 21  LYS A CD  1 
ATOM   165  C  CE  . LYS A 1 22  ? -12.916 1.489   -6.536  1.00 47.96 ? 21  LYS A CE  1 
ATOM   166  N  NZ  . LYS A 1 22  ? -13.889 2.598   -6.369  1.00 50.07 ? 21  LYS A NZ  1 
HETATM 167  N  N   . MSE A 1 23  ? -8.476  -1.058  -8.476  1.00 41.83 ? 22  MSE A N   1 
HETATM 168  C  CA  . MSE A 1 23  ? -7.524  -0.878  -9.550  1.00 42.13 ? 22  MSE A CA  1 
HETATM 169  C  C   . MSE A 1 23  ? -6.686  -2.135  -9.792  1.00 41.34 ? 22  MSE A C   1 
HETATM 170  O  O   . MSE A 1 23  ? -6.578  -2.609  -10.925 1.00 41.70 ? 22  MSE A O   1 
HETATM 171  C  CB  . MSE A 1 23  ? -6.675  0.350   -9.285  1.00 41.41 ? 22  MSE A CB  1 
HETATM 172  C  CG  . MSE A 1 23  ? -7.502  1.599   -9.443  1.00 41.76 ? 22  MSE A CG  1 
HETATM 173  SE SE  . MSE A 1 23  ? -6.318  3.012   -9.275  0.75 46.00 ? 22  MSE A SE  1 
HETATM 174  C  CE  . MSE A 1 23  ? -7.563  4.441   -8.833  1.00 42.97 ? 22  MSE A CE  1 
ATOM   175  N  N   . LEU A 1 24  ? -6.164  -2.712  -8.725  1.00 41.06 ? 23  LEU A N   1 
ATOM   176  C  CA  . LEU A 1 24  ? -5.405  -3.962  -8.804  1.00 40.50 ? 23  LEU A CA  1 
ATOM   177  C  C   . LEU A 1 24  ? -6.214  -5.060  -9.421  1.00 40.38 ? 23  LEU A C   1 
ATOM   178  O  O   . LEU A 1 24  ? -5.669  -5.883  -10.137 1.00 40.99 ? 23  LEU A O   1 
ATOM   179  C  CB  . LEU A 1 24  ? -4.898  -4.403  -7.410  1.00 40.12 ? 23  LEU A CB  1 
ATOM   180  C  CG  . LEU A 1 24  ? -3.697  -3.604  -6.872  1.00 38.27 ? 23  LEU A CG  1 
ATOM   181  C  CD1 . LEU A 1 24  ? -3.271  -4.093  -5.503  1.00 35.14 ? 23  LEU A CD1 1 
ATOM   182  C  CD2 . LEU A 1 24  ? -2.526  -3.685  -7.819  1.00 36.73 ? 23  LEU A CD2 1 
ATOM   183  N  N   . ASP A 1 25  ? -7.520  -5.074  -9.150  1.00 40.31 ? 24  ASP A N   1 
ATOM   184  C  CA  . ASP A 1 25  ? -8.412  -6.123  -9.659  1.00 40.03 ? 24  ASP A CA  1 
ATOM   185  C  C   . ASP A 1 25  ? -8.629  -6.039  -11.176 1.00 39.37 ? 24  ASP A C   1 
ATOM   186  O  O   . ASP A 1 25  ? -9.001  -7.029  -11.796 1.00 38.85 ? 24  ASP A O   1 
ATOM   187  C  CB  . ASP A 1 25  ? -9.774  -6.102  -8.921  1.00 40.24 ? 24  ASP A CB  1 
ATOM   188  C  CG  . ASP A 1 25  ? -9.702  -6.687  -7.496  1.00 40.77 ? 24  ASP A CG  1 
ATOM   189  O  OD1 . ASP A 1 25  ? -8.684  -7.321  -7.143  1.00 42.10 ? 24  ASP A OD1 1 
ATOM   190  O  OD2 . ASP A 1 25  ? -10.676 -6.520  -6.722  1.00 43.46 ? 24  ASP A OD2 1 
ATOM   191  N  N   . VAL A 1 26  ? -8.386  -4.870  -11.765 1.00 38.26 ? 25  VAL A N   1 
ATOM   192  C  CA  . VAL A 1 26  ? -8.570  -4.668  -13.214 1.00 38.17 ? 25  VAL A CA  1 
ATOM   193  C  C   . VAL A 1 26  ? -7.331  -5.051  -14.039 1.00 37.59 ? 25  VAL A C   1 
ATOM   194  O  O   . VAL A 1 26  ? -7.410  -5.212  -15.257 1.00 36.68 ? 25  VAL A O   1 
ATOM   195  C  CB  . VAL A 1 26  ? -8.901  -3.188  -13.501 1.00 38.15 ? 25  VAL A CB  1 
ATOM   196  C  CG1 . VAL A 1 26  ? -8.976  -2.923  -14.989 1.00 38.34 ? 25  VAL A CG1 1 
ATOM   197  C  CG2 . VAL A 1 26  ? -10.208 -2.806  -12.821 1.00 39.21 ? 25  VAL A CG2 1 
ATOM   198  N  N   . LEU A 1 27  ? -6.187  -5.187  -13.372 1.00 37.24 ? 26  LEU A N   1 
ATOM   199  C  CA  . LEU A 1 27  ? -4.909  -5.375  -14.069 1.00 37.75 ? 26  LEU A CA  1 
ATOM   200  C  C   . LEU A 1 27  ? -4.908  -6.756  -14.706 1.00 37.41 ? 26  LEU A C   1 
ATOM   201  O  O   . LEU A 1 27  ? -5.493  -7.706  -14.173 1.00 37.48 ? 26  LEU A O   1 
ATOM   202  C  CB  . LEU A 1 27  ? -3.707  -5.179  -13.108 1.00 37.39 ? 26  LEU A CB  1 
ATOM   203  C  CG  . LEU A 1 27  ? -3.045  -3.787  -12.989 1.00 38.57 ? 26  LEU A CG  1 
ATOM   204  C  CD1 . LEU A 1 27  ? -3.992  -2.606  -12.979 1.00 41.47 ? 26  LEU A CD1 1 
ATOM   205  C  CD2 . LEU A 1 27  ? -2.140  -3.727  -11.750 1.00 38.55 ? 26  LEU A CD2 1 
ATOM   206  N  N   . THR A 1 28  ? -4.294  -6.839  -15.880 1.00 37.39 ? 27  THR A N   1 
ATOM   207  C  CA  . THR A 1 28  ? -4.118  -8.092  -16.591 1.00 36.78 ? 27  THR A CA  1 
ATOM   208  C  C   . THR A 1 28  ? -2.634  -8.393  -16.575 1.00 36.71 ? 27  THR A C   1 
ATOM   209  O  O   . THR A 1 28  ? -1.822  -7.501  -16.303 1.00 36.22 ? 27  THR A O   1 
ATOM   210  C  CB  . THR A 1 28  ? -4.582  -7.970  -18.048 1.00 36.70 ? 27  THR A CB  1 
ATOM   211  O  OG1 . THR A 1 28  ? -3.789  -6.976  -18.713 1.00 35.79 ? 27  THR A OG1 1 
ATOM   212  C  CG2 . THR A 1 28  ? -6.051  -7.564  -18.111 1.00 36.04 ? 27  THR A CG2 1 
ATOM   213  N  N   . ASP A 1 29  ? -2.297  -9.646  -16.869 1.00 36.48 ? 28  ASP A N   1 
ATOM   214  C  CA  . ASP A 1 29  ? -0.911  -10.092 -16.944 1.00 36.48 ? 28  ASP A CA  1 
ATOM   215  C  C   . ASP A 1 29  ? -0.120  -9.286  -17.959 1.00 36.24 ? 28  ASP A C   1 
ATOM   216  O  O   . ASP A 1 29  ? 1.021   -8.913  -17.703 1.00 35.36 ? 28  ASP A O   1 
ATOM   217  C  CB  . ASP A 1 29  ? -0.842  -11.569 -17.311 1.00 36.48 ? 28  ASP A CB  1 
ATOM   218  C  CG  . ASP A 1 29  ? -1.334  -12.477 -16.199 1.00 36.42 ? 28  ASP A CG  1 
ATOM   219  O  OD1 . ASP A 1 29  ? -1.713  -11.977 -15.119 1.00 37.35 ? 28  ASP A OD1 1 
ATOM   220  O  OD2 . ASP A 1 29  ? -1.336  -13.706 -16.401 1.00 37.41 ? 28  ASP A OD2 1 
ATOM   221  N  N   . GLU A 1 30  ? -0.747  -8.997  -19.090 1.00 36.42 ? 29  GLU A N   1 
ATOM   222  C  CA  . GLU A 1 30  ? -0.113  -8.231  -20.166 1.00 36.73 ? 29  GLU A CA  1 
ATOM   223  C  C   . GLU A 1 30  ? 0.218   -6.817  -19.735 1.00 36.58 ? 29  GLU A C   1 
ATOM   224  O  O   . GLU A 1 30  ? 1.303   -6.313  -20.044 1.00 36.92 ? 29  GLU A O   1 
ATOM   225  C  CB  . GLU A 1 30  ? -1.032  -8.175  -21.396 1.00 36.94 ? 29  GLU A CB  1 
ATOM   226  C  CG  . GLU A 1 30  ? -0.368  -7.582  -22.649 1.00 37.22 ? 29  GLU A CG  1 
ATOM   227  N  N   . SER A 1 31  ? -0.720  -6.183  -19.024 1.00 36.43 ? 30  SER A N   1 
ATOM   228  C  CA  . SER A 1 31  ? -0.588  -4.777  -18.577 1.00 36.31 ? 30  SER A CA  1 
ATOM   229  C  C   . SER A 1 31  ? 0.595   -4.540  -17.665 1.00 36.16 ? 30  SER A C   1 
ATOM   230  O  O   . SER A 1 31  ? 1.142   -3.434  -17.622 1.00 37.55 ? 30  SER A O   1 
ATOM   231  C  CB  . SER A 1 31  ? -1.863  -4.301  -17.867 1.00 36.25 ? 30  SER A CB  1 
ATOM   232  O  OG  . SER A 1 31  ? -2.066  -4.973  -16.634 1.00 36.58 ? 30  SER A OG  1 
ATOM   233  N  N   . LEU A 1 32  ? 0.997   -5.577  -16.950 1.00 35.91 ? 31  LEU A N   1 
ATOM   234  C  CA  . LEU A 1 32  ? 2.117   -5.512  -16.029 1.00 35.90 ? 31  LEU A CA  1 
ATOM   235  C  C   . LEU A 1 32  ? 3.413   -5.091  -16.708 1.00 35.76 ? 31  LEU A C   1 
ATOM   236  O  O   . LEU A 1 32  ? 4.276   -4.492  -16.059 1.00 36.37 ? 31  LEU A O   1 
ATOM   237  C  CB  . LEU A 1 32  ? 2.317   -6.872  -15.332 1.00 35.53 ? 31  LEU A CB  1 
ATOM   238  C  CG  . LEU A 1 32  ? 1.150   -7.370  -14.482 1.00 35.42 ? 31  LEU A CG  1 
ATOM   239  C  CD1 . LEU A 1 32  ? 1.633   -8.568  -13.709 1.00 34.66 ? 31  LEU A CD1 1 
ATOM   240  C  CD2 . LEU A 1 32  ? 0.556   -6.275  -13.546 1.00 36.79 ? 31  LEU A CD2 1 
ATOM   241  N  N   . SER A 1 33  ? 3.551   -5.376  -18.006 1.00 35.50 ? 32  SER A N   1 
ATOM   242  C  CA  . SER A 1 33  ? 4.770   -5.012  -18.722 1.00 35.38 ? 32  SER A CA  1 
ATOM   243  C  C   . SER A 1 33  ? 4.751   -3.551  -19.181 1.00 35.55 ? 32  SER A C   1 
ATOM   244  O  O   . SER A 1 33  ? 5.751   -3.059  -19.665 1.00 35.03 ? 32  SER A O   1 
ATOM   245  C  CB  . SER A 1 33  ? 5.034   -5.959  -19.894 1.00 35.21 ? 32  SER A CB  1 
ATOM   246  O  OG  . SER A 1 33  ? 4.041   -5.863  -20.894 1.00 36.76 ? 32  SER A OG  1 
ATOM   247  N  N   . GLN A 1 34  ? 3.660   -2.853  -18.943 1.00 35.94 ? 33  GLN A N   1 
ATOM   248  C  CA  . GLN A 1 34  ? 3.546   -1.473  -19.375 1.00 36.42 ? 33  GLN A CA  1 
ATOM   249  C  C   . GLN A 1 34  ? 4.528   -0.534  -18.699 1.00 37.94 ? 33  GLN A C   1 
ATOM   250  O  O   . GLN A 1 34  ? 4.580   -0.480  -17.536 1.00 37.84 ? 33  GLN A O   1 
ATOM   251  C  CB  . GLN A 1 34  ? 2.119   -0.977  -19.207 1.00 36.12 ? 33  GLN A CB  1 
ATOM   252  C  CG  . GLN A 1 34  ? 1.839   0.332   -19.916 1.00 34.98 ? 33  GLN A CG  1 
ATOM   253  C  CD  . GLN A 1 34  ? 1.615   0.185   -21.418 1.00 34.24 ? 33  GLN A CD  1 
ATOM   254  O  OE1 . GLN A 1 34  ? 1.127   -0.811  -21.898 1.00 31.29 ? 33  GLN A OE1 1 
ATOM   255  N  NE2 . GLN A 1 34  ? 1.986   1.181   -22.135 1.00 29.63 ? 33  GLN A NE2 1 
ATOM   256  N  N   . GLU A 1 35  ? 5.268   0.246   -19.453 1.00 40.01 ? 34  GLU A N   1 
ATOM   257  C  CA  . GLU A 1 35  ? 6.403   0.953   -18.904 1.00 41.29 ? 34  GLU A CA  1 
ATOM   258  C  C   . GLU A 1 35  ? 6.219   2.433   -18.782 1.00 41.72 ? 34  GLU A C   1 
ATOM   259  O  O   . GLU A 1 35  ? 5.678   3.057   -19.624 1.00 42.17 ? 34  GLU A O   1 
ATOM   260  C  CB  . GLU A 1 35  ? 7.659   0.663   -19.726 1.00 41.31 ? 34  GLU A CB  1 
ATOM   261  N  N   . ILE A 1 36  ? 6.753   3.011   -17.744 1.00 42.30 ? 35  ILE A N   1 
ATOM   262  C  CA  . ILE A 1 36  ? 6.849   4.451   -17.673 1.00 42.71 ? 35  ILE A CA  1 
ATOM   263  C  C   . ILE A 1 36  ? 7.611   5.079   -18.794 1.00 43.11 ? 35  ILE A C   1 
ATOM   264  O  O   . ILE A 1 36  ? 7.232   6.092   -19.271 1.00 44.11 ? 35  ILE A O   1 
ATOM   265  C  CB  . ILE A 1 36  ? 7.484   4.901   -16.424 1.00 42.57 ? 35  ILE A CB  1 
ATOM   266  C  CG1 . ILE A 1 36  ? 6.653   4.504   -15.247 1.00 43.35 ? 35  ILE A CG1 1 
ATOM   267  C  CG2 . ILE A 1 36  ? 7.801   6.361   -16.486 1.00 42.92 ? 35  ILE A CG2 1 
ATOM   268  C  CD1 . ILE A 1 36  ? 7.194   4.915   -14.002 1.00 46.42 ? 35  ILE A CD1 1 
ATOM   269  N  N   . ALA A 1 37  ? 8.727   4.484   -19.160 1.00 42.78 ? 36  ALA A N   1 
ATOM   270  C  CA  . ALA A 1 37  ? 9.603   4.952   -20.223 1.00 42.55 ? 36  ALA A CA  1 
ATOM   271  C  C   . ALA A 1 37  ? 10.681  3.891   -20.452 1.00 42.14 ? 36  ALA A C   1 
ATOM   272  O  O   . ALA A 1 37  ? 10.838  2.975   -19.648 1.00 42.00 ? 36  ALA A O   1 
ATOM   273  C  CB  . ALA A 1 37  ? 10.233  6.294   -19.852 1.00 42.64 ? 36  ALA A CB  1 
ATOM   274  N  N   . PRO A 1 38  ? 11.395  3.972   -21.574 1.00 42.20 ? 37  PRO A N   1 
ATOM   275  C  CA  . PRO A 1 38  ? 12.484  3.019   -21.752 1.00 41.84 ? 37  PRO A CA  1 
ATOM   276  C  C   . PRO A 1 38  ? 13.495  3.121   -20.618 1.00 41.06 ? 37  PRO A C   1 
ATOM   277  O  O   . PRO A 1 38  ? 13.955  4.218   -20.292 1.00 41.34 ? 37  PRO A O   1 
ATOM   278  C  CB  . PRO A 1 38  ? 13.079  3.437   -23.086 1.00 42.16 ? 37  PRO A CB  1 
ATOM   279  C  CG  . PRO A 1 38  ? 11.918  4.072   -23.790 1.00 42.26 ? 37  PRO A CG  1 
ATOM   280  C  CD  . PRO A 1 38  ? 11.262  4.860   -22.738 1.00 41.99 ? 37  PRO A CD  1 
ATOM   281  N  N   . GLY A 1 39  ? 13.787  1.991   -19.984 1.00 40.27 ? 38  GLY A N   1 
ATOM   282  C  CA  . GLY A 1 39  ? 14.752  1.967   -18.888 1.00 39.62 ? 38  GLY A CA  1 
ATOM   283  C  C   . GLY A 1 39  ? 14.147  2.267   -17.534 1.00 39.24 ? 38  GLY A C   1 
ATOM   284  O  O   . GLY A 1 39  ? 14.868  2.384   -16.548 1.00 38.25 ? 38  GLY A O   1 
ATOM   285  N  N   . HIS A 1 40  ? 12.818  2.367   -17.479 1.00 38.72 ? 39  HIS A N   1 
ATOM   286  C  CA  . HIS A 1 40  ? 12.117  2.703   -16.252 1.00 38.82 ? 39  HIS A CA  1 
ATOM   287  C  C   . HIS A 1 40  ? 11.227  1.559   -15.765 1.00 38.20 ? 39  HIS A C   1 
ATOM   288  O  O   . HIS A 1 40  ? 11.064  0.538   -16.427 1.00 38.13 ? 39  HIS A O   1 
ATOM   289  C  CB  . HIS A 1 40  ? 11.290  3.975   -16.458 1.00 39.68 ? 39  HIS A CB  1 
ATOM   290  C  CG  . HIS A 1 40  ? 12.104  5.226   -16.454 1.00 40.52 ? 39  HIS A CG  1 
ATOM   291  N  ND1 . HIS A 1 40  ? 12.595  5.801   -17.605 1.00 43.17 ? 39  HIS A ND1 1 
ATOM   292  C  CD2 . HIS A 1 40  ? 12.518  6.010   -15.431 1.00 42.67 ? 39  HIS A CD2 1 
ATOM   293  C  CE1 . HIS A 1 40  ? 13.284  6.885   -17.294 1.00 44.25 ? 39  HIS A CE1 1 
ATOM   294  N  NE2 . HIS A 1 40  ? 13.253  7.034   -15.980 1.00 44.78 ? 39  HIS A NE2 1 
ATOM   295  N  N   . TRP A 1 41  ? 10.644  1.749   -14.593 1.00 38.25 ? 40  TRP A N   1 
ATOM   296  C  CA  . TRP A 1 41  ? 9.724   0.781   -14.008 1.00 37.81 ? 40  TRP A CA  1 
ATOM   297  C  C   . TRP A 1 41  ? 8.500   0.475   -14.866 1.00 36.50 ? 40  TRP A C   1 
ATOM   298  O  O   . TRP A 1 41  ? 8.026   1.321   -15.617 1.00 35.36 ? 40  TRP A O   1 
ATOM   299  C  CB  . TRP A 1 41  ? 9.213   1.295   -12.666 1.00 39.04 ? 40  TRP A CB  1 
ATOM   300  C  CG  . TRP A 1 41  ? 10.068  0.975   -11.501 1.00 39.44 ? 40  TRP A CG  1 
ATOM   301  C  CD1 . TRP A 1 41  ? 11.399  0.635   -11.499 1.00 39.64 ? 40  TRP A CD1 1 
ATOM   302  C  CD2 . TRP A 1 41  ? 9.654   1.006   -10.140 1.00 40.61 ? 40  TRP A CD2 1 
ATOM   303  N  NE1 . TRP A 1 41  ? 11.829  0.453   -10.197 1.00 40.54 ? 40  TRP A NE1 1 
ATOM   304  C  CE2 . TRP A 1 41  ? 10.773  0.668   -9.348  1.00 40.48 ? 40  TRP A CE2 1 
ATOM   305  C  CE3 . TRP A 1 41  ? 8.443   1.288   -9.506  1.00 40.53 ? 40  TRP A CE3 1 
ATOM   306  C  CZ2 . TRP A 1 41  ? 10.704  0.599   -7.953  1.00 41.21 ? 40  TRP A CZ2 1 
ATOM   307  C  CZ3 . TRP A 1 41  ? 8.378   1.225   -8.120  1.00 40.49 ? 40  TRP A CZ3 1 
ATOM   308  C  CH2 . TRP A 1 41  ? 9.498   0.878   -7.361  1.00 40.47 ? 40  TRP A CH2 1 
ATOM   309  N  N   . THR A 1 42  ? 8.020   -0.762  -14.725 1.00 35.70 ? 41  THR A N   1 
ATOM   310  C  CA  . THR A 1 42  ? 6.769   -1.195  -15.297 1.00 35.60 ? 41  THR A CA  1 
ATOM   311  C  C   . THR A 1 42  ? 5.615   -1.069  -14.289 1.00 35.89 ? 41  THR A C   1 
ATOM   312  O  O   . THR A 1 42  ? 5.810   -0.863  -13.075 1.00 35.61 ? 41  THR A O   1 
ATOM   313  C  CB  . THR A 1 42  ? 6.828   -2.661  -15.772 1.00 35.61 ? 41  THR A CB  1 
ATOM   314  O  OG1 . THR A 1 42  ? 6.955   -3.511  -14.641 1.00 36.06 ? 41  THR A OG1 1 
ATOM   315  C  CG2 . THR A 1 42  ? 8.005   -2.902  -16.709 1.00 35.36 ? 41  THR A CG2 1 
ATOM   316  N  N   . LEU A 1 43  ? 4.408   -1.194  -14.822 1.00 36.16 ? 42  LEU A N   1 
ATOM   317  C  CA  . LEU A 1 43  ? 3.177   -1.182  -14.019 1.00 36.54 ? 42  LEU A CA  1 
ATOM   318  C  C   . LEU A 1 43  ? 3.145   -2.286  -12.976 1.00 37.06 ? 42  LEU A C   1 
ATOM   319  O  O   . LEU A 1 43  ? 2.694   -2.062  -11.851 1.00 38.12 ? 42  LEU A O   1 
ATOM   320  C  CB  . LEU A 1 43  ? 1.966   -1.272  -14.955 1.00 35.87 ? 42  LEU A CB  1 
ATOM   321  C  CG  . LEU A 1 43  ? 0.544   -1.363  -14.394 1.00 36.67 ? 42  LEU A CG  1 
ATOM   322  C  CD1 . LEU A 1 43  ? 0.301   -0.390  -13.256 1.00 34.62 ? 42  LEU A CD1 1 
ATOM   323  C  CD2 . LEU A 1 43  ? -0.454  -1.159  -15.567 1.00 35.25 ? 42  LEU A CD2 1 
ATOM   324  N  N   . GLY A 1 44  ? 3.615   -3.469  -13.366 1.00 37.44 ? 43  GLY A N   1 
ATOM   325  C  CA  . GLY A 1 44  ? 3.777   -4.602  -12.474 1.00 37.53 ? 43  GLY A CA  1 
ATOM   326  C  C   . GLY A 1 44  ? 4.653   -4.282  -11.278 1.00 38.35 ? 43  GLY A C   1 
ATOM   327  O  O   . GLY A 1 44  ? 4.327   -4.685  -10.155 1.00 38.03 ? 43  GLY A O   1 
ATOM   328  N  N   . ARG A 1 45  ? 5.737   -3.528  -11.492 1.00 38.28 ? 44  ARG A N   1 
ATOM   329  C  CA  . ARG A 1 45  ? 6.616   -3.143  -10.378 1.00 37.97 ? 44  ARG A CA  1 
ATOM   330  C  C   . ARG A 1 45  ? 6.014   -2.047  -9.500  1.00 37.69 ? 44  ARG A C   1 
ATOM   331  O  O   . ARG A 1 45  ? 6.136   -2.104  -8.293  1.00 36.92 ? 44  ARG A O   1 
ATOM   332  C  CB  . ARG A 1 45  ? 8.001   -2.698  -10.846 1.00 38.16 ? 44  ARG A CB  1 
ATOM   333  C  CG  . ARG A 1 45  ? 8.937   -2.491  -9.644  1.00 41.71 ? 44  ARG A CG  1 
ATOM   334  C  CD  . ARG A 1 45  ? 10.376  -2.968  -9.865  1.00 45.92 ? 44  ARG A CD  1 
ATOM   335  N  NE  . ARG A 1 45  ? 11.113  -3.024  -8.598  1.00 46.95 ? 44  ARG A NE  1 
ATOM   336  C  CZ  . ARG A 1 45  ? 12.435  -2.925  -8.482  1.00 47.95 ? 44  ARG A CZ  1 
ATOM   337  N  NH1 . ARG A 1 45  ? 13.210  -2.725  -9.546  1.00 49.31 ? 44  ARG A NH1 1 
ATOM   338  N  NH2 . ARG A 1 45  ? 12.991  -3.004  -7.280  1.00 47.85 ? 44  ARG A NH2 1 
ATOM   339  N  N   . VAL A 1 46  ? 5.404   -1.028  -10.109 1.00 38.02 ? 45  VAL A N   1 
ATOM   340  C  CA  . VAL A 1 46  ? 4.623   -0.060  -9.352  1.00 38.22 ? 45  VAL A CA  1 
ATOM   341  C  C   . VAL A 1 46  ? 3.614   -0.748  -8.433  1.00 39.42 ? 45  VAL A C   1 
ATOM   342  O  O   . VAL A 1 46  ? 3.552   -0.413  -7.245  1.00 41.06 ? 45  VAL A O   1 
ATOM   343  C  CB  . VAL A 1 46  ? 3.948   1.010   -10.262 1.00 38.71 ? 45  VAL A CB  1 
ATOM   344  C  CG1 . VAL A 1 46  ? 3.114   2.019   -9.405  1.00 37.23 ? 45  VAL A CG1 1 
ATOM   345  C  CG2 . VAL A 1 46  ? 4.994   1.727   -11.060 1.00 35.38 ? 45  VAL A CG2 1 
ATOM   346  N  N   . ALA A 1 47  ? 2.898   -1.760  -8.942  1.00 39.15 ? 46  ALA A N   1 
ATOM   347  C  CA  . ALA A 1 47  ? 1.826   -2.429  -8.192  1.00 38.95 ? 46  ALA A CA  1 
ATOM   348  C  C   . ALA A 1 47  ? 2.359   -3.313  -7.053  1.00 38.71 ? 46  ALA A C   1 
ATOM   349  O  O   . ALA A 1 47  ? 1.806   -3.351  -5.950  1.00 37.60 ? 46  ALA A O   1 
ATOM   350  C  CB  . ALA A 1 47  ? 0.972   -3.276  -9.140  1.00 38.55 ? 46  ALA A CB  1 
ATOM   351  N  N   . TRP A 1 48  ? 3.405   -4.070  -7.334  1.00 38.76 ? 47  TRP A N   1 
ATOM   352  C  CA  . TRP A 1 48  ? 4.034   -4.865  -6.291  1.00 38.83 ? 47  TRP A CA  1 
ATOM   353  C  C   . TRP A 1 48  ? 4.721   -3.986  -5.217  1.00 38.47 ? 47  TRP A C   1 
ATOM   354  O  O   . TRP A 1 48  ? 4.772   -4.353  -4.072  1.00 38.14 ? 47  TRP A O   1 
ATOM   355  C  CB  . TRP A 1 48  ? 5.018   -5.838  -6.918  1.00 38.98 ? 47  TRP A CB  1 
ATOM   356  C  CG  . TRP A 1 48  ? 5.474   -6.941  -6.041  1.00 38.62 ? 47  TRP A CG  1 
ATOM   357  C  CD1 . TRP A 1 48  ? 6.756   -7.256  -5.762  1.00 38.41 ? 47  TRP A CD1 1 
ATOM   358  C  CD2 . TRP A 1 48  ? 4.658   -7.920  -5.371  1.00 38.34 ? 47  TRP A CD2 1 
ATOM   359  N  NE1 . TRP A 1 48  ? 6.806   -8.371  -4.951  1.00 39.87 ? 47  TRP A NE1 1 
ATOM   360  C  CE2 . TRP A 1 48  ? 5.529   -8.788  -4.689  1.00 37.93 ? 47  TRP A CE2 1 
ATOM   361  C  CE3 . TRP A 1 48  ? 3.277   -8.139  -5.280  1.00 39.22 ? 47  TRP A CE3 1 
ATOM   362  C  CZ2 . TRP A 1 48  ? 5.073   -9.857  -3.925  1.00 39.28 ? 47  TRP A CZ2 1 
ATOM   363  C  CZ3 . TRP A 1 48  ? 2.823   -9.187  -4.527  1.00 38.88 ? 47  TRP A CZ3 1 
ATOM   364  C  CH2 . TRP A 1 48  ? 3.717   -10.045 -3.851  1.00 39.61 ? 47  TRP A CH2 1 
ATOM   365  N  N   . HIS A 1 49  ? 5.227   -2.817  -5.600  1.00 37.89 ? 48  HIS A N   1 
ATOM   366  C  CA  . HIS A 1 49  ? 5.831   -1.891  -4.650  1.00 37.24 ? 48  HIS A CA  1 
ATOM   367  C  C   . HIS A 1 49  ? 4.781   -1.428  -3.610  1.00 37.41 ? 48  HIS A C   1 
ATOM   368  O  O   . HIS A 1 49  ? 5.083   -1.296  -2.424  1.00 36.57 ? 48  HIS A O   1 
ATOM   369  C  CB  . HIS A 1 49  ? 6.432   -0.706  -5.434  1.00 37.50 ? 48  HIS A CB  1 
ATOM   370  C  CG  . HIS A 1 49  ? 7.087   0.341   -4.587  1.00 37.08 ? 48  HIS A CG  1 
ATOM   371  N  ND1 . HIS A 1 49  ? 8.219   0.099   -3.844  1.00 37.73 ? 48  HIS A ND1 1 
ATOM   372  C  CD2 . HIS A 1 49  ? 6.832   1.665   -4.458  1.00 38.81 ? 48  HIS A CD2 1 
ATOM   373  C  CE1 . HIS A 1 49  ? 8.598   1.216   -3.244  1.00 38.77 ? 48  HIS A CE1 1 
ATOM   374  N  NE2 . HIS A 1 49  ? 7.770   2.182   -3.595  1.00 37.37 ? 48  HIS A NE2 1 
ATOM   375  N  N   . ILE A 1 50  ? 3.543   -1.226  -4.059  1.00 36.74 ? 49  ILE A N   1 
ATOM   376  C  CA  . ILE A 1 50  ? 2.404   -0.850  -3.183  1.00 36.60 ? 49  ILE A CA  1 
ATOM   377  C  C   . ILE A 1 50  ? 2.069   -1.954  -2.200  1.00 36.58 ? 49  ILE A C   1 
ATOM   378  O  O   . ILE A 1 50  ? 1.837   -1.729  -0.994  1.00 37.69 ? 49  ILE A O   1 
ATOM   379  C  CB  . ILE A 1 50  ? 1.153   -0.536  -4.055  1.00 36.62 ? 49  ILE A CB  1 
ATOM   380  C  CG1 . ILE A 1 50  ? 1.329   0.828   -4.706  1.00 35.34 ? 49  ILE A CG1 1 
ATOM   381  C  CG2 . ILE A 1 50  ? -0.189  -0.533  -3.224  1.00 36.42 ? 49  ILE A CG2 1 
ATOM   382  C  CD1 . ILE A 1 50  ? 0.494   1.020   -5.948  1.00 34.26 ? 49  ILE A CD1 1 
ATOM   383  N  N   . VAL A 1 51  ? 2.054   -3.160  -2.714  1.00 36.48 ? 50  VAL A N   1 
ATOM   384  C  CA  . VAL A 1 51  ? 1.783   -4.295  -1.884  1.00 35.50 ? 50  VAL A CA  1 
ATOM   385  C  C   . VAL A 1 51  ? 2.835   -4.423  -0.778  1.00 35.98 ? 50  VAL A C   1 
ATOM   386  O  O   . VAL A 1 51  ? 2.493   -4.515  0.416   1.00 34.52 ? 50  VAL A O   1 
ATOM   387  C  CB  . VAL A 1 51  ? 1.685   -5.556  -2.735  1.00 36.20 ? 50  VAL A CB  1 
ATOM   388  C  CG1 . VAL A 1 51  ? 1.418   -6.754  -1.849  1.00 33.19 ? 50  VAL A CG1 1 
ATOM   389  C  CG2 . VAL A 1 51  ? 0.553   -5.400  -3.812  1.00 33.82 ? 50  VAL A CG2 1 
ATOM   390  N  N   . THR A 1 52  ? 4.110   -4.385  -1.175  1.00 37.01 ? 51  THR A N   1 
ATOM   391  C  CA  . THR A 1 52  ? 5.218   -4.623  -0.267  1.00 37.55 ? 51  THR A CA  1 
ATOM   392  C  C   . THR A 1 52  ? 5.446   -3.465  0.676   1.00 38.58 ? 51  THR A C   1 
ATOM   393  O  O   . THR A 1 52  ? 5.974   -3.674  1.783   1.00 38.83 ? 51  THR A O   1 
ATOM   394  C  CB  . THR A 1 52  ? 6.557   -4.924  -1.007  1.00 38.09 ? 51  THR A CB  1 
ATOM   395  O  OG1 . THR A 1 52  ? 6.951   -3.793  -1.804  1.00 37.78 ? 51  THR A OG1 1 
ATOM   396  C  CG2 . THR A 1 52  ? 6.418   -6.091  -1.887  1.00 35.80 ? 51  THR A CG2 1 
ATOM   397  N  N   . ALA A 1 53  ? 5.042   -2.257  0.256   1.00 39.48 ? 52  ALA A N   1 
ATOM   398  C  CA  . ALA A 1 53  ? 5.161   -1.060  1.068   1.00 39.44 ? 52  ALA A CA  1 
ATOM   399  C  C   . ALA A 1 53  ? 4.422   -1.127  2.401   1.00 40.87 ? 52  ALA A C   1 
ATOM   400  O  O   . ALA A 1 53  ? 4.809   -0.419  3.334   1.00 39.51 ? 52  ALA A O   1 
ATOM   401  C  CB  . ALA A 1 53  ? 4.734   0.206   0.266   1.00 40.12 ? 52  ALA A CB  1 
ATOM   402  N  N   . ILE A 1 54  ? 3.425   -2.029  2.542   1.00 41.91 ? 53  ILE A N   1 
ATOM   403  C  CA  . ILE A 1 54  ? 2.632   -2.067  3.781   1.00 42.87 ? 53  ILE A CA  1 
ATOM   404  C  C   . ILE A 1 54  ? 3.507   -2.560  4.958   1.00 43.37 ? 53  ILE A C   1 
ATOM   405  O  O   . ILE A 1 54  ? 3.685   -1.817  5.937   1.00 42.52 ? 53  ILE A O   1 
ATOM   406  C  CB  . ILE A 1 54  ? 1.280   -2.847  3.628   1.00 43.00 ? 53  ILE A CB  1 
ATOM   407  C  CG1 . ILE A 1 54  ? 0.300   -2.031  2.779   1.00 44.60 ? 53  ILE A CG1 1 
ATOM   408  C  CG2 . ILE A 1 54  ? 0.631   -3.103  4.965   1.00 43.32 ? 53  ILE A CG2 1 
ATOM   409  C  CD1 . ILE A 1 54  ? -0.851  -2.854  2.163   1.00 42.31 ? 53  ILE A CD1 1 
ATOM   410  N  N   . PRO A 1 55  ? 4.050   -3.797  4.877   1.00 43.64 ? 54  PRO A N   1 
ATOM   411  C  CA  . PRO A 1 55  ? 5.025   -4.205  5.893   1.00 43.62 ? 54  PRO A CA  1 
ATOM   412  C  C   . PRO A 1 55  ? 6.316   -3.372  5.994   1.00 44.27 ? 54  PRO A C   1 
ATOM   413  O  O   . PRO A 1 55  ? 6.884   -3.328  7.075   1.00 44.52 ? 54  PRO A O   1 
ATOM   414  C  CB  . PRO A 1 55  ? 5.324   -5.672  5.550   1.00 44.47 ? 54  PRO A CB  1 
ATOM   415  C  CG  . PRO A 1 55  ? 4.842   -5.869  4.143   1.00 43.73 ? 54  PRO A CG  1 
ATOM   416  C  CD  . PRO A 1 55  ? 3.749   -4.879  3.920   1.00 43.31 ? 54  PRO A CD  1 
ATOM   417  N  N   . VAL A 1 56  ? 6.752   -2.678  4.937   1.00 43.45 ? 55  VAL A N   1 
ATOM   418  C  CA  . VAL A 1 56  ? 8.020   -1.945  4.995   1.00 43.07 ? 55  VAL A CA  1 
ATOM   419  C  C   . VAL A 1 56  ? 7.854   -0.638  5.778   1.00 42.92 ? 55  VAL A C   1 
ATOM   420  O  O   . VAL A 1 56  ? 8.664   -0.294  6.655   1.00 42.72 ? 55  VAL A O   1 
ATOM   421  C  CB  . VAL A 1 56  ? 8.592   -1.692  3.580   1.00 43.39 ? 55  VAL A CB  1 
ATOM   422  C  CG1 . VAL A 1 56  ? 9.800   -0.724  3.630   1.00 43.13 ? 55  VAL A CG1 1 
ATOM   423  C  CG2 . VAL A 1 56  ? 8.964   -3.040  2.921   1.00 41.78 ? 55  VAL A CG2 1 
ATOM   424  N  N   . ILE A 1 57  ? 6.793   0.093   5.472   1.00 42.45 ? 56  ILE A N   1 
ATOM   425  C  CA  . ILE A 1 57  ? 6.528   1.330   6.178   1.00 42.54 ? 56  ILE A CA  1 
ATOM   426  C  C   . ILE A 1 57  ? 6.148   1.023   7.653   1.00 42.86 ? 56  ILE A C   1 
ATOM   427  O  O   . ILE A 1 57  ? 6.558   1.730   8.557   1.00 43.17 ? 56  ILE A O   1 
ATOM   428  C  CB  . ILE A 1 57  ? 5.470   2.187   5.425   1.00 42.17 ? 56  ILE A CB  1 
ATOM   429  C  CG1 . ILE A 1 57  ? 6.102   2.822   4.175   1.00 41.57 ? 56  ILE A CG1 1 
ATOM   430  C  CG2 . ILE A 1 57  ? 4.833   3.200   6.354   1.00 40.86 ? 56  ILE A CG2 1 
ATOM   431  C  CD1 . ILE A 1 57  ? 5.102   3.615   3.299   1.00 40.57 ? 56  ILE A CD1 1 
ATOM   432  N  N   . LEU A 1 58  ? 5.421   -0.055  7.926   1.00 42.81 ? 57  LEU A N   1 
ATOM   433  C  CA  . LEU A 1 58  ? 4.985   -0.262  9.302   1.00 42.59 ? 57  LEU A CA  1 
ATOM   434  C  C   . LEU A 1 58  ? 6.028   -0.979  10.202  1.00 43.44 ? 57  LEU A C   1 
ATOM   435  O  O   . LEU A 1 58  ? 5.812   -1.121  11.428  1.00 42.65 ? 57  LEU A O   1 
ATOM   436  C  CB  . LEU A 1 58  ? 3.609   -0.948  9.324   1.00 43.42 ? 57  LEU A CB  1 
ATOM   437  C  CG  . LEU A 1 58  ? 2.531   -0.089  8.624   1.00 42.68 ? 57  LEU A CG  1 
ATOM   438  C  CD1 . LEU A 1 58  ? 1.227   -0.614  8.830   1.00 42.04 ? 57  LEU A CD1 1 
ATOM   439  C  CD2 . LEU A 1 58  ? 2.537   1.365   9.122   1.00 45.34 ? 57  LEU A CD2 1 
ATOM   440  N  N   . SER A 1 59  ? 7.163   -1.390  9.625   1.00 43.29 ? 58  SER A N   1 
ATOM   441  C  CA  . SER A 1 59  ? 8.080   -2.289  10.345  1.00 43.78 ? 58  SER A CA  1 
ATOM   442  C  C   . SER A 1 59  ? 8.627   -1.685  11.630  1.00 43.27 ? 58  SER A C   1 
ATOM   443  O  O   . SER A 1 59  ? 8.719   -2.364  12.642  1.00 43.22 ? 58  SER A O   1 
ATOM   444  C  CB  . SER A 1 59  ? 9.235   -2.766  9.447   1.00 44.30 ? 58  SER A CB  1 
ATOM   445  O  OG  . SER A 1 59  ? 10.103  -1.700  9.104   1.00 44.43 ? 58  SER A OG  1 
ATOM   446  N  N   . GLY A 1 60  ? 8.959   -0.400  11.580  1.00 42.77 ? 59  GLY A N   1 
ATOM   447  C  CA  . GLY A 1 60  ? 9.527   0.306   12.725  1.00 43.05 ? 59  GLY A CA  1 
ATOM   448  C  C   . GLY A 1 60  ? 8.547   0.573   13.850  1.00 42.87 ? 59  GLY A C   1 
ATOM   449  O  O   . GLY A 1 60  ? 8.953   0.943   14.943  1.00 42.27 ? 59  GLY A O   1 
ATOM   450  N  N   . THR A 1 61  ? 7.253   0.406   13.587  1.00 43.30 ? 60  THR A N   1 
ATOM   451  C  CA  . THR A 1 61  ? 6.229   0.532   14.641  1.00 43.91 ? 60  THR A CA  1 
ATOM   452  C  C   . THR A 1 61  ? 6.213   -0.710  15.559  1.00 44.53 ? 60  THR A C   1 
ATOM   453  O  O   . THR A 1 61  ? 5.679   -0.678  16.667  1.00 44.89 ? 60  THR A O   1 
ATOM   454  C  CB  . THR A 1 61  ? 4.800   0.679   14.068  1.00 43.17 ? 60  THR A CB  1 
ATOM   455  O  OG1 . THR A 1 61  ? 4.350   -0.602  13.623  1.00 41.99 ? 60  THR A OG1 1 
ATOM   456  C  CG2 . THR A 1 61  ? 4.747   1.681   12.929  1.00 44.70 ? 60  THR A CG2 1 
ATOM   457  N  N   . GLY A 1 62  ? 6.751   -1.816  15.074  1.00 45.44 ? 61  GLY A N   1 
ATOM   458  C  CA  . GLY A 1 62  ? 6.773   -3.033  15.872  1.00 45.80 ? 61  GLY A CA  1 
ATOM   459  C  C   . GLY A 1 62  ? 5.495   -3.848  15.751  1.00 46.83 ? 61  GLY A C   1 
ATOM   460  O  O   . GLY A 1 62  ? 5.427   -4.969  16.261  1.00 46.08 ? 61  GLY A O   1 
ATOM   461  N  N   . LEU A 1 63  ? 4.488   -3.298  15.071  1.00 47.33 ? 62  LEU A N   1 
ATOM   462  C  CA  . LEU A 1 63  ? 3.252   -4.029  14.777  1.00 48.30 ? 62  LEU A CA  1 
ATOM   463  C  C   . LEU A 1 63  ? 3.563   -5.142  13.776  1.00 48.48 ? 62  LEU A C   1 
ATOM   464  O  O   . LEU A 1 63  ? 3.894   -4.875  12.632  1.00 49.91 ? 62  LEU A O   1 
ATOM   465  C  CB  . LEU A 1 63  ? 2.227   -3.055  14.200  1.00 48.16 ? 62  LEU A CB  1 
ATOM   466  C  CG  . LEU A 1 63  ? 0.778   -3.468  13.987  1.00 48.99 ? 62  LEU A CG  1 
ATOM   467  C  CD1 . LEU A 1 63  ? 0.091   -3.816  15.300  1.00 47.52 ? 62  LEU A CD1 1 
ATOM   468  C  CD2 . LEU A 1 63  ? 0.071   -2.301  13.284  1.00 48.02 ? 62  LEU A CD2 1 
ATOM   469  N  N   . LYS A 1 64  ? 3.460   -6.393  14.202  1.00 48.89 ? 63  LYS A N   1 
ATOM   470  C  CA  . LYS A 1 64  ? 3.977   -7.504  13.415  1.00 48.59 ? 63  LYS A CA  1 
ATOM   471  C  C   . LYS A 1 64  ? 2.846   -8.275  12.708  1.00 48.24 ? 63  LYS A C   1 
ATOM   472  O  O   . LYS A 1 64  ? 1.818   -8.593  13.319  1.00 48.07 ? 63  LYS A O   1 
ATOM   473  C  CB  . LYS A 1 64  ? 4.815   -8.425  14.321  1.00 49.26 ? 63  LYS A CB  1 
ATOM   474  C  CG  . LYS A 1 64  ? 6.017   -7.697  14.988  1.00 48.40 ? 63  LYS A CG  1 
ATOM   475  N  N   . PHE A 1 65  ? 3.033   -8.546  11.415  1.00 47.14 ? 64  PHE A N   1 
ATOM   476  C  CA  . PHE A 1 65  ? 2.054   -9.310  10.644  1.00 46.77 ? 64  PHE A CA  1 
ATOM   477  C  C   . PHE A 1 65  ? 2.667   -9.842  9.351   1.00 47.14 ? 64  PHE A C   1 
ATOM   478  O  O   . PHE A 1 65  ? 3.652   -9.308  8.856   1.00 46.93 ? 64  PHE A O   1 
ATOM   479  C  CB  . PHE A 1 65  ? 0.835   -8.443  10.328  1.00 45.79 ? 64  PHE A CB  1 
ATOM   480  C  CG  . PHE A 1 65  ? 1.168   -7.178  9.581   1.00 43.79 ? 64  PHE A CG  1 
ATOM   481  C  CD1 . PHE A 1 65  ? 1.193   -7.157  8.191   1.00 40.87 ? 64  PHE A CD1 1 
ATOM   482  C  CD2 . PHE A 1 65  ? 1.482   -6.027  10.268  1.00 42.88 ? 64  PHE A CD2 1 
ATOM   483  C  CE1 . PHE A 1 65  ? 1.508   -5.998  7.507   1.00 42.93 ? 64  PHE A CE1 1 
ATOM   484  C  CE2 . PHE A 1 65  ? 1.784   -4.877  9.594   1.00 41.21 ? 64  PHE A CE2 1 
ATOM   485  C  CZ  . PHE A 1 65  ? 1.806   -4.868  8.202   1.00 42.35 ? 64  PHE A CZ  1 
ATOM   486  N  N   . GLU A 1 66  ? 2.065   -10.886 8.806   1.00 47.28 ? 65  GLU A N   1 
ATOM   487  C  CA  . GLU A 1 66  ? 2.603   -11.570 7.628   1.00 47.91 ? 65  GLU A CA  1 
ATOM   488  C  C   . GLU A 1 66  ? 2.489   -10.690 6.366   1.00 47.50 ? 65  GLU A C   1 
ATOM   489  O  O   . GLU A 1 66  ? 1.472   -10.024 6.159   1.00 47.17 ? 65  GLU A O   1 
ATOM   490  C  CB  . GLU A 1 66  ? 1.879   -12.900 7.436   1.00 47.85 ? 65  GLU A CB  1 
ATOM   491  C  CG  . GLU A 1 66  ? 2.540   -13.886 6.469   1.00 49.87 ? 65  GLU A CG  1 
ATOM   492  N  N   . GLY A 1 67  ? 3.546   -10.685 5.549   1.00 46.99 ? 66  GLY A N   1 
ATOM   493  C  CA  . GLY A 1 67  ? 3.560   -9.944  4.287   1.00 46.66 ? 66  GLY A CA  1 
ATOM   494  C  C   . GLY A 1 67  ? 4.937   -9.851  3.657   1.00 46.16 ? 66  GLY A C   1 
ATOM   495  O  O   . GLY A 1 67  ? 5.904   -9.483  4.326   1.00 46.83 ? 66  GLY A O   1 
ATOM   496  N  N   . GLU A 1 68  ? 5.022   -10.165 2.365   1.00 45.14 ? 67  GLU A N   1 
ATOM   497  C  CA  . GLU A 1 68  ? 6.255   -9.988  1.585   1.00 44.58 ? 67  GLU A CA  1 
ATOM   498  C  C   . GLU A 1 68  ? 6.719   -8.538  1.657   1.00 43.64 ? 67  GLU A C   1 
ATOM   499  O  O   . GLU A 1 68  ? 5.897   -7.659  1.549   1.00 43.39 ? 67  GLU A O   1 
ATOM   500  C  CB  . GLU A 1 68  ? 6.009   -10.347 0.116   1.00 44.62 ? 67  GLU A CB  1 
ATOM   501  C  CG  . GLU A 1 68  ? 7.229   -10.236 -0.783  1.00 45.82 ? 67  GLU A CG  1 
ATOM   502  C  CD  . GLU A 1 68  ? 8.400   -11.039 -0.254  1.00 48.02 ? 67  GLU A CD  1 
ATOM   503  O  OE1 . GLU A 1 68  ? 8.293   -12.290 -0.283  1.00 49.57 ? 67  GLU A OE1 1 
ATOM   504  O  OE2 . GLU A 1 68  ? 9.401   -10.420 0.199   1.00 47.88 ? 67  GLU A OE2 1 
ATOM   505  N  N   . THR A 1 69  ? 8.027   -8.331  1.821   1.00 43.40 ? 68  THR A N   1 
ATOM   506  C  CA  . THR A 1 69  ? 8.650   -7.008  1.956   1.00 43.81 ? 68  THR A CA  1 
ATOM   507  C  C   . THR A 1 69  ? 9.624   -6.639  0.811   1.00 43.32 ? 68  THR A C   1 
ATOM   508  O  O   . THR A 1 69  ? 10.010  -5.473  0.667   1.00 43.61 ? 68  THR A O   1 
ATOM   509  C  CB  . THR A 1 69  ? 9.414   -6.904  3.312   1.00 44.60 ? 68  THR A CB  1 
ATOM   510  O  OG1 . THR A 1 69  ? 10.401  -7.937  3.391   1.00 44.60 ? 68  THR A OG1 1 
ATOM   511  C  CG2 . THR A 1 69  ? 8.450   -7.036  4.513   1.00 44.27 ? 68  THR A CG2 1 
ATOM   512  N  N   . LYS A 1 70  ? 10.029  -7.623  0.009   1.00 42.95 ? 69  LYS A N   1 
ATOM   513  C  CA  . LYS A 1 70  ? 10.945  -7.390  -1.123  1.00 42.71 ? 69  LYS A CA  1 
ATOM   514  C  C   . LYS A 1 70  ? 10.178  -7.129  -2.423  1.00 42.24 ? 69  LYS A C   1 
ATOM   515  O  O   . LYS A 1 70  ? 9.427   -7.982  -2.892  1.00 41.49 ? 69  LYS A O   1 
ATOM   516  C  CB  . LYS A 1 70  ? 11.873  -8.599  -1.301  1.00 43.12 ? 69  LYS A CB  1 
ATOM   517  N  N   . ASP A 1 71  ? 10.379  -5.958  -3.020  1.00 42.33 ? 70  ASP A N   1 
ATOM   518  C  CA  . ASP A 1 71  ? 9.644   -5.595  -4.232  1.00 42.59 ? 70  ASP A CA  1 
ATOM   519  C  C   . ASP A 1 71  ? 10.325  -6.069  -5.528  1.00 42.55 ? 70  ASP A C   1 
ATOM   520  O  O   . ASP A 1 71  ? 9.906   -5.692  -6.617  1.00 42.47 ? 70  ASP A O   1 
ATOM   521  C  CB  . ASP A 1 71  ? 9.264   -4.081  -4.252  1.00 42.89 ? 70  ASP A CB  1 
ATOM   522  C  CG  . ASP A 1 71  ? 10.442  -3.160  -4.510  1.00 44.57 ? 70  ASP A CG  1 
ATOM   523  O  OD1 . ASP A 1 71  ? 11.583  -3.656  -4.607  1.00 47.83 ? 70  ASP A OD1 1 
ATOM   524  O  OD2 . ASP A 1 71  ? 10.233  -1.928  -4.602  1.00 44.97 ? 70  ASP A OD2 1 
ATOM   525  N  N   . TYR A 1 72  ? 11.356  -6.908  -5.392  1.00 42.85 ? 71  TYR A N   1 
ATOM   526  C  CA  . TYR A 1 72  ? 12.006  -7.567  -6.520  1.00 42.91 ? 71  TYR A CA  1 
ATOM   527  C  C   . TYR A 1 72  ? 12.346  -8.981  -6.070  1.00 42.56 ? 71  TYR A C   1 
ATOM   528  O  O   . TYR A 1 72  ? 12.834  -9.169  -4.961  1.00 43.39 ? 71  TYR A O   1 
ATOM   529  C  CB  . TYR A 1 72  ? 13.285  -6.831  -6.969  1.00 43.24 ? 71  TYR A CB  1 
ATOM   530  C  CG  . TYR A 1 72  ? 13.747  -7.155  -8.405  1.00 42.94 ? 71  TYR A CG  1 
ATOM   531  C  CD1 . TYR A 1 72  ? 13.269  -6.417  -9.505  1.00 43.93 ? 71  TYR A CD1 1 
ATOM   532  C  CD2 . TYR A 1 72  ? 14.657  -8.178  -8.656  1.00 42.74 ? 71  TYR A CD2 1 
ATOM   533  C  CE1 . TYR A 1 72  ? 13.686  -6.703  -10.821 1.00 43.63 ? 71  TYR A CE1 1 
ATOM   534  C  CE2 . TYR A 1 72  ? 15.090  -8.470  -9.957  1.00 43.03 ? 71  TYR A CE2 1 
ATOM   535  C  CZ  . TYR A 1 72  ? 14.605  -7.732  -11.042 1.00 44.06 ? 71  TYR A CZ  1 
ATOM   536  O  OH  . TYR A 1 72  ? 15.036  -8.030  -12.340 1.00 43.45 ? 71  TYR A OH  1 
ATOM   537  N  N   . PRO A 1 73  ? 12.041  -9.993  -6.898  1.00 41.60 ? 72  PRO A N   1 
ATOM   538  C  CA  . PRO A 1 73  ? 11.438  -9.929  -8.215  1.00 40.90 ? 72  PRO A CA  1 
ATOM   539  C  C   . PRO A 1 73  ? 9.937   -9.643  -8.137  1.00 40.00 ? 72  PRO A C   1 
ATOM   540  O  O   . PRO A 1 73  ? 9.324   -9.736  -7.068  1.00 39.44 ? 72  PRO A O   1 
ATOM   541  C  CB  . PRO A 1 73  ? 11.708  -11.328 -8.778  1.00 40.75 ? 72  PRO A CB  1 
ATOM   542  C  CG  . PRO A 1 73  ? 11.660  -12.181 -7.611  1.00 41.25 ? 72  PRO A CG  1 
ATOM   543  C  CD  . PRO A 1 73  ? 12.268  -11.391 -6.491  1.00 41.61 ? 72  PRO A CD  1 
ATOM   544  N  N   . VAL A 1 74  ? 9.370   -9.267  -9.269  1.00 39.25 ? 73  VAL A N   1 
ATOM   545  C  CA  . VAL A 1 74  ? 7.972   -8.907  -9.344  1.00 38.70 ? 73  VAL A CA  1 
ATOM   546  C  C   . VAL A 1 74  ? 7.196   -10.141 -9.832  1.00 38.13 ? 73  VAL A C   1 
ATOM   547  O  O   . VAL A 1 74  ? 7.621   -10.803 -10.780 1.00 38.73 ? 73  VAL A O   1 
ATOM   548  C  CB  . VAL A 1 74  ? 7.763   -7.747  -10.328 1.00 38.74 ? 73  VAL A CB  1 
ATOM   549  C  CG1 . VAL A 1 74  ? 6.279   -7.396  -10.449 1.00 38.20 ? 73  VAL A CG1 1 
ATOM   550  C  CG2 . VAL A 1 74  ? 8.594   -6.540  -9.911  1.00 39.08 ? 73  VAL A CG2 1 
ATOM   551  N  N   . PRO A 1 75  ? 6.040   -10.446 -9.217  1.00 37.44 ? 74  PRO A N   1 
ATOM   552  C  CA  . PRO A 1 75  ? 5.205   -11.520 -9.762  1.00 36.76 ? 74  PRO A CA  1 
ATOM   553  C  C   . PRO A 1 75  ? 4.814   -11.327 -11.222 1.00 36.56 ? 74  PRO A C   1 
ATOM   554  O  O   . PRO A 1 75  ? 4.618   -10.196 -11.661 1.00 35.92 ? 74  PRO A O   1 
ATOM   555  C  CB  . PRO A 1 75  ? 3.955   -11.455 -8.881  1.00 36.40 ? 74  PRO A CB  1 
ATOM   556  C  CG  . PRO A 1 75  ? 4.436   -10.928 -7.616  1.00 35.99 ? 74  PRO A CG  1 
ATOM   557  C  CD  . PRO A 1 75  ? 5.431   -9.874  -8.002  1.00 37.63 ? 74  PRO A CD  1 
ATOM   558  N  N   . THR A 1 76  ? 4.669   -12.427 -11.961 1.00 37.11 ? 75  THR A N   1 
ATOM   559  C  CA  . THR A 1 76  ? 4.247   -12.342 -13.366 1.00 37.55 ? 75  THR A CA  1 
ATOM   560  C  C   . THR A 1 76  ? 2.728   -12.425 -13.594 1.00 38.15 ? 75  THR A C   1 
ATOM   561  O  O   . THR A 1 76  ? 2.248   -12.151 -14.701 1.00 37.83 ? 75  THR A O   1 
ATOM   562  C  CB  . THR A 1 76  ? 4.982   -13.357 -14.255 1.00 37.85 ? 75  THR A CB  1 
ATOM   563  O  OG1 . THR A 1 76  ? 4.757   -14.692 -13.794 1.00 36.14 ? 75  THR A OG1 1 
ATOM   564  C  CG2 . THR A 1 76  ? 6.485   -13.050 -14.240 1.00 38.81 ? 75  THR A CG2 1 
ATOM   565  N  N   . SER A 1 77  ? 1.970   -12.753 -12.549 1.00 37.93 ? 76  SER A N   1 
ATOM   566  C  CA  . SER A 1 77  ? 0.529   -12.895 -12.668 1.00 37.91 ? 76  SER A CA  1 
ATOM   567  C  C   . SER A 1 77  ? -0.155  -11.808 -11.898 1.00 37.58 ? 76  SER A C   1 
ATOM   568  O  O   . SER A 1 77  ? 0.166   -11.592 -10.731 1.00 37.85 ? 76  SER A O   1 
ATOM   569  C  CB  . SER A 1 77  ? 0.085   -14.254 -12.123 1.00 38.14 ? 76  SER A CB  1 
ATOM   570  O  OG  . SER A 1 77  ? -1.234  -14.161 -11.614 1.00 39.20 ? 76  SER A OG  1 
ATOM   571  N  N   . ALA A 1 78  ? -1.100  -11.115 -12.530 1.00 37.95 ? 77  ALA A N   1 
ATOM   572  C  CA  . ALA A 1 78  ? -1.758  -9.972  -11.881 1.00 38.33 ? 77  ALA A CA  1 
ATOM   573  C  C   . ALA A 1 78  ? -2.659  -10.462 -10.735 1.00 38.87 ? 77  ALA A C   1 
ATOM   574  O  O   . ALA A 1 78  ? -2.957  -9.712  -9.795  1.00 38.94 ? 77  ALA A O   1 
ATOM   575  C  CB  . ALA A 1 78  ? -2.537  -9.128  -12.880 1.00 38.12 ? 77  ALA A CB  1 
ATOM   576  N  N   . LYS A 1 79  ? -3.022  -11.740 -10.771 1.00 39.08 ? 78  LYS A N   1 
ATOM   577  C  CA  . LYS A 1 79  ? -3.826  -12.321 -9.697  1.00 39.75 ? 78  LYS A CA  1 
ATOM   578  C  C   . LYS A 1 79  ? -3.007  -12.453 -8.425  1.00 39.51 ? 78  LYS A C   1 
ATOM   579  O  O   . LYS A 1 79  ? -3.528  -12.237 -7.338  1.00 40.22 ? 78  LYS A O   1 
ATOM   580  C  CB  . LYS A 1 79  ? -4.413  -13.678 -10.079 1.00 39.29 ? 78  LYS A CB  1 
ATOM   581  C  CG  . LYS A 1 79  ? -5.719  -13.949 -9.347  1.00 40.21 ? 78  LYS A CG  1 
ATOM   582  C  CD  . LYS A 1 79  ? -6.346  -15.300 -9.722  1.00 40.61 ? 78  LYS A CD  1 
ATOM   583  C  CE  . LYS A 1 79  ? -6.304  -16.273 -8.558  1.00 42.02 ? 78  LYS A CE  1 
ATOM   584  N  NZ  . LYS A 1 79  ? -7.220  -15.844 -7.473  1.00 42.42 ? 78  LYS A NZ  1 
ATOM   585  N  N   . THR A 1 80  ? -1.731  -12.803 -8.555  1.00 39.41 ? 79  THR A N   1 
ATOM   586  C  CA  . THR A 1 80  ? -0.835  -12.811 -7.397  1.00 39.10 ? 79  THR A CA  1 
ATOM   587  C  C   . THR A 1 80  ? -0.717  -11.448 -6.743  1.00 38.89 ? 79  THR A C   1 
ATOM   588  O  O   . THR A 1 80  ? -0.701  -11.351 -5.521  1.00 40.76 ? 79  THR A O   1 
ATOM   589  C  CB  . THR A 1 80  ? 0.565   -13.331 -7.746  1.00 38.85 ? 79  THR A CB  1 
ATOM   590  O  OG1 . THR A 1 80  ? 0.445   -14.639 -8.300  1.00 38.67 ? 79  THR A OG1 1 
ATOM   591  C  CG2 . THR A 1 80  ? 1.432   -13.427 -6.495  1.00 39.84 ? 79  THR A CG2 1 
ATOM   592  N  N   . ILE A 1 81  ? -0.630  -10.398 -7.548  1.00 37.87 ? 80  ILE A N   1 
ATOM   593  C  CA  . ILE A 1 81  ? -0.463  -9.042  -7.034  1.00 37.23 ? 80  ILE A CA  1 
ATOM   594  C  C   . ILE A 1 81  ? -1.714  -8.537  -6.304  1.00 36.97 ? 80  ILE A C   1 
ATOM   595  O  O   . ILE A 1 81  ? -1.644  -8.094  -5.156  1.00 37.19 ? 80  ILE A O   1 
ATOM   596  C  CB  . ILE A 1 81  ? -0.045  -8.063  -8.166  1.00 36.96 ? 80  ILE A CB  1 
ATOM   597  C  CG1 . ILE A 1 81  ? 1.301   -8.520  -8.788  1.00 36.88 ? 80  ILE A CG1 1 
ATOM   598  C  CG2 . ILE A 1 81  ? 0.023   -6.599  -7.648  1.00 35.26 ? 80  ILE A CG2 1 
ATOM   599  C  CD1 . ILE A 1 81  ? 1.836   -7.640  -9.905  1.00 37.46 ? 80  ILE A CD1 1 
ATOM   600  N  N   . ALA A 1 82  ? -2.855  -8.601  -6.971  1.00 36.74 ? 81  ALA A N   1 
ATOM   601  C  CA  . ALA A 1 82  ? -4.122  -8.169  -6.394  1.00 36.66 ? 81  ALA A CA  1 
ATOM   602  C  C   . ALA A 1 82  ? -4.476  -8.975  -5.126  1.00 37.19 ? 81  ALA A C   1 
ATOM   603  O  O   . ALA A 1 82  ? -4.968  -8.413  -4.130  1.00 36.55 ? 81  ALA A O   1 
ATOM   604  C  CB  . ALA A 1 82  ? -5.233  -8.281  -7.453  1.00 37.06 ? 81  ALA A CB  1 
ATOM   605  N  N   . ASP A 1 83  ? -4.221  -10.285 -5.158  1.00 37.79 ? 82  ASP A N   1 
ATOM   606  C  CA  . ASP A 1 83  ? -4.499  -11.146 -4.012  1.00 38.43 ? 82  ASP A CA  1 
ATOM   607  C  C   . ASP A 1 83  ? -3.538  -10.889 -2.863  1.00 38.88 ? 82  ASP A C   1 
ATOM   608  O  O   . ASP A 1 83  ? -3.954  -10.788 -1.717  1.00 38.28 ? 82  ASP A O   1 
ATOM   609  C  CB  . ASP A 1 83  ? -4.468  -12.619 -4.405  1.00 38.51 ? 82  ASP A CB  1 
ATOM   610  C  CG  . ASP A 1 83  ? -5.681  -13.022 -5.238  1.00 40.46 ? 82  ASP A CG  1 
ATOM   611  O  OD1 . ASP A 1 83  ? -6.402  -12.118 -5.744  1.00 42.63 ? 82  ASP A OD1 1 
ATOM   612  O  OD2 . ASP A 1 83  ? -5.910  -14.233 -5.409  1.00 33.97 ? 82  ASP A OD2 1 
ATOM   613  N  N   . GLY A 1 84  ? -2.252  -10.772 -3.184  1.00 40.13 ? 83  GLY A N   1 
ATOM   614  C  CA  . GLY A 1 84  ? -1.249  -10.256 -2.248  1.00 40.53 ? 83  GLY A CA  1 
ATOM   615  C  C   . GLY A 1 84  ? -1.663  -8.999  -1.507  1.00 40.91 ? 83  GLY A C   1 
ATOM   616  O  O   . GLY A 1 84  ? -1.560  -8.951  -0.289  1.00 41.21 ? 83  GLY A O   1 
ATOM   617  N  N   . TYR A 1 85  ? -2.120  -7.981  -2.227  1.00 41.63 ? 84  TYR A N   1 
ATOM   618  C  CA  . TYR A 1 85  ? -2.609  -6.756  -1.584  1.00 41.56 ? 84  TYR A CA  1 
ATOM   619  C  C   . TYR A 1 85  ? -3.775  -7.055  -0.624  1.00 42.71 ? 84  TYR A C   1 
ATOM   620  O  O   . TYR A 1 85  ? -3.791  -6.558  0.492   1.00 42.92 ? 84  TYR A O   1 
ATOM   621  C  CB  . TYR A 1 85  ? -3.070  -5.744  -2.615  1.00 41.30 ? 84  TYR A CB  1 
ATOM   622  C  CG  . TYR A 1 85  ? -3.385  -4.386  -2.022  1.00 40.64 ? 84  TYR A CG  1 
ATOM   623  C  CD1 . TYR A 1 85  ? -2.377  -3.521  -1.646  1.00 41.04 ? 84  TYR A CD1 1 
ATOM   624  C  CD2 . TYR A 1 85  ? -4.694  -3.986  -1.817  1.00 40.97 ? 84  TYR A CD2 1 
ATOM   625  C  CE1 . TYR A 1 85  ? -2.661  -2.278  -1.114  1.00 40.97 ? 84  TYR A CE1 1 
ATOM   626  C  CE2 . TYR A 1 85  ? -4.991  -2.773  -1.264  1.00 39.98 ? 84  TYR A CE2 1 
ATOM   627  C  CZ  . TYR A 1 85  ? -3.977  -1.917  -0.918  1.00 40.99 ? 84  TYR A CZ  1 
ATOM   628  O  OH  . TYR A 1 85  ? -4.284  -0.695  -0.385  1.00 40.71 ? 84  TYR A OH  1 
ATOM   629  N  N   . ARG A 1 86  ? -4.735  -7.864  -1.062  1.00 43.13 ? 85  ARG A N   1 
ATOM   630  C  CA  . ARG A 1 86  ? -5.900  -8.181  -0.244  1.00 44.43 ? 85  ARG A CA  1 
ATOM   631  C  C   . ARG A 1 86  ? -5.448  -8.851  1.047   1.00 44.49 ? 85  ARG A C   1 
ATOM   632  O  O   . ARG A 1 86  ? -5.865  -8.455  2.135   1.00 45.40 ? 85  ARG A O   1 
ATOM   633  C  CB  . ARG A 1 86  ? -6.871  -9.100  -0.994  1.00 44.20 ? 85  ARG A CB  1 
ATOM   634  C  CG  . ARG A 1 86  ? -8.107  -9.485  -0.181  1.00 45.42 ? 85  ARG A CG  1 
ATOM   635  C  CD  . ARG A 1 86  ? -9.141  -10.266 -0.976  1.00 46.23 ? 85  ARG A CD  1 
ATOM   636  N  NE  . ARG A 1 86  ? -9.635  -9.487  -2.111  1.00 47.92 ? 85  ARG A NE  1 
ATOM   637  C  CZ  . ARG A 1 86  ? -9.333  -9.705  -3.392  1.00 49.12 ? 85  ARG A CZ  1 
ATOM   638  N  NH1 . ARG A 1 86  ? -8.543  -10.720 -3.762  1.00 49.26 ? 85  ARG A NH1 1 
ATOM   639  N  NH2 . ARG A 1 86  ? -9.845  -8.898  -4.324  1.00 49.86 ? 85  ARG A NH2 1 
ATOM   640  N  N   . LYS A 1 87  ? -4.579  -9.849  0.895   1.00 44.41 ? 86  LYS A N   1 
ATOM   641  C  CA  . LYS A 1 87  ? -4.062  -10.681 1.992   1.00 44.22 ? 86  LYS A CA  1 
ATOM   642  C  C   . LYS A 1 87  ? -3.349  -9.854  3.053   1.00 44.21 ? 86  LYS A C   1 
ATOM   643  O  O   . LYS A 1 87  ? -3.659  -9.965  4.250   1.00 44.20 ? 86  LYS A O   1 
ATOM   644  C  CB  . LYS A 1 87  ? -3.072  -11.709 1.424   1.00 44.43 ? 86  LYS A CB  1 
ATOM   645  C  CG  . LYS A 1 87  ? -3.133  -13.088 2.021   1.00 44.56 ? 86  LYS A CG  1 
ATOM   646  C  CD  . LYS A 1 87  ? -2.314  -14.063 1.169   1.00 44.07 ? 86  LYS A CD  1 
ATOM   647  N  N   . VAL A 1 88  ? -2.395  -9.033  2.615   1.00 43.34 ? 87  VAL A N   1 
ATOM   648  C  CA  . VAL A 1 88  ? -1.552  -8.290  3.542   1.00 43.89 ? 87  VAL A CA  1 
ATOM   649  C  C   . VAL A 1 88  ? -2.291  -7.112  4.188   1.00 43.64 ? 87  VAL A C   1 
ATOM   650  O  O   . VAL A 1 88  ? -2.029  -6.776  5.340   1.00 43.37 ? 87  VAL A O   1 
ATOM   651  C  CB  . VAL A 1 88  ? -0.222  -7.816  2.894   1.00 43.25 ? 87  VAL A CB  1 
ATOM   652  C  CG1 . VAL A 1 88  ? -0.436  -6.630  1.967   1.00 44.08 ? 87  VAL A CG1 1 
ATOM   653  C  CG2 . VAL A 1 88  ? 0.762   -7.478  3.977   1.00 44.87 ? 87  VAL A CG2 1 
ATOM   654  N  N   . ASN A 1 89  ? -3.222  -6.500  3.458   1.00 43.54 ? 88  ASN A N   1 
ATOM   655  C  CA  . ASN A 1 89  ? -4.084  -5.490  4.058   1.00 43.84 ? 88  ASN A CA  1 
ATOM   656  C  C   . ASN A 1 89  ? -4.921  -6.096  5.193   1.00 42.62 ? 88  ASN A C   1 
ATOM   657  O  O   . ASN A 1 89  ? -5.057  -5.511  6.248   1.00 42.64 ? 88  ASN A O   1 
ATOM   658  C  CB  . ASN A 1 89  ? -4.996  -4.817  3.026   1.00 44.30 ? 88  ASN A CB  1 
ATOM   659  C  CG  . ASN A 1 89  ? -5.749  -3.634  3.621   1.00 46.95 ? 88  ASN A CG  1 
ATOM   660  O  OD1 . ASN A 1 89  ? -5.137  -2.715  4.164   1.00 53.28 ? 88  ASN A OD1 1 
ATOM   661  N  ND2 . ASN A 1 89  ? -7.071  -3.676  3.571   1.00 48.55 ? 88  ASN A ND2 1 
ATOM   662  N  N   . THR A 1 90  ? -5.463  -7.284  4.975   1.00 41.84 ? 89  THR A N   1 
ATOM   663  C  CA  . THR A 1 90  ? -6.231  -7.951  5.999   1.00 40.67 ? 89  THR A CA  1 
ATOM   664  C  C   . THR A 1 90  ? -5.391  -8.276  7.234   1.00 39.96 ? 89  THR A C   1 
ATOM   665  O  O   . THR A 1 90  ? -5.839  -8.063  8.368   1.00 39.37 ? 89  THR A O   1 
ATOM   666  C  CB  . THR A 1 90  ? -6.876  -9.217  5.446   1.00 40.97 ? 89  THR A CB  1 
ATOM   667  O  OG1 . THR A 1 90  ? -7.874  -8.834  4.499   1.00 41.62 ? 89  THR A OG1 1 
ATOM   668  C  CG2 . THR A 1 90  ? -7.531  -10.034 6.550   1.00 40.72 ? 89  THR A CG2 1 
ATOM   669  N  N   . ALA A 1 91  ? -4.183  -8.790  7.019   1.00 38.61 ? 90  ALA A N   1 
ATOM   670  C  CA  . ALA A 1 91  ? -3.295  -9.125  8.131   1.00 37.69 ? 90  ALA A CA  1 
ATOM   671  C  C   . ALA A 1 91  ? -2.903  -7.836  8.866   1.00 36.75 ? 90  ALA A C   1 
ATOM   672  O  O   . ALA A 1 91  ? -2.770  -7.784  10.079  1.00 35.66 ? 90  ALA A O   1 
ATOM   673  C  CB  . ALA A 1 91  ? -2.064  -9.841  7.611   1.00 37.51 ? 90  ALA A CB  1 
ATOM   674  N  N   . PHE A 1 92  ? -2.740  -6.775  8.118   1.00 36.98 ? 91  PHE A N   1 
ATOM   675  C  CA  . PHE A 1 92  ? -2.351  -5.519  8.733   1.00 36.00 ? 91  PHE A CA  1 
ATOM   676  C  C   . PHE A 1 92  ? -3.449  -5.007  9.670   1.00 36.57 ? 91  PHE A C   1 
ATOM   677  O  O   . PHE A 1 92  ? -3.225  -4.806  10.867  1.00 34.89 ? 91  PHE A O   1 
ATOM   678  C  CB  . PHE A 1 92  ? -2.047  -4.482  7.659   1.00 36.99 ? 91  PHE A CB  1 
ATOM   679  C  CG  . PHE A 1 92  ? -2.045  -3.074  8.177   1.00 35.67 ? 91  PHE A CG  1 
ATOM   680  C  CD1 . PHE A 1 92  ? -1.437  -2.770  9.386   1.00 38.06 ? 91  PHE A CD1 1 
ATOM   681  C  CD2 . PHE A 1 92  ? -2.690  -2.064  7.481   1.00 36.48 ? 91  PHE A CD2 1 
ATOM   682  C  CE1 . PHE A 1 92  ? -1.428  -1.431  9.874   1.00 36.10 ? 91  PHE A CE1 1 
ATOM   683  C  CE2 . PHE A 1 92  ? -2.707  -0.757  7.975   1.00 37.37 ? 91  PHE A CE2 1 
ATOM   684  C  CZ  . PHE A 1 92  ? -2.081  -0.460  9.174   1.00 36.55 ? 91  PHE A CZ  1 
ATOM   685  N  N   . VAL A 1 93  ? -4.640  -4.828  9.100   1.00 37.94 ? 92  VAL A N   1 
ATOM   686  C  CA  . VAL A 1 93  ? -5.796  -4.239  9.770   1.00 38.72 ? 92  VAL A CA  1 
ATOM   687  C  C   . VAL A 1 93  ? -6.232  -5.115  10.947  1.00 40.34 ? 92  VAL A C   1 
ATOM   688  O  O   . VAL A 1 93  ? -6.734  -4.621  11.963  1.00 40.64 ? 92  VAL A O   1 
ATOM   689  C  CB  . VAL A 1 93  ? -6.936  -4.025  8.735   1.00 38.71 ? 92  VAL A CB  1 
ATOM   690  C  CG1 . VAL A 1 93  ? -8.295  -3.807  9.391   1.00 38.25 ? 92  VAL A CG1 1 
ATOM   691  C  CG2 . VAL A 1 93  ? -6.573  -2.840  7.807   1.00 38.04 ? 92  VAL A CG2 1 
ATOM   692  N  N   . GLU A 1 94  ? -6.014  -6.414  10.808  1.00 41.44 ? 93  GLU A N   1 
ATOM   693  C  CA  . GLU A 1 94  ? -6.271  -7.351  11.896  1.00 42.47 ? 93  GLU A CA  1 
ATOM   694  C  C   . GLU A 1 94  ? -5.303  -7.136  13.054  1.00 42.47 ? 93  GLU A C   1 
ATOM   695  O  O   . GLU A 1 94  ? -5.692  -7.251  14.215  1.00 42.48 ? 93  GLU A O   1 
ATOM   696  C  CB  . GLU A 1 94  ? -6.193  -8.781  11.390  1.00 42.35 ? 93  GLU A CB  1 
ATOM   697  C  CG  . GLU A 1 94  ? -7.499  -9.273  10.772  1.00 43.35 ? 93  GLU A CG  1 
ATOM   698  C  CD  . GLU A 1 94  ? -7.390  -10.702 10.257  1.00 44.62 ? 93  GLU A CD  1 
ATOM   699  O  OE1 . GLU A 1 94  ? -6.240  -11.138 9.991   1.00 48.71 ? 93  GLU A OE1 1 
ATOM   700  O  OE2 . GLU A 1 94  ? -8.439  -11.384 10.111  1.00 44.16 ? 93  GLU A OE2 1 
ATOM   701  N  N   . ALA A 1 95  ? -4.056  -6.792  12.740  1.00 42.55 ? 94  ALA A N   1 
ATOM   702  C  CA  . ALA A 1 95  ? -3.039  -6.616  13.778  1.00 42.83 ? 94  ALA A CA  1 
ATOM   703  C  C   . ALA A 1 95  ? -3.251  -5.288  14.496  1.00 42.87 ? 94  ALA A C   1 
ATOM   704  O  O   . ALA A 1 95  ? -3.128  -5.204  15.713  1.00 42.78 ? 94  ALA A O   1 
ATOM   705  C  CB  . ALA A 1 95  ? -1.636  -6.714  13.195  1.00 42.51 ? 94  ALA A CB  1 
ATOM   706  N  N   . LEU A 1 96  ? -3.606  -4.264  13.731  1.00 43.07 ? 95  LEU A N   1 
ATOM   707  C  CA  . LEU A 1 96  ? -3.899  -2.948  14.282  1.00 43.63 ? 95  LEU A CA  1 
ATOM   708  C  C   . LEU A 1 96  ? -5.064  -3.046  15.269  1.00 44.22 ? 95  LEU A C   1 
ATOM   709  O  O   . LEU A 1 96  ? -4.992  -2.495  16.360  1.00 44.02 ? 95  LEU A O   1 
ATOM   710  C  CB  . LEU A 1 96  ? -4.236  -1.960  13.153  1.00 43.35 ? 95  LEU A CB  1 
ATOM   711  C  CG  . LEU A 1 96  ? -4.063  -0.467  13.453  1.00 44.47 ? 95  LEU A CG  1 
ATOM   712  C  CD1 . LEU A 1 96  ? -2.617  -0.085  13.293  1.00 44.85 ? 95  LEU A CD1 1 
ATOM   713  C  CD2 . LEU A 1 96  ? -4.913  0.384   12.532  1.00 44.58 ? 95  LEU A CD2 1 
ATOM   714  N  N   . GLN A 1 97  ? -6.129  -3.749  14.887  1.00 44.66 ? 96  GLN A N   1 
ATOM   715  C  CA  . GLN A 1 97  ? -7.327  -3.838  15.732  1.00 45.73 ? 96  GLN A CA  1 
ATOM   716  C  C   . GLN A 1 97  ? -7.092  -4.690  16.983  1.00 45.50 ? 96  GLN A C   1 
ATOM   717  O  O   . GLN A 1 97  ? -7.690  -4.433  18.029  1.00 44.91 ? 96  GLN A O   1 
ATOM   718  C  CB  . GLN A 1 97  ? -8.535  -4.367  14.942  1.00 45.79 ? 96  GLN A CB  1 
ATOM   719  C  CG  . GLN A 1 97  ? -9.178  -3.324  14.008  1.00 47.48 ? 96  GLN A CG  1 
ATOM   720  C  CD  . GLN A 1 97  ? -10.203 -3.920  13.046  1.00 47.89 ? 96  GLN A CD  1 
ATOM   721  O  OE1 . GLN A 1 97  ? -10.540 -3.311  12.026  1.00 52.61 ? 96  GLN A OE1 1 
ATOM   722  N  NE2 . GLN A 1 97  ? -10.685 -5.118  13.354  1.00 50.79 ? 96  GLN A NE2 1 
ATOM   723  N  N   . SER A 1 98  ? -6.222  -5.693  16.865  1.00 45.59 ? 97  SER A N   1 
ATOM   724  C  CA  . SER A 1 98  ? -5.886  -6.572  17.986  1.00 45.39 ? 97  SER A CA  1 
ATOM   725  C  C   . SER A 1 98  ? -4.976  -5.895  18.990  1.00 44.94 ? 97  SER A C   1 
ATOM   726  O  O   . SER A 1 98  ? -5.212  -5.990  20.198  1.00 44.29 ? 97  SER A O   1 
ATOM   727  C  CB  . SER A 1 98  ? -5.174  -7.822  17.488  1.00 45.21 ? 97  SER A CB  1 
ATOM   728  O  OG  . SER A 1 98  ? -6.004  -8.529  16.598  1.00 47.85 ? 97  SER A OG  1 
ATOM   729  N  N   . GLU A 1 99  ? -3.944  -5.210  18.490  1.00 44.39 ? 98  GLU A N   1 
ATOM   730  C  CA  . GLU A 1 99  ? -2.839  -4.767  19.341  1.00 44.11 ? 98  GLU A CA  1 
ATOM   731  C  C   . GLU A 1 99  ? -2.858  -3.297  19.758  1.00 44.04 ? 98  GLU A C   1 
ATOM   732  O  O   . GLU A 1 99  ? -2.330  -2.965  20.816  1.00 44.30 ? 98  GLU A O   1 
ATOM   733  C  CB  . GLU A 1 99  ? -1.497  -5.142  18.701  1.00 43.90 ? 98  GLU A CB  1 
ATOM   734  C  CG  . GLU A 1 99  ? -1.323  -6.673  18.473  1.00 44.83 ? 98  GLU A CG  1 
ATOM   735  C  CD  . GLU A 1 99  ? -1.176  -7.477  19.774  1.00 43.08 ? 98  GLU A CD  1 
ATOM   736  N  N   . TRP A 1 100 ? -3.459  -2.417  18.962  1.00 43.90 ? 99  TRP A N   1 
ATOM   737  C  CA  . TRP A 1 100 ? -3.441  -0.985  19.268  1.00 43.46 ? 99  TRP A CA  1 
ATOM   738  C  C   . TRP A 1 100 ? -4.790  -0.477  19.756  1.00 42.97 ? 99  TRP A C   1 
ATOM   739  O  O   . TRP A 1 100 ? -5.840  -0.997  19.353  1.00 42.89 ? 99  TRP A O   1 
ATOM   740  C  CB  . TRP A 1 100 ? -3.009  -0.166  18.040  1.00 44.11 ? 99  TRP A CB  1 
ATOM   741  C  CG  . TRP A 1 100 ? -1.540  -0.253  17.708  1.00 44.44 ? 99  TRP A CG  1 
ATOM   742  C  CD1 . TRP A 1 100 ? -0.612  -1.081  18.277  1.00 45.11 ? 99  TRP A CD1 1 
ATOM   743  C  CD2 . TRP A 1 100 ? -0.845  0.485   16.690  1.00 44.70 ? 99  TRP A CD2 1 
ATOM   744  N  NE1 . TRP A 1 100 ? 0.619   -0.885  17.690  1.00 45.68 ? 99  TRP A NE1 1 
ATOM   745  C  CE2 . TRP A 1 100 ? 0.501   0.064   16.712  1.00 44.29 ? 99  TRP A CE2 1 
ATOM   746  C  CE3 . TRP A 1 100 ? -1.230  1.454   15.766  1.00 43.74 ? 99  TRP A CE3 1 
ATOM   747  C  CZ2 . TRP A 1 100 ? 1.460   0.577   15.848  1.00 44.86 ? 99  TRP A CZ2 1 
ATOM   748  C  CZ3 . TRP A 1 100 ? -0.265  1.976   14.903  1.00 45.39 ? 99  TRP A CZ3 1 
ATOM   749  C  CH2 . TRP A 1 100 ? 1.062   1.539   14.956  1.00 44.90 ? 99  TRP A CH2 1 
ATOM   750  N  N   . THR A 1 101 ? -4.733  0.534   20.630  1.00 41.65 ? 100 THR A N   1 
ATOM   751  C  CA  . THR A 1 101 ? -5.875  1.375   20.989  1.00 41.00 ? 100 THR A CA  1 
ATOM   752  C  C   . THR A 1 101 ? -5.484  2.818   20.620  1.00 40.50 ? 100 THR A C   1 
ATOM   753  O  O   . THR A 1 101 ? -4.390  3.034   20.109  1.00 40.72 ? 100 THR A O   1 
ATOM   754  C  CB  . THR A 1 101 ? -6.248  1.239   22.498  1.00 40.77 ? 100 THR A CB  1 
ATOM   755  O  OG1 . THR A 1 101 ? -5.095  1.459   23.322  1.00 40.49 ? 100 THR A OG1 1 
ATOM   756  C  CG2 . THR A 1 101 ? -6.793  -0.158  22.804  1.00 40.81 ? 100 THR A CG2 1 
ATOM   757  N  N   . ASP A 1 102 ? -6.346  3.800   20.864  1.00 39.96 ? 101 ASP A N   1 
ATOM   758  C  CA  . ASP A 1 102 ? -6.052  5.197   20.442  1.00 40.12 ? 101 ASP A CA  1 
ATOM   759  C  C   . ASP A 1 102 ? -4.717  5.769   20.926  1.00 39.90 ? 101 ASP A C   1 
ATOM   760  O  O   . ASP A 1 102 ? -4.115  6.597   20.228  1.00 39.45 ? 101 ASP A O   1 
ATOM   761  C  CB  . ASP A 1 102 ? -7.146  6.169   20.895  1.00 40.35 ? 101 ASP A CB  1 
ATOM   762  C  CG  . ASP A 1 102 ? -8.522  5.816   20.360  1.00 41.58 ? 101 ASP A CG  1 
ATOM   763  O  OD1 . ASP A 1 102 ? -8.617  5.149   19.309  1.00 43.38 ? 101 ASP A OD1 1 
ATOM   764  O  OD2 . ASP A 1 102 ? -9.516  6.210   21.011  1.00 43.32 ? 101 ASP A OD2 1 
ATOM   765  N  N   . LYS A 1 103 ? -4.289  5.378   22.134  1.00 39.81 ? 102 LYS A N   1 
ATOM   766  C  CA  . LYS A 1 103 ? -3.057  5.898   22.745  1.00 39.58 ? 102 LYS A CA  1 
ATOM   767  C  C   . LYS A 1 103 ? -1.768  5.496   22.018  1.00 39.56 ? 102 LYS A C   1 
ATOM   768  O  O   . LYS A 1 103 ? -0.811  6.285   21.949  1.00 40.62 ? 102 LYS A O   1 
ATOM   769  C  CB  . LYS A 1 103 ? -2.970  5.534   24.235  1.00 39.80 ? 102 LYS A CB  1 
ATOM   770  C  CG  . LYS A 1 103 ? -2.693  4.080   24.600  1.00 39.75 ? 102 LYS A CG  1 
ATOM   771  C  CD  . LYS A 1 103 ? -2.844  3.884   26.118  1.00 40.05 ? 102 LYS A CD  1 
ATOM   772  C  CE  . LYS A 1 103 ? -2.767  2.410   26.520  1.00 41.68 ? 102 LYS A CE  1 
ATOM   773  N  NZ  . LYS A 1 103 ? -3.096  2.171   27.974  1.00 42.03 ? 102 LYS A NZ  1 
ATOM   774  N  N   . ASP A 1 104 ? -1.772  4.294   21.454  1.00 39.64 ? 103 ASP A N   1 
ATOM   775  C  CA  . ASP A 1 104 ? -0.651  3.764   20.696  1.00 39.19 ? 103 ASP A CA  1 
ATOM   776  C  C   . ASP A 1 104 ? -0.270  4.642   19.490  1.00 38.64 ? 103 ASP A C   1 
ATOM   777  O  O   . ASP A 1 104 ? 0.855   4.573   18.986  1.00 38.48 ? 103 ASP A O   1 
ATOM   778  C  CB  . ASP A 1 104 ? -0.984  2.360   20.211  1.00 39.27 ? 103 ASP A CB  1 
ATOM   779  C  CG  . ASP A 1 104 ? -1.104  1.362   21.338  1.00 39.58 ? 103 ASP A CG  1 
ATOM   780  O  OD1 . ASP A 1 104 ? -0.064  0.931   21.883  1.00 40.37 ? 103 ASP A OD1 1 
ATOM   781  O  OD2 . ASP A 1 104 ? -2.245  0.976   21.669  1.00 40.06 ? 103 ASP A OD2 1 
ATOM   782  N  N   . LEU A 1 105 ? -1.213  5.449   19.018  1.00 37.92 ? 104 LEU A N   1 
ATOM   783  C  CA  . LEU A 1 105 ? -0.939  6.375   17.932  1.00 37.58 ? 104 LEU A CA  1 
ATOM   784  C  C   . LEU A 1 105 ? 0.083   7.440   18.322  1.00 36.67 ? 104 LEU A C   1 
ATOM   785  O  O   . LEU A 1 105 ? 0.667   8.074   17.440  1.00 37.21 ? 104 LEU A O   1 
ATOM   786  C  CB  . LEU A 1 105 ? -2.226  7.040   17.449  1.00 37.60 ? 104 LEU A CB  1 
ATOM   787  C  CG  . LEU A 1 105 ? -3.200  6.116   16.730  1.00 38.72 ? 104 LEU A CG  1 
ATOM   788  C  CD1 . LEU A 1 105 ? -4.550  6.797   16.546  1.00 38.99 ? 104 LEU A CD1 1 
ATOM   789  C  CD2 . LEU A 1 105 ? -2.618  5.689   15.393  1.00 38.50 ? 104 LEU A CD2 1 
ATOM   790  N  N   . THR A 1 106 ? 0.275   7.654   19.631  1.00 35.51 ? 105 THR A N   1 
ATOM   791  C  CA  . THR A 1 106 ? 1.269   8.606   20.139  1.00 34.57 ? 105 THR A CA  1 
ATOM   792  C  C   . THR A 1 106 ? 2.643   7.989   20.419  1.00 33.86 ? 105 THR A C   1 
ATOM   793  O  O   . THR A 1 106 ? 3.613   8.702   20.583  1.00 32.73 ? 105 THR A O   1 
ATOM   794  C  CB  . THR A 1 106 ? 0.793   9.305   21.449  1.00 34.44 ? 105 THR A CB  1 
ATOM   795  O  OG1 . THR A 1 106 ? 0.743   8.358   22.529  1.00 34.26 ? 105 THR A OG1 1 
ATOM   796  C  CG2 . THR A 1 106 ? -0.577  9.935   21.254  1.00 35.11 ? 105 THR A CG2 1 
ATOM   797  N  N   . THR A 1 107 ? 2.741   6.668   20.524  1.00 33.40 ? 106 THR A N   1 
ATOM   798  C  CA  . THR A 1 107 ? 4.034   6.049   20.803  1.00 33.85 ? 106 THR A CA  1 
ATOM   799  C  C   . THR A 1 107 ? 5.064   6.396   19.751  1.00 35.81 ? 106 THR A C   1 
ATOM   800  O  O   . THR A 1 107 ? 4.842   6.182   18.550  1.00 36.15 ? 106 THR A O   1 
ATOM   801  C  CB  . THR A 1 107 ? 3.880   4.534   20.868  1.00 34.10 ? 106 THR A CB  1 
ATOM   802  O  OG1 . THR A 1 107 ? 2.777   4.279   21.719  1.00 31.30 ? 106 THR A OG1 1 
ATOM   803  C  CG2 . THR A 1 107 ? 5.144   3.879   21.424  1.00 34.03 ? 106 THR A CG2 1 
ATOM   804  N  N   . ILE A 1 108 ? 6.175   6.978   20.197  1.00 38.13 ? 107 ILE A N   1 
ATOM   805  C  CA  . ILE A 1 108 ? 7.263   7.376   19.306  1.00 39.30 ? 107 ILE A CA  1 
ATOM   806  C  C   . ILE A 1 108 ? 8.093   6.163   18.894  1.00 40.57 ? 107 ILE A C   1 
ATOM   807  O  O   . ILE A 1 108 ? 8.575   5.416   19.745  1.00 40.68 ? 107 ILE A O   1 
ATOM   808  C  CB  . ILE A 1 108 ? 8.144   8.446   19.963  1.00 39.46 ? 107 ILE A CB  1 
ATOM   809  C  CG1 . ILE A 1 108 ? 7.384   9.772   20.015  1.00 39.21 ? 107 ILE A CG1 1 
ATOM   810  C  CG2 . ILE A 1 108 ? 9.430   8.640   19.168  1.00 41.13 ? 107 ILE A CG2 1 
ATOM   811  C  CD1 . ILE A 1 108 ? 8.096   10.819  20.814  1.00 38.98 ? 107 ILE A CD1 1 
ATOM   812  N  N   . ASN A 1 109 ? 8.205   5.935   17.581  1.00 41.61 ? 108 ASN A N   1 
ATOM   813  C  CA  . ASN A 1 109 ? 9.034   4.863   17.035  1.00 42.13 ? 108 ASN A CA  1 
ATOM   814  C  C   . ASN A 1 109 ? 10.011  5.432   15.983  1.00 43.07 ? 108 ASN A C   1 
ATOM   815  O  O   . ASN A 1 109 ? 9.978   6.630   15.613  1.00 43.07 ? 108 ASN A O   1 
ATOM   816  C  CB  . ASN A 1 109 ? 8.158   3.757   16.453  1.00 42.42 ? 108 ASN A CB  1 
ATOM   817  C  CG  . ASN A 1 109 ? 7.694   2.744   17.493  1.00 43.28 ? 108 ASN A CG  1 
ATOM   818  O  OD1 . ASN A 1 109 ? 8.496   1.990   18.041  1.00 42.03 ? 108 ASN A OD1 1 
ATOM   819  N  ND2 . ASN A 1 109 ? 6.383   2.687   17.728  1.00 45.25 ? 108 ASN A ND2 1 
ATOM   820  N  N   . ASP A 1 110 ? 10.908  4.575   15.529  1.00 44.42 ? 109 ASP A N   1 
ATOM   821  C  CA  . ASP A 1 110 ? 11.951  4.984   14.613  1.00 45.61 ? 109 ASP A CA  1 
ATOM   822  C  C   . ASP A 1 110 ? 11.512  4.756   13.185  1.00 45.73 ? 109 ASP A C   1 
ATOM   823  O  O   . ASP A 1 110 ? 11.268  3.612   12.792  1.00 44.24 ? 109 ASP A O   1 
ATOM   824  C  CB  . ASP A 1 110 ? 13.224  4.189   14.876  1.00 46.20 ? 109 ASP A CB  1 
ATOM   825  C  CG  . ASP A 1 110 ? 14.339  4.560   13.923  1.00 48.35 ? 109 ASP A CG  1 
ATOM   826  O  OD1 . ASP A 1 110 ? 14.697  5.763   13.866  1.00 54.39 ? 109 ASP A OD1 1 
ATOM   827  O  OD2 . ASP A 1 110 ? 14.852  3.660   13.225  1.00 51.03 ? 109 ASP A OD2 1 
ATOM   828  N  N   . PHE A 1 111 ? 11.416  5.827   12.398  1.00 46.52 ? 110 PHE A N   1 
ATOM   829  C  CA  . PHE A 1 111 ? 11.160  5.653   10.961  1.00 47.64 ? 110 PHE A CA  1 
ATOM   830  C  C   . PHE A 1 111 ? 12.439  5.831   10.172  1.00 48.40 ? 110 PHE A C   1 
ATOM   831  O  O   . PHE A 1 111 ? 12.894  6.955   9.954   1.00 46.87 ? 110 PHE A O   1 
ATOM   832  C  CB  . PHE A 1 111 ? 10.065  6.575   10.421  1.00 48.31 ? 110 PHE A CB  1 
ATOM   833  C  CG  . PHE A 1 111 ? 9.720   6.297   8.959   1.00 49.63 ? 110 PHE A CG  1 
ATOM   834  C  CD1 . PHE A 1 111 ? 9.138   5.080   8.585   1.00 49.78 ? 110 PHE A CD1 1 
ATOM   835  C  CD2 . PHE A 1 111 ? 10.020  7.211   7.961   1.00 51.36 ? 110 PHE A CD2 1 
ATOM   836  C  CE1 . PHE A 1 111 ? 8.838   4.803   7.230   1.00 50.52 ? 110 PHE A CE1 1 
ATOM   837  C  CE2 . PHE A 1 111 ? 9.723   6.938   6.610   1.00 50.54 ? 110 PHE A CE2 1 
ATOM   838  C  CZ  . PHE A 1 111 ? 9.122   5.734   6.252   1.00 51.58 ? 110 PHE A CZ  1 
ATOM   839  N  N   . PHE A 1 112 ? 13.036  4.708   9.779   1.00 49.53 ? 111 PHE A N   1 
ATOM   840  C  CA  . PHE A 1 112 ? 14.285  4.728   9.024   1.00 51.07 ? 111 PHE A CA  1 
ATOM   841  C  C   . PHE A 1 112 ? 15.206  5.871   9.479   1.00 51.26 ? 111 PHE A C   1 
ATOM   842  O  O   . PHE A 1 112 ? 15.597  6.720   8.676   1.00 51.68 ? 111 PHE A O   1 
ATOM   843  C  CB  . PHE A 1 112 ? 14.004  4.864   7.519   1.00 51.89 ? 111 PHE A CB  1 
ATOM   844  C  CG  . PHE A 1 112 ? 13.113  3.782   6.962   1.00 52.62 ? 111 PHE A CG  1 
ATOM   845  C  CD1 . PHE A 1 112 ? 13.446  2.433   7.122   1.00 54.80 ? 111 PHE A CD1 1 
ATOM   846  C  CD2 . PHE A 1 112 ? 11.950  4.105   6.293   1.00 52.93 ? 111 PHE A CD2 1 
ATOM   847  C  CE1 . PHE A 1 112 ? 12.622  1.426   6.618   1.00 53.82 ? 111 PHE A CE1 1 
ATOM   848  C  CE2 . PHE A 1 112 ? 11.120  3.105   5.784   1.00 54.61 ? 111 PHE A CE2 1 
ATOM   849  C  CZ  . PHE A 1 112 ? 11.466  1.761   5.953   1.00 53.77 ? 111 PHE A CZ  1 
ATOM   850  N  N   . GLY A 1 113 ? 15.515  5.913   10.770  1.00 51.34 ? 112 GLY A N   1 
ATOM   851  C  CA  . GLY A 1 113 ? 16.461  6.911   11.296  1.00 51.36 ? 112 GLY A CA  1 
ATOM   852  C  C   . GLY A 1 113 ? 15.877  8.075   12.082  1.00 51.10 ? 112 GLY A C   1 
ATOM   853  O  O   . GLY A 1 113 ? 16.527  8.574   12.987  1.00 51.41 ? 112 GLY A O   1 
ATOM   854  N  N   . ARG A 1 114 ? 14.667  8.525   11.748  1.00 50.84 ? 113 ARG A N   1 
ATOM   855  C  CA  . ARG A 1 114 ? 14.045  9.630   12.496  1.00 50.80 ? 113 ARG A CA  1 
ATOM   856  C  C   . ARG A 1 114 ? 12.942  9.130   13.448  1.00 49.66 ? 113 ARG A C   1 
ATOM   857  O  O   . ARG A 1 114 ? 12.211  8.207   13.117  1.00 49.62 ? 113 ARG A O   1 
ATOM   858  C  CB  . ARG A 1 114 ? 13.552  10.752  11.559  1.00 51.29 ? 113 ARG A CB  1 
ATOM   859  C  CG  . ARG A 1 114 ? 12.542  10.354  10.457  1.00 52.28 ? 113 ARG A CG  1 
ATOM   860  C  CD  . ARG A 1 114 ? 12.557  11.411  9.315   1.00 52.16 ? 113 ARG A CD  1 
ATOM   861  N  N   . PRO A 1 115 ? 12.859  9.707   14.662  1.00 48.76 ? 114 PRO A N   1 
ATOM   862  C  CA  . PRO A 1 115 ? 11.810  9.307   15.599  1.00 47.97 ? 114 PRO A CA  1 
ATOM   863  C  C   . PRO A 1 115 ? 10.504  10.058  15.320  1.00 46.80 ? 114 PRO A C   1 
ATOM   864  O  O   . PRO A 1 115 ? 10.501  11.275  15.211  1.00 47.46 ? 114 PRO A O   1 
ATOM   865  C  CB  . PRO A 1 115 ? 12.401  9.675   16.966  1.00 47.96 ? 114 PRO A CB  1 
ATOM   866  C  CG  . PRO A 1 115 ? 13.265  10.859  16.684  1.00 48.86 ? 114 PRO A CG  1 
ATOM   867  C  CD  . PRO A 1 115 ? 13.731  10.749  15.238  1.00 49.07 ? 114 PRO A CD  1 
HETATM 868  N  N   A MSE A 1 116 ? 9.407   9.317   15.215  0.50 46.47 ? 115 MSE A N   1 
HETATM 869  N  N   B MSE A 1 116 ? 9.411   9.318   15.162  0.50 46.30 ? 115 MSE A N   1 
HETATM 870  C  CA  A MSE A 1 116 ? 8.103   9.893   14.903  0.50 45.86 ? 115 MSE A CA  1 
HETATM 871  C  CA  B MSE A 1 116 ? 8.097   9.908   14.894  0.50 45.60 ? 115 MSE A CA  1 
HETATM 872  C  C   A MSE A 1 116 ? 7.008   9.081   15.604  0.50 44.88 ? 115 MSE A C   1 
HETATM 873  C  C   B MSE A 1 116 ? 7.007   9.086   15.592  0.50 44.71 ? 115 MSE A C   1 
HETATM 874  O  O   A MSE A 1 116 ? 7.173   7.885   15.818  0.50 44.01 ? 115 MSE A O   1 
HETATM 875  O  O   B MSE A 1 116 ? 7.176   7.889   15.799  0.50 43.85 ? 115 MSE A O   1 
HETATM 876  C  CB  A MSE A 1 116 ? 7.862   9.871   13.384  0.50 46.26 ? 115 MSE A CB  1 
HETATM 877  C  CB  B MSE A 1 116 ? 7.819   9.989   13.373  0.50 45.71 ? 115 MSE A CB  1 
HETATM 878  C  CG  A MSE A 1 116 ? 8.850   10.699  12.552  0.50 47.41 ? 115 MSE A CG  1 
HETATM 879  C  CG  B MSE A 1 116 ? 7.972   8.672   12.597  0.50 45.33 ? 115 MSE A CG  1 
HETATM 880  SE SE  A MSE A 1 116 ? 8.730   12.593  12.867  0.38 50.15 ? 115 MSE A SE  1 
HETATM 881  SE SE  B MSE A 1 116 ? 7.296   8.639   10.719  0.37 46.66 ? 115 MSE A SE  1 
HETATM 882  C  CE  A MSE A 1 116 ? 7.489   13.077  11.457  0.50 47.61 ? 115 MSE A CE  1 
HETATM 883  C  CE  B MSE A 1 116 ? 8.224   10.175  10.094  0.50 40.32 ? 115 MSE A CE  1 
ATOM   884  N  N   . PRO A 1 117 ? 5.895   9.736   15.975  1.00 43.99 ? 116 PRO A N   1 
ATOM   885  C  CA  . PRO A 1 117 ? 4.756   8.993   16.521  1.00 43.79 ? 116 PRO A CA  1 
ATOM   886  C  C   . PRO A 1 117 ? 4.181   7.949   15.543  1.00 43.02 ? 116 PRO A C   1 
ATOM   887  O  O   . PRO A 1 117 ? 4.337   8.060   14.336  1.00 43.43 ? 116 PRO A O   1 
ATOM   888  C  CB  . PRO A 1 117 ? 3.729   10.090  16.850  1.00 43.24 ? 116 PRO A CB  1 
ATOM   889  C  CG  . PRO A 1 117 ? 4.235   11.343  16.291  1.00 43.88 ? 116 PRO A CG  1 
ATOM   890  C  CD  . PRO A 1 117 ? 5.664   11.192  15.946  1.00 43.91 ? 116 PRO A CD  1 
ATOM   891  N  N   . ASN A 1 118 ? 3.529   6.927   16.054  1.00 43.16 ? 117 ASN A N   1 
ATOM   892  C  CA  . ASN A 1 118 ? 2.933   5.940   15.170  1.00 42.24 ? 117 ASN A CA  1 
ATOM   893  C  C   . ASN A 1 118 ? 1.964   6.537   14.142  1.00 42.64 ? 117 ASN A C   1 
ATOM   894  O  O   . ASN A 1 118 ? 1.896   6.047   13.023  1.00 41.88 ? 117 ASN A O   1 
ATOM   895  C  CB  . ASN A 1 118 ? 2.265   4.824   15.956  1.00 42.23 ? 117 ASN A CB  1 
ATOM   896  C  CG  . ASN A 1 118 ? 3.264   3.865   16.538  1.00 40.47 ? 117 ASN A CG  1 
ATOM   897  O  OD1 . ASN A 1 118 ? 4.312   3.627   15.945  1.00 38.78 ? 117 ASN A OD1 1 
ATOM   898  N  ND2 . ASN A 1 118 ? 2.963   3.324   17.702  1.00 38.60 ? 117 ASN A ND2 1 
ATOM   899  N  N   . SER A 1 119 ? 1.250   7.604   14.498  1.00 42.46 ? 118 SER A N   1 
ATOM   900  C  CA  . SER A 1 119 ? 0.279   8.210   13.577  1.00 42.93 ? 118 SER A CA  1 
ATOM   901  C  C   . SER A 1 119 ? 0.915   8.717   12.267  1.00 43.27 ? 118 SER A C   1 
ATOM   902  O  O   . SER A 1 119 ? 0.291   8.684   11.203  1.00 43.99 ? 118 SER A O   1 
ATOM   903  C  CB  . SER A 1 119 ? -0.471  9.351   14.255  1.00 42.42 ? 118 SER A CB  1 
ATOM   904  O  OG  . SER A 1 119 ? 0.438   10.263  14.793  1.00 41.62 ? 118 SER A OG  1 
ATOM   905  N  N   . ILE A 1 120 ? 2.157   9.156   12.353  1.00 43.05 ? 119 ILE A N   1 
ATOM   906  C  CA  . ILE A 1 120 ? 2.889   9.645   11.204  1.00 42.90 ? 119 ILE A CA  1 
ATOM   907  C  C   . ILE A 1 120 ? 3.288   8.454   10.330  1.00 41.18 ? 119 ILE A C   1 
ATOM   908  O  O   . ILE A 1 120 ? 3.200   8.501   9.099   1.00 40.63 ? 119 ILE A O   1 
ATOM   909  C  CB  . ILE A 1 120 ? 4.119   10.458  11.642  1.00 42.76 ? 119 ILE A CB  1 
ATOM   910  C  CG1 . ILE A 1 120 ? 3.706   11.705  12.438  1.00 44.12 ? 119 ILE A CG1 1 
ATOM   911  C  CG2 . ILE A 1 120 ? 4.925   10.910  10.449  1.00 44.93 ? 119 ILE A CG2 1 
ATOM   912  C  CD1 . ILE A 1 120 ? 2.855   12.720  11.673  1.00 45.27 ? 119 ILE A CD1 1 
ATOM   913  N  N   . PHE A 1 121 ? 3.684   7.351   10.938  1.00 40.62 ? 120 PHE A N   1 
ATOM   914  C  CA  . PHE A 1 121 ? 3.883   6.145   10.128  1.00 39.21 ? 120 PHE A CA  1 
ATOM   915  C  C   . PHE A 1 121 ? 2.668   5.948   9.240   1.00 39.52 ? 120 PHE A C   1 
ATOM   916  O  O   . PHE A 1 121 ? 2.781   5.649   8.030   1.00 37.20 ? 120 PHE A O   1 
ATOM   917  C  CB  . PHE A 1 121 ? 4.074   4.910   10.982  1.00 39.58 ? 120 PHE A CB  1 
ATOM   918  C  CG  . PHE A 1 121 ? 5.431   4.796   11.601  1.00 39.72 ? 120 PHE A CG  1 
ATOM   919  C  CD1 . PHE A 1 121 ? 5.756   5.497   12.754  1.00 39.04 ? 120 PHE A CD1 1 
ATOM   920  C  CD2 . PHE A 1 121 ? 6.386   3.971   11.043  1.00 38.89 ? 120 PHE A CD2 1 
ATOM   921  C  CE1 . PHE A 1 121 ? 6.994   5.378   13.324  1.00 37.81 ? 120 PHE A CE1 1 
ATOM   922  C  CE2 . PHE A 1 121 ? 7.617   3.842   11.630  1.00 39.88 ? 120 PHE A CE2 1 
ATOM   923  C  CZ  . PHE A 1 121 ? 7.934   4.581   12.756  1.00 38.14 ? 120 PHE A CZ  1 
ATOM   924  N  N   . LEU A 1 122 ? 1.493   6.077   9.857   1.00 40.36 ? 121 LEU A N   1 
ATOM   925  C  CA  . LEU A 1 122 ? 0.238   5.697   9.205   1.00 40.88 ? 121 LEU A CA  1 
ATOM   926  C  C   . LEU A 1 122 ? -0.098  6.733   8.134   1.00 41.08 ? 121 LEU A C   1 
ATOM   927  O  O   . LEU A 1 122 ? -0.580  6.390   7.072   1.00 41.03 ? 121 LEU A O   1 
ATOM   928  C  CB  . LEU A 1 122 ? -0.917  5.582   10.216  1.00 39.89 ? 121 LEU A CB  1 
ATOM   929  C  CG  . LEU A 1 122 ? -0.917  4.375   11.159  1.00 40.55 ? 121 LEU A CG  1 
ATOM   930  C  CD1 . LEU A 1 122 ? -2.162  4.361   11.999  1.00 36.76 ? 121 LEU A CD1 1 
ATOM   931  C  CD2 . LEU A 1 122 ? -0.803  3.117   10.397  1.00 37.03 ? 121 LEU A CD2 1 
HETATM 932  N  N   . MSE A 1 123 ? 0.159   7.999   8.430   1.00 42.59 ? 122 MSE A N   1 
HETATM 933  C  CA  . MSE A 1 123 ? -0.033  9.067   7.465   1.00 44.24 ? 122 MSE A CA  1 
HETATM 934  C  C   . MSE A 1 123 ? 0.856   8.807   6.258   1.00 43.62 ? 122 MSE A C   1 
HETATM 935  O  O   . MSE A 1 123 ? 0.473   9.071   5.121   1.00 43.80 ? 122 MSE A O   1 
HETATM 936  C  CB  . MSE A 1 123 ? 0.343   10.411  8.092   1.00 44.26 ? 122 MSE A CB  1 
HETATM 937  C  CG  . MSE A 1 123 ? 0.150   11.596  7.213   1.00 45.86 ? 122 MSE A CG  1 
HETATM 938  SE SE  . MSE A 1 123 ? 1.230   13.135  7.824   0.75 51.63 ? 122 MSE A SE  1 
HETATM 939  C  CE  . MSE A 1 123 ? 3.101   12.450  7.377   1.00 45.57 ? 122 MSE A CE  1 
ATOM   940  N  N   . THR A 1 124 ? 2.056   8.304   6.528   1.00 43.14 ? 123 THR A N   1 
ATOM   941  C  CA  . THR A 1 124 ? 3.065   8.102   5.507   1.00 42.91 ? 123 THR A CA  1 
ATOM   942  C  C   . THR A 1 124 ? 2.655   6.942   4.613   1.00 42.21 ? 123 THR A C   1 
ATOM   943  O  O   . THR A 1 124 ? 2.815   7.012   3.402   1.00 41.89 ? 123 THR A O   1 
ATOM   944  C  CB  . THR A 1 124 ? 4.504   7.948   6.145   1.00 43.39 ? 123 THR A CB  1 
ATOM   945  O  OG1 . THR A 1 124 ? 4.887   9.198   6.758   1.00 42.69 ? 123 THR A OG1 1 
ATOM   946  C  CG2 . THR A 1 124 ? 5.562   7.552   5.077   1.00 43.20 ? 123 THR A CG2 1 
ATOM   947  N  N   . LEU A 1 125 ? 2.086   5.896   5.212   1.00 41.77 ? 124 LEU A N   1 
ATOM   948  C  CA  . LEU A 1 125 ? 1.593   4.777   4.463   1.00 41.19 ? 124 LEU A CA  1 
ATOM   949  C  C   . LEU A 1 125 ? 0.568   5.204   3.405   1.00 40.75 ? 124 LEU A C   1 
ATOM   950  O  O   . LEU A 1 125 ? 0.633   4.748   2.259   1.00 41.36 ? 124 LEU A O   1 
ATOM   951  C  CB  . LEU A 1 125 ? 0.956   3.759   5.410   1.00 40.93 ? 124 LEU A CB  1 
ATOM   952  C  CG  . LEU A 1 125 ? 0.387   2.470   4.853   1.00 42.46 ? 124 LEU A CG  1 
ATOM   953  C  CD1 . LEU A 1 125 ? 1.493   1.521   4.390   1.00 43.77 ? 124 LEU A CD1 1 
ATOM   954  C  CD2 . LEU A 1 125 ? -0.480  1.803   5.893   1.00 40.62 ? 124 LEU A CD2 1 
ATOM   955  N  N   . ILE A 1 126 ? -0.386  6.034   3.808   1.00 39.88 ? 125 ILE A N   1 
ATOM   956  C  CA  . ILE A 1 126 ? -1.476  6.466   2.935   1.00 39.12 ? 125 ILE A CA  1 
ATOM   957  C  C   . ILE A 1 126 ? -0.967  7.346   1.818   1.00 38.38 ? 125 ILE A C   1 
ATOM   958  O  O   . ILE A 1 126 ? -1.362  7.162   0.668   1.00 37.70 ? 125 ILE A O   1 
ATOM   959  C  CB  . ILE A 1 126 ? -2.593  7.236   3.720   1.00 39.09 ? 125 ILE A CB  1 
ATOM   960  C  CG1 . ILE A 1 126 ? -3.341  6.286   4.645   1.00 39.79 ? 125 ILE A CG1 1 
ATOM   961  C  CG2 . ILE A 1 126 ? -3.607  7.861   2.767   1.00 38.31 ? 125 ILE A CG2 1 
ATOM   962  C  CD1 . ILE A 1 126 ? -4.392  6.952   5.506   1.00 39.65 ? 125 ILE A CD1 1 
ATOM   963  N  N   . ASN A 1 127 ? -0.110  8.301   2.169   1.00 37.52 ? 126 ASN A N   1 
ATOM   964  C  CA  . ASN A 1 127 ? 0.463   9.238   1.228   1.00 37.33 ? 126 ASN A CA  1 
ATOM   965  C  C   . ASN A 1 127 ? 1.319   8.567   0.144   1.00 37.26 ? 126 ASN A C   1 
ATOM   966  O  O   . ASN A 1 127 ? 1.188   8.871   -1.053  1.00 34.80 ? 126 ASN A O   1 
ATOM   967  C  CB  . ASN A 1 127 ? 1.339   10.246  1.961   1.00 38.33 ? 126 ASN A CB  1 
ATOM   968  C  CG  . ASN A 1 127 ? 0.553   11.302  2.686   1.00 40.70 ? 126 ASN A CG  1 
ATOM   969  O  OD1 . ASN A 1 127 ? -0.676  11.378  2.581   1.00 44.17 ? 126 ASN A OD1 1 
ATOM   970  N  ND2 . ASN A 1 127 ? 1.266   12.146  3.431   1.00 40.57 ? 126 ASN A ND2 1 
ATOM   971  N  N   . HIS A 1 128 ? 2.164   7.628   0.585   1.00 37.71 ? 127 HIS A N   1 
ATOM   972  C  CA  . HIS A 1 128 ? 3.031   6.840   -0.301  1.00 37.67 ? 127 HIS A CA  1 
ATOM   973  C  C   . HIS A 1 128 ? 2.180   6.060   -1.299  1.00 38.98 ? 127 HIS A C   1 
ATOM   974  O  O   . HIS A 1 128 ? 2.415   6.149   -2.502  1.00 39.22 ? 127 HIS A O   1 
ATOM   975  C  CB  . HIS A 1 128 ? 3.932   5.906   0.533   1.00 37.87 ? 127 HIS A CB  1 
ATOM   976  C  CG  . HIS A 1 128 ? 4.788   4.970   -0.275  1.00 35.17 ? 127 HIS A CG  1 
ATOM   977  N  ND1 . HIS A 1 128 ? 4.520   3.622   -0.385  1.00 36.73 ? 127 HIS A ND1 1 
ATOM   978  C  CD2 . HIS A 1 128 ? 5.920   5.185   -0.984  1.00 31.82 ? 127 HIS A CD2 1 
ATOM   979  C  CE1 . HIS A 1 128 ? 5.448   3.052   -1.142  1.00 36.20 ? 127 HIS A CE1 1 
ATOM   980  N  NE2 . HIS A 1 128 ? 6.306   3.984   -1.520  1.00 36.17 ? 127 HIS A NE2 1 
ATOM   981  N  N   . GLN A 1 129 ? 1.219   5.293   -0.784  1.00 39.54 ? 128 GLN A N   1 
ATOM   982  C  CA  . GLN A 1 129 ? 0.311   4.492   -1.585  1.00 39.52 ? 128 GLN A CA  1 
ATOM   983  C  C   . GLN A 1 129 ? -0.454  5.321   -2.623  1.00 40.57 ? 128 GLN A C   1 
ATOM   984  O  O   . GLN A 1 129 ? -0.663  4.869   -3.740  1.00 40.88 ? 128 GLN A O   1 
ATOM   985  C  CB  . GLN A 1 129 ? -0.678  3.807   -0.680  1.00 39.57 ? 128 GLN A CB  1 
ATOM   986  C  CG  . GLN A 1 129 ? -1.559  2.786   -1.396  1.00 39.96 ? 128 GLN A CG  1 
ATOM   987  C  CD  . GLN A 1 129 ? -2.461  2.062   -0.473  1.00 41.12 ? 128 GLN A CD  1 
ATOM   988  O  OE1 . GLN A 1 129 ? -2.364  0.839   -0.328  1.00 40.43 ? 128 GLN A OE1 1 
ATOM   989  N  NE2 . GLN A 1 129 ? -3.364  2.804   0.179   1.00 40.41 ? 128 GLN A NE2 1 
ATOM   990  N  N   . ASN A 1 130 ? -0.852  6.531   -2.233  1.00 39.82 ? 129 ASN A N   1 
ATOM   991  C  CA  . ASN A 1 130 ? -1.656  7.413   -3.067  1.00 40.21 ? 129 ASN A CA  1 
ATOM   992  C  C   . ASN A 1 130 ? -0.815  7.993   -4.212  1.00 39.31 ? 129 ASN A C   1 
ATOM   993  O  O   . ASN A 1 130 ? -1.282  8.128   -5.340  1.00 37.84 ? 129 ASN A O   1 
ATOM   994  C  CB  . ASN A 1 130 ? -2.243  8.527   -2.185  1.00 40.29 ? 129 ASN A CB  1 
ATOM   995  C  CG  . ASN A 1 130 ? -3.179  9.474   -2.941  1.00 43.51 ? 129 ASN A CG  1 
ATOM   996  O  OD1 . ASN A 1 130 ? -3.663  9.168   -4.033  1.00 47.46 ? 129 ASN A OD1 1 
ATOM   997  N  ND2 . ASN A 1 130 ? -3.445  10.630  -2.343  1.00 42.77 ? 129 ASN A ND2 1 
ATOM   998  N  N   . HIS A 1 131 ? 0.432   8.335   -3.911  1.00 39.10 ? 130 HIS A N   1 
ATOM   999  C  CA  . HIS A 1 131 ? 1.378   8.788   -4.936  1.00 39.02 ? 130 HIS A CA  1 
ATOM   1000 C  C   . HIS A 1 131 ? 1.534   7.759   -6.055  1.00 38.12 ? 130 HIS A C   1 
ATOM   1001 O  O   . HIS A 1 131 ? 1.419   8.097   -7.242  1.00 38.39 ? 130 HIS A O   1 
ATOM   1002 C  CB  . HIS A 1 131 ? 2.742   9.045   -4.299  1.00 39.29 ? 130 HIS A CB  1 
ATOM   1003 C  CG  . HIS A 1 131 ? 3.862   9.146   -5.284  1.00 39.26 ? 130 HIS A CG  1 
ATOM   1004 N  ND1 . HIS A 1 131 ? 4.024   10.229  -6.123  1.00 38.14 ? 130 HIS A ND1 1 
ATOM   1005 C  CD2 . HIS A 1 131 ? 4.904   8.314   -5.530  1.00 38.78 ? 130 HIS A CD2 1 
ATOM   1006 C  CE1 . HIS A 1 131 ? 5.109   10.049  -6.856  1.00 39.64 ? 130 HIS A CE1 1 
ATOM   1007 N  NE2 . HIS A 1 131 ? 5.664   8.900   -6.513  1.00 37.62 ? 130 HIS A NE2 1 
ATOM   1008 N  N   . HIS A 1 132 ? 1.820   6.528   -5.659  1.00 37.71 ? 131 HIS A N   1 
ATOM   1009 C  CA  . HIS A 1 132 ? 2.048   5.420   -6.595  1.00 37.24 ? 131 HIS A CA  1 
ATOM   1010 C  C   . HIS A 1 132 ? 0.798   4.921   -7.306  1.00 36.58 ? 131 HIS A C   1 
ATOM   1011 O  O   . HIS A 1 132 ? 0.852   4.479   -8.471  1.00 35.94 ? 131 HIS A O   1 
ATOM   1012 C  CB  . HIS A 1 132 ? 2.706   4.251   -5.868  1.00 36.93 ? 131 HIS A CB  1 
ATOM   1013 C  CG  . HIS A 1 132 ? 4.157   4.452   -5.594  1.00 37.60 ? 131 HIS A CG  1 
ATOM   1014 N  ND1 . HIS A 1 132 ? 5.089   4.566   -6.597  1.00 36.87 ? 131 HIS A ND1 1 
ATOM   1015 C  CD2 . HIS A 1 132 ? 4.842   4.556   -4.429  1.00 37.91 ? 131 HIS A CD2 1 
ATOM   1016 C  CE1 . HIS A 1 132 ? 6.285   4.723   -6.063  1.00 37.78 ? 131 HIS A CE1 1 
ATOM   1017 N  NE2 . HIS A 1 132 ? 6.163   4.702   -4.752  1.00 34.19 ? 131 HIS A NE2 1 
ATOM   1018 N  N   . ARG A 1 133 ? -0.336  4.946   -6.616  1.00 35.76 ? 132 ARG A N   1 
ATOM   1019 C  CA  . ARG A 1 133 ? -1.617  4.664   -7.288  1.00 34.80 ? 132 ARG A CA  1 
ATOM   1020 C  C   . ARG A 1 133 ? -1.889  5.745   -8.364  1.00 33.64 ? 132 ARG A C   1 
ATOM   1021 O  O   . ARG A 1 133 ? -2.380  5.453   -9.438  1.00 34.61 ? 132 ARG A O   1 
ATOM   1022 C  CB  . ARG A 1 133 ? -2.736  4.578   -6.254  1.00 34.99 ? 132 ARG A CB  1 
ATOM   1023 C  CG  . ARG A 1 133 ? -4.091  4.267   -6.820  1.00 35.58 ? 132 ARG A CG  1 
ATOM   1024 C  CD  . ARG A 1 133 ? -5.113  4.197   -5.716  1.00 36.45 ? 132 ARG A CD  1 
ATOM   1025 N  NE  . ARG A 1 133 ? -5.262  5.508   -5.114  1.00 37.68 ? 132 ARG A NE  1 
ATOM   1026 C  CZ  . ARG A 1 133 ? -5.653  5.739   -3.862  1.00 38.30 ? 132 ARG A CZ  1 
ATOM   1027 N  NH1 . ARG A 1 133 ? -5.948  4.750   -3.024  1.00 39.14 ? 132 ARG A NH1 1 
ATOM   1028 N  NH2 . ARG A 1 133 ? -5.737  6.987   -3.456  1.00 39.80 ? 132 ARG A NH2 1 
ATOM   1029 N  N   . GLY A 1 134 ? -1.511  6.980   -8.096  1.00 32.34 ? 133 GLY A N   1 
ATOM   1030 C  CA  . GLY A 1 134 ? -1.607  8.046   -9.083  1.00 31.59 ? 133 GLY A CA  1 
ATOM   1031 C  C   . GLY A 1 134 ? -0.837  7.663   -10.342 1.00 32.06 ? 133 GLY A C   1 
ATOM   1032 O  O   . GLY A 1 134 ? -1.306  7.882   -11.455 1.00 30.70 ? 133 GLY A O   1 
ATOM   1033 N  N   . GLN A 1 135 ? 0.360   7.080   -10.149 1.00 31.73 ? 134 GLN A N   1 
ATOM   1034 C  CA  . GLN A 1 135 ? 1.199   6.605   -11.252 1.00 31.14 ? 134 GLN A CA  1 
ATOM   1035 C  C   . GLN A 1 135 ? 0.528   5.455   -11.967 1.00 31.57 ? 134 GLN A C   1 
ATOM   1036 O  O   . GLN A 1 135 ? 0.469   5.416   -13.191 1.00 31.15 ? 134 GLN A O   1 
ATOM   1037 C  CB  . GLN A 1 135 ? 2.553   6.118   -10.712 1.00 31.55 ? 134 GLN A CB  1 
ATOM   1038 C  CG  . GLN A 1 135 ? 3.368   7.201   -10.047 1.00 30.22 ? 134 GLN A CG  1 
ATOM   1039 C  CD  . GLN A 1 135 ? 4.767   6.739   -9.575  1.00 30.87 ? 134 GLN A CD  1 
ATOM   1040 O  OE1 . GLN A 1 135 ? 4.937   5.629   -9.091  1.00 31.06 ? 134 GLN A OE1 1 
ATOM   1041 N  NE2 . GLN A 1 135 ? 5.752   7.642   -9.673  1.00 30.25 ? 134 GLN A NE2 1 
HETATM 1042 N  N   . MSE A 1 136 ? 0.009   4.509   -11.202 1.00 32.32 ? 135 MSE A N   1 
HETATM 1043 C  CA  . MSE A 1 136 ? -0.645  3.371   -11.811 1.00 32.89 ? 135 MSE A CA  1 
HETATM 1044 C  C   . MSE A 1 136 ? -1.729  3.779   -12.804 1.00 33.44 ? 135 MSE A C   1 
HETATM 1045 O  O   . MSE A 1 136 ? -1.879  3.132   -13.865 1.00 35.37 ? 135 MSE A O   1 
HETATM 1046 C  CB  . MSE A 1 136 ? -1.261  2.462   -10.766 1.00 32.64 ? 135 MSE A CB  1 
HETATM 1047 C  CG  . MSE A 1 136 ? -0.357  1.859   -9.812  1.00 32.39 ? 135 MSE A CG  1 
HETATM 1048 SE SE  . MSE A 1 136 ? -1.162  0.082   -9.378  0.75 35.42 ? 135 MSE A SE  1 
HETATM 1049 C  CE  . MSE A 1 136 ? -2.507  0.592   -8.273  1.00 34.05 ? 135 MSE A CE  1 
ATOM   1050 N  N   . THR A 1 137 ? -2.492  4.830   -12.472 1.00 33.67 ? 136 THR A N   1 
ATOM   1051 C  CA  . THR A 1 137 ? -3.613  5.278   -13.292 1.00 33.46 ? 136 THR A CA  1 
ATOM   1052 C  C   . THR A 1 137 ? -3.185  5.716   -14.686 1.00 33.57 ? 136 THR A C   1 
ATOM   1053 O  O   . THR A 1 137 ? -3.886  5.400   -15.649 1.00 33.18 ? 136 THR A O   1 
ATOM   1054 C  CB  . THR A 1 137 ? -4.541  6.344   -12.589 1.00 34.12 ? 136 THR A CB  1 
ATOM   1055 O  OG1 . THR A 1 137 ? -3.863  7.593   -12.368 1.00 33.45 ? 136 THR A OG1 1 
ATOM   1056 C  CG2 . THR A 1 137 ? -5.128  5.793   -11.276 1.00 34.20 ? 136 THR A CG2 1 
ATOM   1057 N  N   . VAL A 1 138 ? -2.058  6.427   -14.805 1.00 33.16 ? 137 VAL A N   1 
ATOM   1058 C  CA  . VAL A 1 138 ? -1.534  6.788   -16.112 1.00 31.90 ? 137 VAL A CA  1 
ATOM   1059 C  C   . VAL A 1 138 ? -1.151  5.522   -16.889 1.00 32.75 ? 137 VAL A C   1 
ATOM   1060 O  O   . VAL A 1 138 ? -1.584  5.324   -18.038 1.00 32.42 ? 137 VAL A O   1 
ATOM   1061 C  CB  . VAL A 1 138 ? -0.383  7.804   -16.013 1.00 32.54 ? 137 VAL A CB  1 
ATOM   1062 C  CG1 . VAL A 1 138 ? 0.172   8.168   -17.407 1.00 30.39 ? 137 VAL A CG1 1 
ATOM   1063 C  CG2 . VAL A 1 138 ? -0.858  9.044   -15.307 1.00 30.37 ? 137 VAL A CG2 1 
ATOM   1064 N  N   . LEU A 1 139 ? -0.416  4.630   -16.243 1.00 32.99 ? 138 LEU A N   1 
ATOM   1065 C  CA  . LEU A 1 139 ? 0.050   3.407   -16.905 1.00 33.03 ? 138 LEU A CA  1 
ATOM   1066 C  C   . LEU A 1 139 ? -1.100  2.475   -17.301 1.00 33.16 ? 138 LEU A C   1 
ATOM   1067 O  O   . LEU A 1 139 ? -1.077  1.881   -18.386 1.00 33.13 ? 138 LEU A O   1 
ATOM   1068 C  CB  . LEU A 1 139 ? 1.063   2.660   -16.017 1.00 33.09 ? 138 LEU A CB  1 
ATOM   1069 C  CG  . LEU A 1 139 ? 2.350   3.426   -15.743 1.00 31.63 ? 138 LEU A CG  1 
ATOM   1070 C  CD1 . LEU A 1 139 ? 3.201   2.753   -14.641 1.00 31.53 ? 138 LEU A CD1 1 
ATOM   1071 C  CD2 . LEU A 1 139 ? 3.138   3.577   -17.017 1.00 28.96 ? 138 LEU A CD2 1 
HETATM 1072 N  N   . MSE A 1 140 ? -2.095  2.348   -16.432 1.00 33.22 ? 139 MSE A N   1 
HETATM 1073 C  CA  . MSE A 1 140 ? -3.299  1.549   -16.752 1.00 32.98 ? 139 MSE A CA  1 
HETATM 1074 C  C   . MSE A 1 140 ? -4.009  2.062   -18.015 1.00 33.25 ? 139 MSE A C   1 
HETATM 1075 O  O   . MSE A 1 140 ? -4.359  1.290   -18.890 1.00 32.78 ? 139 MSE A O   1 
HETATM 1076 C  CB  . MSE A 1 140 ? -4.267  1.528   -15.572 1.00 33.36 ? 139 MSE A CB  1 
HETATM 1077 C  CG  . MSE A 1 140 ? -3.809  0.708   -14.344 1.00 32.73 ? 139 MSE A CG  1 
HETATM 1078 SE SE  . MSE A 1 140 ? -4.846  1.156   -12.766 0.75 30.52 ? 139 MSE A SE  1 
HETATM 1079 C  CE  . MSE A 1 140 ? -3.978  2.729   -12.305 1.00 37.70 ? 139 MSE A CE  1 
ATOM   1080 N  N   . ARG A 1 141 ? -4.178  3.375   -18.104 1.00 33.99 ? 140 ARG A N   1 
ATOM   1081 C  CA  . ARG A 1 141 ? -4.741  4.042   -19.286 1.00 34.31 ? 140 ARG A CA  1 
ATOM   1082 C  C   . ARG A 1 141 ? -3.933  3.696   -20.532 1.00 34.39 ? 140 ARG A C   1 
ATOM   1083 O  O   . ARG A 1 141 ? -4.472  3.374   -21.598 1.00 34.22 ? 140 ARG A O   1 
ATOM   1084 C  CB  . ARG A 1 141 ? -4.663  5.572   -19.098 1.00 35.08 ? 140 ARG A CB  1 
ATOM   1085 C  CG  . ARG A 1 141 ? -5.968  6.311   -19.177 1.00 36.93 ? 140 ARG A CG  1 
ATOM   1086 C  CD  . ARG A 1 141 ? -6.554  6.567   -17.781 1.00 39.40 ? 140 ARG A CD  1 
ATOM   1087 N  N   . GLN A 1 142 ? -2.618  3.792   -20.390 1.00 34.09 ? 141 GLN A N   1 
ATOM   1088 C  CA  . GLN A 1 142 ? -1.690  3.529   -21.482 1.00 33.28 ? 141 GLN A CA  1 
ATOM   1089 C  C   . GLN A 1 142 ? -1.697  2.058   -21.879 1.00 33.33 ? 141 GLN A C   1 
ATOM   1090 O  O   . GLN A 1 142 ? -1.459  1.734   -23.043 1.00 33.32 ? 141 GLN A O   1 
ATOM   1091 C  CB  . GLN A 1 142 ? -0.303  4.014   -21.092 1.00 32.82 ? 141 GLN A CB  1 
ATOM   1092 C  CG  . GLN A 1 142 ? -0.232  5.523   -21.220 1.00 31.72 ? 141 GLN A CG  1 
ATOM   1093 C  CD  . GLN A 1 142 ? 0.962   6.144   -20.569 1.00 29.68 ? 141 GLN A CD  1 
ATOM   1094 O  OE1 . GLN A 1 142 ? 1.705   5.473   -19.860 1.00 30.80 ? 141 GLN A OE1 1 
ATOM   1095 N  NE2 . GLN A 1 142 ? 1.154   7.448   -20.795 1.00 24.28 ? 141 GLN A NE2 1 
ATOM   1096 N  N   . ALA A 1 143 ? -2.027  1.180   -20.942 1.00 32.84 ? 142 ALA A N   1 
ATOM   1097 C  CA  . ALA A 1 143 ? -2.197  -0.232  -21.260 1.00 33.41 ? 142 ALA A CA  1 
ATOM   1098 C  C   . ALA A 1 143 ? -3.549  -0.581  -21.876 1.00 34.75 ? 142 ALA A C   1 
ATOM   1099 O  O   . ALA A 1 143 ? -3.790  -1.746  -22.159 1.00 35.04 ? 142 ALA A O   1 
ATOM   1100 C  CB  . ALA A 1 143 ? -1.987  -1.063  -20.032 1.00 33.31 ? 142 ALA A CB  1 
ATOM   1101 N  N   . GLY A 1 144 ? -4.425  0.405   -22.060 1.00 35.67 ? 143 GLY A N   1 
ATOM   1102 C  CA  . GLY A 1 144 ? -5.762  0.168   -22.616 1.00 36.87 ? 143 GLY A CA  1 
ATOM   1103 C  C   . GLY A 1 144 ? -6.780  -0.388  -21.631 1.00 37.96 ? 143 GLY A C   1 
ATOM   1104 O  O   . GLY A 1 144 ? -7.775  -1.018  -22.045 1.00 37.88 ? 143 GLY A O   1 
ATOM   1105 N  N   . LEU A 1 145 ? -6.550  -0.169  -20.334 1.00 38.67 ? 144 LEU A N   1 
ATOM   1106 C  CA  . LEU A 1 145 ? -7.485  -0.615  -19.303 1.00 39.74 ? 144 LEU A CA  1 
ATOM   1107 C  C   . LEU A 1 145 ? -8.427  0.525   -18.932 1.00 41.04 ? 144 LEU A C   1 
ATOM   1108 O  O   . LEU A 1 145 ? -8.115  1.702   -19.128 1.00 41.16 ? 144 LEU A O   1 
ATOM   1109 C  CB  . LEU A 1 145 ? -6.735  -1.105  -18.048 1.00 39.79 ? 144 LEU A CB  1 
ATOM   1110 C  CG  . LEU A 1 145 ? -5.728  -2.248  -18.233 1.00 39.05 ? 144 LEU A CG  1 
ATOM   1111 C  CD1 . LEU A 1 145 ? -4.966  -2.523  -16.930 1.00 37.45 ? 144 LEU A CD1 1 
ATOM   1112 C  CD2 . LEU A 1 145 ? -6.412  -3.509  -18.748 1.00 37.24 ? 144 LEU A CD2 1 
ATOM   1113 N  N   . THR A 1 146 ? -9.591  0.172   -18.400 1.00 42.81 ? 145 THR A N   1 
ATOM   1114 C  CA  . THR A 1 146 ? -10.555 1.166   -17.940 1.00 43.91 ? 145 THR A CA  1 
ATOM   1115 C  C   . THR A 1 146 ? -10.266 1.414   -16.468 1.00 44.95 ? 145 THR A C   1 
ATOM   1116 O  O   . THR A 1 146 ? -10.351 0.486   -15.668 1.00 45.22 ? 145 THR A O   1 
ATOM   1117 C  CB  . THR A 1 146 ? -12.027 0.687   -18.164 1.00 43.99 ? 145 THR A CB  1 
ATOM   1118 N  N   . VAL A 1 147 ? -9.888  2.643   -16.115 1.00 46.59 ? 146 VAL A N   1 
ATOM   1119 C  CA  . VAL A 1 147 ? -9.506  2.971   -14.733 1.00 47.92 ? 146 VAL A CA  1 
ATOM   1120 C  C   . VAL A 1 147 ? -10.738 3.370   -13.921 1.00 49.33 ? 146 VAL A C   1 
ATOM   1121 O  O   . VAL A 1 147 ? -11.414 4.338   -14.284 1.00 49.23 ? 146 VAL A O   1 
ATOM   1122 C  CB  . VAL A 1 147 ? -8.481  4.146   -14.645 1.00 47.94 ? 146 VAL A CB  1 
ATOM   1123 C  CG1 . VAL A 1 147 ? -8.137  4.450   -13.201 1.00 47.64 ? 146 VAL A CG1 1 
ATOM   1124 C  CG2 . VAL A 1 147 ? -7.226  3.836   -15.411 1.00 47.28 ? 146 VAL A CG2 1 
ATOM   1125 N  N   . PRO A 1 148 ? -11.050 2.619   -12.840 1.00 50.94 ? 147 PRO A N   1 
ATOM   1126 C  CA  . PRO A 1 148 ? -12.064 3.140   -11.908 1.00 52.30 ? 147 PRO A CA  1 
ATOM   1127 C  C   . PRO A 1 148 ? -11.576 4.425   -11.199 1.00 53.55 ? 147 PRO A C   1 
ATOM   1128 O  O   . PRO A 1 148 ? -10.380 4.564   -10.918 1.00 54.31 ? 147 PRO A O   1 
ATOM   1129 C  CB  . PRO A 1 148 ? -12.284 1.979   -10.927 1.00 52.10 ? 147 PRO A CB  1 
ATOM   1130 C  CG  . PRO A 1 148 ? -11.083 1.104   -11.069 1.00 51.92 ? 147 PRO A CG  1 
ATOM   1131 C  CD  . PRO A 1 148 ? -10.554 1.285   -12.445 1.00 50.72 ? 147 PRO A CD  1 
ATOM   1132 N  N   . GLY A 1 149 ? -12.489 5.359   -10.945 1.00 54.81 ? 148 GLY A N   1 
ATOM   1133 C  CA  . GLY A 1 149 ? -12.131 6.677   -10.400 1.00 55.64 ? 148 GLY A CA  1 
ATOM   1134 C  C   . GLY A 1 149 ? -11.626 6.674   -8.961  1.00 56.25 ? 148 GLY A C   1 
ATOM   1135 O  O   . GLY A 1 149 ? -11.784 5.686   -8.239  1.00 56.77 ? 148 GLY A O   1 
ATOM   1136 N  N   . VAL A 1 150 ? -10.991 7.785   -8.569  1.00 56.83 ? 149 VAL A N   1 
ATOM   1137 C  CA  . VAL A 1 150 ? -10.592 8.062   -7.178  1.00 57.00 ? 149 VAL A CA  1 
ATOM   1138 C  C   . VAL A 1 150 ? -10.650 9.583   -6.914  1.00 57.36 ? 149 VAL A C   1 
ATOM   1139 O  O   . VAL A 1 150 ? -10.277 10.390  -7.778  1.00 57.45 ? 149 VAL A O   1 
ATOM   1140 C  CB  . VAL A 1 150 ? -9.168  7.502   -6.844  1.00 56.97 ? 149 VAL A CB  1 
ATOM   1141 C  CG1 . VAL A 1 150 ? -8.095  8.306   -7.541  1.00 56.88 ? 149 VAL A CG1 1 
ATOM   1142 C  CG2 . VAL A 1 150 ? -8.916  7.479   -5.321  1.00 56.07 ? 149 VAL A CG2 1 
ATOM   1143 N  N   . TYR A 1 151 ? -11.118 9.959   -5.720  1.00 57.52 ? 150 TYR A N   1 
ATOM   1144 C  CA  . TYR A 1 151 ? -11.286 11.370  -5.324  1.00 57.45 ? 150 TYR A CA  1 
ATOM   1145 C  C   . TYR A 1 151 ? -12.157 12.137  -6.309  1.00 57.47 ? 150 TYR A C   1 
ATOM   1146 O  O   . TYR A 1 151 ? -13.215 11.652  -6.702  1.00 57.84 ? 150 TYR A O   1 
ATOM   1147 C  CB  . TYR A 1 151 ? -9.925  12.068  -5.141  1.00 57.31 ? 150 TYR A CB  1 
ATOM   1148 C  CG  . TYR A 1 151 ? -8.991  11.327  -4.203  1.00 57.19 ? 150 TYR A CG  1 
ATOM   1149 C  CD1 . TYR A 1 151 ? -9.458  10.822  -2.979  1.00 57.44 ? 150 TYR A CD1 1 
ATOM   1150 C  CD2 . TYR A 1 151 ? -7.651  11.117  -4.529  1.00 57.06 ? 150 TYR A CD2 1 
ATOM   1151 C  CE1 . TYR A 1 151 ? -8.621  10.131  -2.111  1.00 56.37 ? 150 TYR A CE1 1 
ATOM   1152 C  CE2 . TYR A 1 151 ? -6.799  10.415  -3.655  1.00 56.34 ? 150 TYR A CE2 1 
ATOM   1153 C  CZ  . TYR A 1 151 ? -7.303  9.931   -2.454  1.00 56.39 ? 150 TYR A CZ  1 
ATOM   1154 O  OH  . TYR A 1 151 ? -6.505  9.255   -1.574  1.00 56.70 ? 150 TYR A OH  1 
HETATM 1155 NI NI  . NI  B 2 .   ? 7.926   4.438   -3.182  1.00 54.28 ? 168 NI  A NI  1 
HETATM 1156 O  O   . HOH C 3 .   ? -2.314  11.443  0.400   0.50 27.04 ? 169 HOH A O   1 
HETATM 1157 O  O   . HOH C 3 .   ? 2.371   2.836   1.024   1.00 31.09 ? 170 HOH A O   1 
HETATM 1158 O  O   . HOH C 3 .   ? 9.574   3.931   -1.568  1.00 32.15 ? 171 HOH A O   1 
HETATM 1159 O  O   . HOH C 3 .   ? 10.185  -2.813  -13.563 1.00 34.91 ? 172 HOH A O   1 
HETATM 1160 O  O   . HOH C 3 .   ? 3.333   3.328   -20.992 1.00 35.02 ? 173 HOH A O   1 
HETATM 1161 O  O   . HOH C 3 .   ? 0.684   0.497   -0.054  1.00 35.08 ? 174 HOH A O   1 
HETATM 1162 O  O   . HOH C 3 .   ? 9.689   4.438   -4.816  1.00 35.16 ? 175 HOH A O   1 
HETATM 1163 O  O   . HOH C 3 .   ? 2.591   1.996   21.548  1.00 35.52 ? 176 HOH A O   1 
HETATM 1164 O  O   . HOH C 3 .   ? 3.184   -7.383  1.372   1.00 35.77 ? 177 HOH A O   1 
HETATM 1165 O  O   . HOH C 3 .   ? 8.309   7.610   -7.511  1.00 35.83 ? 178 HOH A O   1 
HETATM 1166 O  O   . HOH C 3 .   ? -2.993  -10.668 -20.170 1.00 37.13 ? 179 HOH A O   1 
HETATM 1167 O  O   . HOH C 3 .   ? 4.292   0.956   19.096  1.00 37.21 ? 180 HOH A O   1 
HETATM 1168 O  O   . HOH C 3 .   ? 5.382   -0.111  -22.401 1.00 37.89 ? 181 HOH A O   1 
HETATM 1169 O  O   . HOH C 3 .   ? 3.204   -14.678 -10.274 1.00 39.22 ? 182 HOH A O   1 
HETATM 1170 O  O   . HOH C 3 .   ? 9.309   1.815   9.253   1.00 39.83 ? 183 HOH A O   1 
HETATM 1171 O  O   . HOH C 3 .   ? 9.388   -10.215 -4.017  1.00 40.99 ? 184 HOH A O   1 
HETATM 1172 O  O   . HOH C 3 .   ? 8.341   6.626   -2.718  1.00 41.04 ? 185 HOH A O   1 
HETATM 1173 O  O   . HOH C 3 .   ? -3.495  5.398   0.068   1.00 41.19 ? 186 HOH A O   1 
HETATM 1174 O  O   . HOH C 3 .   ? -6.274  4.449   24.411  1.00 41.31 ? 187 HOH A O   1 
HETATM 1175 O  O   . HOH C 3 .   ? -4.100  7.977   -6.269  1.00 42.82 ? 188 HOH A O   1 
HETATM 1176 O  O   . HOH C 3 .   ? -8.437  -5.162  0.111   1.00 44.61 ? 189 HOH A O   1 
HETATM 1177 O  O   . HOH C 3 .   ? -4.716  -11.372 -17.388 1.00 44.67 ? 190 HOH A O   1 
HETATM 1178 O  O   . HOH C 3 .   ? 0.516   -3.276  -21.618 1.00 45.75 ? 191 HOH A O   1 
HETATM 1179 O  O   . HOH C 3 .   ? 6.241   -8.999  7.091   1.00 45.95 ? 192 HOH A O   1 
HETATM 1180 O  O   . HOH C 3 .   ? -4.115  -5.960  -21.219 1.00 46.04 ? 193 HOH A O   1 
HETATM 1181 O  O   . HOH C 3 .   ? 11.985  0.138   -4.693  1.00 46.43 ? 194 HOH A O   1 
HETATM 1182 O  O   . HOH C 3 .   ? -4.317  -12.223 5.563   1.00 46.49 ? 195 HOH A O   1 
HETATM 1183 O  O   . HOH C 3 .   ? 7.745   -12.158 -6.715  1.00 46.79 ? 196 HOH A O   1 
HETATM 1184 O  O   . HOH C 3 .   ? 15.288  -10.938 -12.126 1.00 47.51 ? 197 HOH A O   1 
HETATM 1185 O  O   . HOH C 3 .   ? -3.946  -13.065 -13.522 1.00 47.99 ? 198 HOH A O   1 
HETATM 1186 O  O   . HOH C 3 .   ? 0.083   10.999  17.545  1.00 48.21 ? 199 HOH A O   1 
HETATM 1187 O  O   . HOH C 3 .   ? 4.042   10.997  20.724  1.00 48.25 ? 200 HOH A O   1 
HETATM 1188 O  O   . HOH C 3 .   ? 15.996  -11.553 -9.598  1.00 48.33 ? 201 HOH A O   1 
HETATM 1189 O  O   . HOH C 3 .   ? -8.842  10.286  13.908  1.00 48.36 ? 202 HOH A O   1 
HETATM 1190 O  O   . HOH C 3 .   ? -5.531  -15.448 -13.411 1.00 48.56 ? 203 HOH A O   1 
HETATM 1191 O  O   . HOH C 3 .   ? -9.632  5.677   -17.956 1.00 49.28 ? 204 HOH A O   1 
HETATM 1192 O  O   . HOH C 3 .   ? 1.657   12.432  19.416  1.00 50.13 ? 205 HOH A O   1 
HETATM 1193 O  O   . HOH C 3 .   ? -2.177  -4.095  -22.012 1.00 50.24 ? 206 HOH A O   1 
HETATM 1194 O  O   . HOH C 3 .   ? 8.236   -10.169 -13.462 1.00 50.33 ? 207 HOH A O   1 
HETATM 1195 O  O   . HOH C 3 .   ? 16.019  -3.202  -7.537  1.00 50.84 ? 208 HOH A O   1 
HETATM 1196 O  O   . HOH C 3 .   ? 0.260   1.226   24.679  1.00 52.00 ? 209 HOH A O   1 
HETATM 1197 O  O   . HOH C 3 .   ? -10.825 3.918   17.975  1.00 52.10 ? 210 HOH A O   1 
HETATM 1198 O  O   . HOH C 3 .   ? 10.840  4.954   20.717  1.00 52.38 ? 211 HOH A O   1 
HETATM 1199 O  O   . HOH C 3 .   ? -4.175  9.194   20.044  1.00 52.45 ? 212 HOH A O   1 
HETATM 1200 O  O   . HOH C 3 .   ? 11.808  2.308   10.028  1.00 52.52 ? 213 HOH A O   1 
HETATM 1201 O  O   . HOH C 3 .   ? 10.907  -8.957  -11.613 1.00 53.65 ? 214 HOH A O   1 
HETATM 1202 O  O   . HOH C 3 .   ? -12.477 -3.110  -3.078  1.00 54.77 ? 215 HOH A O   1 
HETATM 1203 O  O   . HOH C 3 .   ? -13.795 1.553   8.542   1.00 56.50 ? 216 HOH A O   1 
HETATM 1204 O  O   . HOH C 3 .   ? 5.249   -12.856 5.760   1.00 57.52 ? 217 HOH A O   1 
HETATM 1205 O  O   . HOH C 3 .   ? -0.112  -13.198 -3.688  1.00 58.26 ? 218 HOH A O   1 
HETATM 1206 O  O   . HOH C 3 .   ? -3.762  -15.847 -5.456  1.00 58.58 ? 219 HOH A O   1 
HETATM 1207 O  O   . HOH C 3 .   ? 4.188   -2.939  -22.858 1.00 59.61 ? 220 HOH A O   1 
HETATM 1208 O  O   . HOH C 3 .   ? -0.948  -15.941 -15.093 1.00 61.21 ? 221 HOH A O   1 
HETATM 1209 O  O   . HOH C 3 .   ? 1.770   -6.686  16.730  1.00 61.62 ? 222 HOH A O   1 
HETATM 1210 O  O   . HOH C 3 .   ? 14.142  -1.416  -4.207  1.00 63.75 ? 223 HOH A O   1 
# 
